data_5LSP
#
_entry.id   5LSP
#
_cell.length_a   71.880
_cell.length_b   82.279
_cell.length_c   267.304
_cell.angle_alpha   90.00
_cell.angle_beta   90.00
_cell.angle_gamma   90.00
#
_symmetry.space_group_name_H-M   'P 2 21 21'
#
loop_
_entity.id
_entity.type
_entity.pdbx_description
1 polymer 'Hepatocyte growth factor receptor'
2 polymer '107_A07 Fab heavy chain'
3 polymer '107_A07 Fab light chain'
4 polymer 'Hepatocyte growth factor receptor'
5 non-polymer 2-acetamido-2-deoxy-beta-D-glucopyranose
6 water water
#
loop_
_entity_poly.entity_id
_entity_poly.type
_entity_poly.pdbx_seq_one_letter_code
_entity_poly.pdbx_strand_id
1 'polypeptide(L)'
;GCRHFQSCSQCLSAPPFVQCGWCHDKCVRSEECLSGTWTQQICLPAIYKVFPNSAPLEGGTRLTICGWDFGFRRNNKFDL
KKTRVLLGNESCTLTLSESTMNTLKCTVGPAMNKHFNMSIIISNGHGTTQYSTFSYVDPVITSISPKYGPMAGGTLLTLT
GNYLNSGNSRHISIGGKTCTLKSVSNSILECYTPAQTISTEFAVKLKIDLANRETSIFSYREDPIHHHHHH
;
A,P
2 'polypeptide(L)'
;QMQLVQSGAEVKKPGAPVKVSCKVSGYTFTDYYMHWVQQAPGKGLEWMGLVDPEDGETIYAEKFQGRVTITADTSTDTAY
MELSSLRSEDTAVYYCATDATTPYWGMMWWGQGTLVTVSSASTKGPSVFPLAPSSKSTSGGTAALGCLVKDYFPEPVTVS
WNSGALTSGVHTFPAVLQSSGLYSLSSVVTVPSSSLGTQTYICNVNHKPSNTKVDKKVEPKSC
;
H,S
3 'polypeptide(L)'
;ASDIQMIQSPSSLSASVGDRVTITCQASQDISNYLNWYQQKPGRAPKVLIYDASNLETGVPSRFSGSGSGTEFTLTISNL
RPDDFATYYCQQGDSFPLTFGGGTKVEIKRAAAAPSVFIFPPSDEQLKSGTASVVCLLNNFYPREAKVQWKVDNALQSGN
SQESVTEQDSKDSTYSLSSTLTLSKADYEKHKLYACEVTHQGLSSPVTKSFNRGEC
;
L,T
4 'polypeptide(L)' ETRECKEALAKSEM X,Y
#
# COMPACT_ATOMS: atom_id res chain seq x y z
N GLY A 1 20.91 16.66 -30.77
CA GLY A 1 20.33 16.72 -29.44
C GLY A 1 19.06 15.88 -29.30
N CYS A 2 17.92 16.50 -29.61
CA CYS A 2 16.65 15.79 -29.55
C CYS A 2 16.44 14.83 -30.70
N ARG A 3 17.20 15.00 -31.77
CA ARG A 3 17.07 14.11 -32.91
C ARG A 3 18.02 12.91 -32.76
N HIS A 4 18.60 12.77 -31.58
CA HIS A 4 19.39 11.59 -31.26
C HIS A 4 18.44 10.41 -31.28
N PHE A 5 17.25 10.65 -30.72
CA PHE A 5 16.21 9.64 -30.62
C PHE A 5 15.54 9.43 -31.97
N GLN A 6 15.26 8.18 -32.29
CA GLN A 6 14.84 7.79 -33.63
C GLN A 6 13.39 7.34 -33.71
N SER A 7 12.89 6.71 -32.66
CA SER A 7 11.49 6.28 -32.63
C SER A 7 10.65 7.21 -31.77
N CYS A 8 9.35 7.23 -32.02
CA CYS A 8 8.41 8.05 -31.26
C CYS A 8 8.39 7.63 -29.80
N SER A 9 8.53 6.34 -29.55
CA SER A 9 8.50 5.80 -28.19
C SER A 9 9.75 6.23 -27.43
N GLN A 10 10.90 6.14 -28.07
CA GLN A 10 12.16 6.59 -27.46
C GLN A 10 12.16 8.09 -27.24
N CYS A 11 11.50 8.82 -28.13
CA CYS A 11 11.46 10.26 -28.07
C CYS A 11 10.75 10.76 -26.82
N LEU A 12 9.63 10.13 -26.51
CA LEU A 12 8.84 10.53 -25.35
C LEU A 12 9.41 9.92 -24.08
N SER A 13 10.40 9.05 -24.25
CA SER A 13 11.09 8.44 -23.12
C SER A 13 12.25 9.29 -22.63
N ALA A 14 12.59 10.33 -23.40
CA ALA A 14 13.67 11.23 -23.04
C ALA A 14 13.33 11.98 -21.76
N PRO A 15 14.35 12.29 -20.93
CA PRO A 15 14.12 12.98 -19.65
C PRO A 15 13.48 14.36 -19.84
N PRO A 16 12.60 14.76 -18.92
CA PRO A 16 11.76 15.96 -19.03
C PRO A 16 12.51 17.26 -19.28
N PHE A 17 13.69 17.41 -18.71
CA PHE A 17 14.42 18.67 -18.85
C PHE A 17 14.87 18.90 -20.30
N VAL A 18 15.03 17.82 -21.06
CA VAL A 18 15.40 17.93 -22.47
C VAL A 18 14.27 18.48 -23.32
N GLN A 19 13.04 18.27 -22.88
CA GLN A 19 11.86 18.81 -23.55
C GLN A 19 11.73 18.39 -25.02
N CYS A 20 11.72 17.07 -25.26
CA CYS A 20 11.64 16.53 -26.61
C CYS A 20 10.21 16.11 -26.94
N GLY A 21 9.85 16.19 -28.21
CA GLY A 21 8.55 15.72 -28.68
C GLY A 21 8.64 15.08 -30.05
N TRP A 22 7.55 14.46 -30.49
CA TRP A 22 7.58 13.75 -31.76
C TRP A 22 6.79 14.51 -32.83
N CYS A 23 7.45 14.78 -33.94
CA CYS A 23 6.88 15.59 -34.99
C CYS A 23 6.72 14.77 -36.27
N HIS A 24 5.73 13.87 -36.24
CA HIS A 24 5.41 12.96 -37.34
C HIS A 24 6.50 11.94 -37.66
N ASP A 25 7.65 12.42 -38.15
CA ASP A 25 8.69 11.51 -38.61
C ASP A 25 10.03 11.83 -37.96
N LYS A 26 9.98 12.75 -37.01
CA LYS A 26 11.17 13.25 -36.34
C LYS A 26 10.99 13.61 -34.86
N CYS A 27 11.98 13.30 -34.03
CA CYS A 27 12.00 13.77 -32.63
C CYS A 27 12.68 15.14 -32.50
N VAL A 28 11.92 16.16 -32.10
CA VAL A 28 12.37 17.56 -32.14
C VAL A 28 11.59 18.37 -31.10
N ARG A 29 12.15 19.50 -30.66
CA ARG A 29 11.46 20.43 -29.77
C ARG A 29 10.35 21.14 -30.54
N SER A 30 9.36 21.65 -29.80
CA SER A 30 8.14 22.17 -30.40
C SER A 30 8.32 23.39 -31.30
N GLU A 31 9.32 24.20 -31.01
CA GLU A 31 9.62 25.40 -31.80
C GLU A 31 10.07 25.10 -33.22
N GLU A 32 10.39 23.83 -33.51
CA GLU A 32 10.87 23.47 -34.84
C GLU A 32 9.90 22.49 -35.51
N CYS A 33 8.67 22.42 -35.01
CA CYS A 33 7.69 21.55 -35.63
C CYS A 33 6.92 22.34 -36.69
N LEU A 34 6.96 21.84 -37.92
CA LEU A 34 6.35 22.57 -39.03
C LEU A 34 5.02 21.98 -39.50
N SER A 35 4.63 20.86 -38.90
CA SER A 35 3.27 20.37 -39.01
C SER A 35 2.58 20.60 -37.67
N GLY A 36 1.25 20.61 -37.66
CA GLY A 36 0.54 20.81 -36.40
C GLY A 36 0.38 19.51 -35.64
N THR A 37 1.45 18.72 -35.58
CA THR A 37 1.39 17.38 -35.02
C THR A 37 2.32 17.10 -33.83
N TRP A 38 2.98 18.13 -33.30
CA TRP A 38 3.95 17.91 -32.22
C TRP A 38 3.27 17.38 -30.97
N THR A 39 3.87 16.34 -30.38
CA THR A 39 3.29 15.70 -29.21
C THR A 39 4.32 15.07 -28.27
N GLN A 40 3.93 14.90 -27.02
CA GLN A 40 4.75 14.23 -26.02
C GLN A 40 3.99 13.05 -25.41
N GLN A 41 2.87 12.69 -26.03
CA GLN A 41 2.00 11.65 -25.51
C GLN A 41 1.58 10.62 -26.56
N ILE A 42 1.36 11.07 -27.80
CA ILE A 42 0.77 10.22 -28.83
C ILE A 42 1.80 9.42 -29.65
N CYS A 43 1.59 8.12 -29.72
CA CYS A 43 2.45 7.25 -30.51
C CYS A 43 1.61 6.20 -31.25
N LEU A 44 1.47 6.38 -32.56
CA LEU A 44 0.72 5.45 -33.39
C LEU A 44 1.54 4.22 -33.76
N PRO A 45 0.90 3.04 -33.72
CA PRO A 45 1.53 1.74 -34.00
C PRO A 45 1.81 1.49 -35.48
N ALA A 46 2.73 0.56 -35.74
CA ALA A 46 3.10 0.19 -37.11
C ALA A 46 3.74 -1.20 -37.14
N ILE A 47 3.20 -2.08 -37.97
CA ILE A 47 3.75 -3.42 -38.17
C ILE A 47 4.51 -3.50 -39.50
N TYR A 48 5.62 -4.24 -39.52
CA TYR A 48 6.30 -4.51 -40.79
C TYR A 48 6.65 -5.98 -41.02
N LYS A 49 6.62 -6.80 -39.97
CA LYS A 49 6.80 -8.25 -40.16
C LYS A 49 6.12 -9.08 -39.08
N VAL A 50 5.60 -10.23 -39.50
CA VAL A 50 4.95 -11.18 -38.61
C VAL A 50 5.43 -12.60 -38.96
N PHE A 51 6.01 -13.29 -37.98
CA PHE A 51 6.50 -14.64 -38.19
C PHE A 51 6.12 -15.51 -37.00
N PRO A 52 5.72 -16.77 -37.25
CA PRO A 52 5.45 -17.42 -38.54
C PRO A 52 4.21 -16.89 -39.25
N ASN A 53 4.16 -17.07 -40.56
CA ASN A 53 3.04 -16.58 -41.37
C ASN A 53 1.74 -17.37 -41.21
N SER A 54 1.81 -18.55 -40.61
CA SER A 54 0.61 -19.38 -40.52
C SER A 54 0.60 -20.32 -39.31
N ALA A 55 -0.60 -20.74 -38.92
CA ALA A 55 -0.78 -21.61 -37.79
C ALA A 55 -1.79 -22.73 -38.10
N PRO A 56 -1.61 -23.90 -37.49
CA PRO A 56 -2.59 -24.97 -37.62
C PRO A 56 -3.89 -24.58 -36.92
N LEU A 57 -5.02 -25.14 -37.34
CA LEU A 57 -6.32 -24.72 -36.83
C LEU A 57 -6.42 -24.83 -35.31
N GLU A 58 -5.74 -25.81 -34.73
CA GLU A 58 -5.78 -25.98 -33.27
C GLU A 58 -5.08 -24.83 -32.56
N GLY A 59 -4.27 -24.06 -33.29
CA GLY A 59 -3.57 -22.93 -32.72
C GLY A 59 -2.46 -23.32 -31.75
N GLY A 60 -2.14 -22.40 -30.84
CA GLY A 60 -1.08 -22.61 -29.87
C GLY A 60 0.22 -22.01 -30.35
N THR A 61 0.18 -21.49 -31.58
CA THR A 61 1.37 -20.92 -32.21
C THR A 61 1.70 -19.58 -31.58
N ARG A 62 2.95 -19.37 -31.24
CA ARG A 62 3.31 -18.06 -30.71
C ARG A 62 3.89 -17.21 -31.82
N LEU A 63 3.17 -16.13 -32.06
CA LEU A 63 3.52 -15.17 -33.08
C LEU A 63 4.62 -14.22 -32.63
N THR A 64 5.32 -13.64 -33.61
CA THR A 64 6.26 -12.57 -33.31
C THR A 64 6.03 -11.40 -34.24
N ILE A 65 5.38 -10.36 -33.70
CA ILE A 65 5.01 -9.18 -34.47
C ILE A 65 6.03 -8.06 -34.25
N CYS A 66 6.92 -7.91 -35.22
CA CYS A 66 7.94 -6.87 -35.20
C CYS A 66 7.38 -5.57 -35.79
N GLY A 67 7.81 -4.43 -35.26
CA GLY A 67 7.29 -3.14 -35.69
C GLY A 67 7.75 -1.98 -34.83
N TRP A 68 6.90 -0.97 -34.69
CA TRP A 68 7.23 0.19 -33.88
C TRP A 68 6.05 0.69 -33.04
N ASP A 69 6.37 1.22 -31.87
CA ASP A 69 5.42 1.98 -31.05
C ASP A 69 4.17 1.19 -30.70
N PHE A 70 4.35 -0.02 -30.21
CA PHE A 70 3.23 -0.89 -29.84
C PHE A 70 2.66 -0.55 -28.46
N GLY A 71 3.37 0.30 -27.72
CA GLY A 71 2.97 0.64 -26.37
C GLY A 71 2.08 1.87 -26.22
N PHE A 72 1.84 2.22 -24.96
CA PHE A 72 0.93 3.31 -24.61
C PHE A 72 1.50 4.06 -23.43
N ARG A 73 1.72 5.36 -23.60
CA ARG A 73 2.30 6.13 -22.51
C ARG A 73 1.21 6.56 -21.52
N ARG A 74 1.06 5.76 -20.47
CA ARG A 74 0.14 6.05 -19.38
C ARG A 74 0.91 6.66 -18.22
N ASN A 75 0.45 7.79 -17.72
CA ASN A 75 1.10 8.48 -16.60
C ASN A 75 2.58 8.76 -16.87
N ASN A 76 2.87 9.15 -18.10
CA ASN A 76 4.24 9.43 -18.56
C ASN A 76 5.21 8.27 -18.36
N LYS A 77 4.71 7.06 -18.60
CA LYS A 77 5.53 5.85 -18.54
C LYS A 77 4.96 4.79 -19.48
N PHE A 78 5.78 4.32 -20.43
CA PHE A 78 5.32 3.30 -21.37
C PHE A 78 5.22 1.91 -20.75
N ASP A 79 4.21 1.17 -21.17
CA ASP A 79 4.11 -0.27 -20.91
C ASP A 79 3.19 -0.87 -21.96
N LEU A 80 3.05 -2.18 -21.98
CA LEU A 80 2.20 -2.85 -22.98
C LEU A 80 0.83 -3.26 -22.45
N LYS A 81 0.43 -2.68 -21.31
CA LYS A 81 -0.83 -3.03 -20.68
C LYS A 81 -2.06 -2.62 -21.49
N LYS A 82 -1.92 -1.58 -22.31
CA LYS A 82 -3.03 -1.11 -23.14
C LYS A 82 -3.00 -1.77 -24.52
N THR A 83 -1.94 -2.51 -24.80
CA THR A 83 -1.76 -3.15 -26.10
C THR A 83 -2.71 -4.33 -26.31
N ARG A 84 -3.37 -4.35 -27.46
CA ARG A 84 -4.31 -5.40 -27.80
C ARG A 84 -3.97 -5.97 -29.17
N VAL A 85 -3.89 -7.29 -29.26
CA VAL A 85 -3.61 -7.95 -30.53
C VAL A 85 -4.80 -8.80 -30.97
N LEU A 86 -5.47 -8.36 -32.03
CA LEU A 86 -6.64 -9.07 -32.56
C LEU A 86 -6.30 -9.83 -33.83
N LEU A 87 -6.40 -11.15 -33.76
CA LEU A 87 -6.32 -12.00 -34.94
C LEU A 87 -7.72 -12.18 -35.49
N GLY A 88 -8.12 -11.28 -36.37
CA GLY A 88 -9.51 -11.23 -36.80
C GLY A 88 -10.32 -10.63 -35.66
N ASN A 89 -11.26 -11.40 -35.11
CA ASN A 89 -12.12 -10.95 -34.02
C ASN A 89 -11.67 -11.57 -32.69
N GLU A 90 -10.90 -12.67 -32.75
CA GLU A 90 -10.29 -13.23 -31.56
C GLU A 90 -8.95 -12.55 -31.23
N SER A 91 -8.51 -12.69 -30.00
CA SER A 91 -7.26 -12.08 -29.58
C SER A 91 -6.14 -13.06 -29.26
N CYS A 92 -4.94 -12.72 -29.72
CA CYS A 92 -3.73 -13.44 -29.35
C CYS A 92 -3.24 -12.90 -28.00
N THR A 93 -3.09 -13.78 -27.03
CA THR A 93 -2.70 -13.34 -25.68
C THR A 93 -1.22 -12.99 -25.61
N LEU A 94 -0.92 -11.77 -25.15
CA LEU A 94 0.45 -11.27 -25.05
C LEU A 94 1.27 -11.94 -23.98
N THR A 95 2.56 -12.13 -24.28
CA THR A 95 3.54 -12.47 -23.26
C THR A 95 4.37 -11.21 -22.98
N LEU A 96 4.13 -10.56 -21.85
CA LEU A 96 4.77 -9.28 -21.58
C LEU A 96 6.27 -9.42 -21.37
N SER A 97 6.68 -10.54 -20.78
CA SER A 97 8.08 -10.79 -20.46
C SER A 97 8.95 -11.01 -21.70
N GLU A 98 8.31 -11.34 -22.81
CA GLU A 98 9.04 -11.55 -24.06
C GLU A 98 8.68 -10.48 -25.09
N SER A 99 7.92 -9.49 -24.66
CA SER A 99 7.51 -8.41 -25.56
C SER A 99 8.18 -7.09 -25.18
N THR A 100 8.31 -6.20 -26.16
CA THR A 100 8.85 -4.86 -25.94
C THR A 100 8.01 -3.86 -26.72
N MET A 101 8.44 -2.60 -26.75
CA MET A 101 7.76 -1.58 -27.52
C MET A 101 7.77 -1.83 -29.02
N ASN A 102 8.87 -2.40 -29.50
CA ASN A 102 8.99 -2.64 -30.94
C ASN A 102 8.77 -4.09 -31.38
N THR A 103 8.80 -5.04 -30.46
CA THR A 103 8.43 -6.41 -30.82
C THR A 103 7.46 -7.08 -29.84
N LEU A 104 6.42 -7.71 -30.39
CA LEU A 104 5.40 -8.42 -29.61
C LEU A 104 5.44 -9.93 -29.81
N LYS A 105 5.06 -10.66 -28.76
CA LYS A 105 4.92 -12.10 -28.82
C LYS A 105 3.60 -12.53 -28.20
N CYS A 106 2.84 -13.35 -28.92
CA CYS A 106 1.52 -13.74 -28.47
C CYS A 106 1.09 -15.09 -29.05
N THR A 107 0.36 -15.86 -28.25
CA THR A 107 -0.11 -17.18 -28.67
C THR A 107 -1.49 -17.07 -29.30
N VAL A 108 -1.61 -17.60 -30.51
CA VAL A 108 -2.89 -17.57 -31.22
C VAL A 108 -3.86 -18.64 -30.70
N GLY A 109 -5.15 -18.34 -30.78
CA GLY A 109 -6.19 -19.26 -30.39
C GLY A 109 -6.57 -20.21 -31.53
N PRO A 110 -7.55 -21.08 -31.27
CA PRO A 110 -8.04 -22.07 -32.24
C PRO A 110 -8.90 -21.45 -33.33
N ALA A 111 -8.88 -22.08 -34.50
CA ALA A 111 -9.78 -21.72 -35.58
C ALA A 111 -10.60 -22.96 -35.92
N MET A 112 -11.69 -22.78 -36.65
CA MET A 112 -12.54 -23.91 -36.99
C MET A 112 -12.40 -24.31 -38.44
N ASN A 113 -12.19 -23.32 -39.30
CA ASN A 113 -11.92 -23.51 -40.72
C ASN A 113 -10.60 -22.88 -41.12
N LYS A 114 -10.09 -23.26 -42.29
CA LYS A 114 -8.96 -22.55 -42.87
C LYS A 114 -9.34 -21.10 -43.11
N HIS A 115 -8.35 -20.23 -42.99
CA HIS A 115 -8.51 -18.82 -43.34
C HIS A 115 -7.21 -18.28 -43.89
N PHE A 116 -7.32 -17.54 -45.00
CA PHE A 116 -6.16 -17.02 -45.70
C PHE A 116 -6.27 -15.51 -45.67
N ASN A 117 -5.13 -14.83 -45.62
CA ASN A 117 -5.13 -13.37 -45.60
C ASN A 117 -5.82 -12.88 -44.34
N MET A 118 -5.56 -13.52 -43.20
CA MET A 118 -6.25 -13.09 -42.00
C MET A 118 -5.63 -11.79 -41.55
N SER A 119 -6.43 -10.93 -40.94
CA SER A 119 -5.96 -9.61 -40.61
C SER A 119 -5.55 -9.58 -39.15
N ILE A 120 -4.33 -9.10 -38.90
CA ILE A 120 -3.87 -8.90 -37.55
C ILE A 120 -4.01 -7.42 -37.19
N ILE A 121 -4.94 -7.12 -36.28
CA ILE A 121 -5.13 -5.75 -35.85
C ILE A 121 -4.48 -5.55 -34.49
N ILE A 122 -3.71 -4.47 -34.37
CA ILE A 122 -3.05 -4.12 -33.12
C ILE A 122 -3.39 -2.70 -32.69
N SER A 123 -4.02 -2.57 -31.53
CA SER A 123 -4.30 -1.27 -30.96
C SER A 123 -3.35 -0.97 -29.80
N ASN A 124 -2.83 0.24 -29.76
CA ASN A 124 -1.91 0.63 -28.69
C ASN A 124 -2.46 1.72 -27.78
N GLY A 125 -3.77 1.93 -27.85
CA GLY A 125 -4.40 2.97 -27.05
C GLY A 125 -4.69 4.23 -27.84
N HIS A 126 -3.70 4.67 -28.61
CA HIS A 126 -3.86 5.87 -29.44
C HIS A 126 -4.40 5.56 -30.83
N GLY A 127 -4.01 4.42 -31.39
CA GLY A 127 -4.49 4.04 -32.70
C GLY A 127 -4.33 2.56 -33.00
N THR A 128 -4.72 2.16 -34.21
CA THR A 128 -4.63 0.76 -34.61
C THR A 128 -3.92 0.64 -35.95
N THR A 129 -3.32 -0.52 -36.18
CA THR A 129 -2.61 -0.79 -37.42
C THR A 129 -2.87 -2.24 -37.82
N GLN A 130 -2.92 -2.49 -39.12
CA GLN A 130 -3.43 -3.75 -39.63
C GLN A 130 -2.34 -4.53 -40.36
N TYR A 131 -2.50 -5.85 -40.50
CA TYR A 131 -1.50 -6.64 -41.20
C TYR A 131 -2.11 -7.92 -41.79
N SER A 132 -2.43 -7.87 -43.07
CA SER A 132 -3.11 -8.95 -43.80
C SER A 132 -2.26 -10.04 -44.46
N THR A 133 -1.46 -10.79 -43.70
CA THR A 133 -0.55 -11.74 -44.33
C THR A 133 -0.56 -13.09 -43.61
N PHE A 134 -1.52 -13.28 -42.71
CA PHE A 134 -1.54 -14.45 -41.85
C PHE A 134 -2.58 -15.45 -42.32
N SER A 135 -2.32 -16.73 -42.07
CA SER A 135 -3.24 -17.78 -42.48
C SER A 135 -3.45 -18.83 -41.39
N TYR A 136 -4.69 -19.28 -41.25
CA TYR A 136 -4.98 -20.48 -40.47
C TYR A 136 -5.06 -21.65 -41.43
N VAL A 137 -4.01 -22.48 -41.45
CA VAL A 137 -3.98 -23.64 -42.33
C VAL A 137 -4.38 -24.91 -41.60
N ASP A 138 -4.64 -25.96 -42.37
CA ASP A 138 -5.04 -27.25 -41.81
C ASP A 138 -4.14 -28.37 -42.33
N PRO A 139 -2.99 -28.58 -41.67
CA PRO A 139 -2.00 -29.55 -42.15
C PRO A 139 -2.57 -30.96 -42.29
N VAL A 140 -2.18 -31.63 -43.37
CA VAL A 140 -2.70 -32.96 -43.71
C VAL A 140 -1.55 -33.84 -44.19
N ILE A 141 -1.56 -35.11 -43.78
CA ILE A 141 -0.60 -36.09 -44.28
C ILE A 141 -1.26 -36.97 -45.35
N THR A 142 -0.81 -36.83 -46.60
CA THR A 142 -1.43 -37.60 -47.68
C THR A 142 -0.89 -39.03 -47.76
N SER A 143 0.39 -39.22 -47.43
CA SER A 143 0.98 -40.56 -47.47
C SER A 143 2.33 -40.60 -46.74
N ILE A 144 2.83 -41.81 -46.51
CA ILE A 144 4.17 -42.03 -45.98
C ILE A 144 4.92 -43.07 -46.80
N SER A 145 6.24 -42.95 -46.83
CA SER A 145 7.09 -43.89 -47.55
C SER A 145 8.47 -43.97 -46.90
N PRO A 146 9.04 -45.18 -46.77
CA PRO A 146 8.45 -46.51 -47.01
C PRO A 146 7.53 -46.93 -45.87
N LYS A 147 6.75 -48.00 -46.07
CA LYS A 147 5.79 -48.43 -45.07
C LYS A 147 6.40 -49.33 -43.98
N TYR A 148 7.65 -49.71 -44.14
CA TYR A 148 8.30 -50.58 -43.16
C TYR A 148 9.79 -50.31 -43.06
N GLY A 149 10.42 -50.82 -42.01
CA GLY A 149 11.86 -50.67 -41.84
C GLY A 149 12.42 -51.54 -40.73
N PRO A 150 13.75 -51.57 -40.63
CA PRO A 150 14.42 -52.37 -39.60
C PRO A 150 14.20 -51.82 -38.19
N MET A 151 14.27 -52.69 -37.20
CA MET A 151 14.19 -52.30 -35.80
C MET A 151 15.38 -51.43 -35.37
N ALA A 152 16.45 -51.49 -36.13
CA ALA A 152 17.63 -50.66 -35.90
C ALA A 152 17.28 -49.18 -36.06
N GLY A 153 16.24 -48.91 -36.82
CA GLY A 153 15.85 -47.55 -37.13
C GLY A 153 16.75 -46.96 -38.20
N GLY A 154 16.67 -45.65 -38.40
CA GLY A 154 17.49 -45.00 -39.40
C GLY A 154 16.88 -44.98 -40.80
N THR A 155 15.69 -45.54 -40.94
CA THR A 155 14.97 -45.47 -42.22
C THR A 155 14.65 -44.02 -42.57
N LEU A 156 14.87 -43.63 -43.81
CA LEU A 156 14.50 -42.29 -44.25
C LEU A 156 13.01 -42.29 -44.56
N LEU A 157 12.23 -41.82 -43.60
CA LEU A 157 10.78 -41.79 -43.72
C LEU A 157 10.34 -40.47 -44.35
N THR A 158 9.61 -40.55 -45.45
CA THR A 158 9.10 -39.37 -46.13
C THR A 158 7.61 -39.15 -45.86
N LEU A 159 7.27 -38.11 -45.11
CA LEU A 159 5.87 -37.74 -44.97
C LEU A 159 5.45 -36.75 -46.06
N THR A 160 4.25 -36.93 -46.58
CA THR A 160 3.77 -36.14 -47.70
C THR A 160 2.39 -35.57 -47.40
N GLY A 161 2.18 -34.31 -47.76
CA GLY A 161 0.91 -33.65 -47.52
C GLY A 161 0.96 -32.18 -47.83
N ASN A 162 0.30 -31.37 -46.99
CA ASN A 162 0.27 -29.93 -47.21
C ASN A 162 0.26 -29.17 -45.88
N TYR A 163 0.82 -27.96 -45.88
CA TYR A 163 0.89 -27.08 -44.71
C TYR A 163 1.65 -27.71 -43.56
N LEU A 164 2.71 -28.45 -43.87
CA LEU A 164 3.47 -29.14 -42.84
C LEU A 164 4.60 -28.27 -42.29
N ASN A 165 4.75 -27.08 -42.84
CA ASN A 165 5.77 -26.13 -42.39
C ASN A 165 5.14 -24.89 -41.75
N SER A 166 3.89 -25.00 -41.32
CA SER A 166 3.24 -23.91 -40.58
C SER A 166 3.41 -24.00 -39.07
N GLY A 167 3.42 -22.85 -38.42
CA GLY A 167 3.53 -22.83 -36.98
C GLY A 167 4.97 -22.77 -36.48
N ASN A 168 5.14 -23.03 -35.19
CA ASN A 168 6.43 -22.96 -34.53
C ASN A 168 7.34 -24.17 -34.78
N SER A 169 6.86 -25.37 -34.43
CA SER A 169 7.73 -26.55 -34.51
C SER A 169 7.03 -27.87 -34.89
N ARG A 170 7.77 -28.72 -35.61
CA ARG A 170 7.35 -30.05 -36.05
C ARG A 170 7.81 -31.10 -35.06
N HIS A 171 6.95 -32.02 -34.64
CA HIS A 171 7.48 -33.20 -33.97
C HIS A 171 6.84 -34.51 -34.43
N ILE A 172 7.47 -35.15 -35.41
CA ILE A 172 7.10 -36.48 -35.83
C ILE A 172 7.56 -37.51 -34.80
N SER A 173 6.73 -38.52 -34.55
CA SER A 173 7.10 -39.60 -33.64
C SER A 173 6.40 -40.89 -34.04
N ILE A 174 7.04 -42.02 -33.74
CA ILE A 174 6.49 -43.32 -34.06
C ILE A 174 6.84 -44.32 -32.97
N GLY A 175 5.82 -45.01 -32.46
CA GLY A 175 6.01 -45.97 -31.38
C GLY A 175 6.32 -45.30 -30.05
N GLY A 176 6.04 -44.00 -29.97
CA GLY A 176 6.33 -43.21 -28.79
C GLY A 176 7.75 -42.68 -28.75
N LYS A 177 8.55 -43.06 -29.74
CA LYS A 177 9.91 -42.55 -29.89
C LYS A 177 10.03 -41.47 -30.96
N THR A 178 10.96 -40.55 -30.76
CA THR A 178 11.15 -39.41 -31.67
C THR A 178 11.70 -39.81 -33.04
N CYS A 179 11.08 -39.29 -34.08
CA CYS A 179 11.54 -39.48 -35.45
C CYS A 179 12.28 -38.23 -35.91
N THR A 180 13.61 -38.22 -35.74
CA THR A 180 14.42 -37.01 -35.91
C THR A 180 14.35 -36.43 -37.32
N LEU A 181 14.11 -35.12 -37.39
CA LEU A 181 13.87 -34.44 -38.66
C LEU A 181 15.10 -34.34 -39.55
N LYS A 182 14.87 -34.52 -40.85
CA LYS A 182 15.90 -34.31 -41.87
C LYS A 182 15.66 -33.02 -42.64
N SER A 183 14.42 -32.80 -43.05
CA SER A 183 14.05 -31.63 -43.84
C SER A 183 12.59 -31.27 -43.68
N VAL A 184 12.28 -29.97 -43.73
CA VAL A 184 10.91 -29.49 -43.59
C VAL A 184 10.50 -28.65 -44.79
N SER A 185 9.24 -28.78 -45.19
CA SER A 185 8.67 -28.01 -46.29
C SER A 185 7.14 -28.04 -46.21
N ASN A 186 6.48 -27.32 -47.11
CA ASN A 186 5.03 -27.31 -47.17
C ASN A 186 4.48 -28.71 -47.45
N SER A 187 5.18 -29.45 -48.30
CA SER A 187 4.63 -30.70 -48.84
C SER A 187 5.35 -31.94 -48.32
N ILE A 188 6.63 -31.80 -47.99
CA ILE A 188 7.40 -32.97 -47.57
C ILE A 188 8.09 -32.76 -46.23
N LEU A 189 7.97 -33.76 -45.35
CA LEU A 189 8.71 -33.83 -44.11
C LEU A 189 9.50 -35.12 -44.09
N GLU A 190 10.82 -35.01 -44.19
CA GLU A 190 11.68 -36.19 -44.09
C GLU A 190 12.22 -36.35 -42.67
N CYS A 191 12.30 -37.59 -42.21
CA CYS A 191 12.83 -37.86 -40.87
C CYS A 191 13.38 -39.28 -40.78
N TYR A 192 14.33 -39.49 -39.87
CA TYR A 192 14.88 -40.82 -39.66
C TYR A 192 14.23 -41.54 -38.49
N THR A 193 13.72 -42.74 -38.76
CA THR A 193 12.97 -43.52 -37.78
C THR A 193 13.82 -43.98 -36.58
N PRO A 194 13.26 -43.88 -35.37
CA PRO A 194 13.91 -44.33 -34.14
C PRO A 194 14.00 -45.86 -34.05
N ALA A 195 14.96 -46.35 -33.27
CA ALA A 195 15.13 -47.78 -33.09
C ALA A 195 14.14 -48.35 -32.07
N GLN A 196 13.30 -49.28 -32.51
CA GLN A 196 12.39 -49.98 -31.62
C GLN A 196 12.96 -51.29 -31.08
N THR A 197 12.47 -51.71 -29.93
CA THR A 197 12.83 -53.01 -29.35
C THR A 197 11.73 -54.04 -29.56
N ILE A 198 10.72 -53.69 -30.37
CA ILE A 198 9.61 -54.61 -30.60
C ILE A 198 9.26 -54.67 -32.09
N SER A 199 8.98 -55.88 -32.59
CA SER A 199 8.49 -56.04 -33.95
C SER A 199 6.97 -55.93 -34.01
N THR A 200 6.49 -54.78 -34.46
CA THR A 200 5.06 -54.51 -34.57
C THR A 200 4.84 -53.29 -35.46
N GLU A 201 3.59 -52.96 -35.73
CA GLU A 201 3.27 -51.79 -36.54
C GLU A 201 2.92 -50.60 -35.64
N PHE A 202 3.23 -49.40 -36.12
CA PHE A 202 2.87 -48.17 -35.41
C PHE A 202 2.41 -47.09 -36.36
N ALA A 203 1.44 -46.30 -35.93
CA ALA A 203 1.04 -45.13 -36.67
C ALA A 203 2.08 -44.03 -36.53
N VAL A 204 2.31 -43.29 -37.59
CA VAL A 204 3.24 -42.17 -37.56
C VAL A 204 2.48 -40.93 -37.10
N LYS A 205 2.82 -40.45 -35.91
CA LYS A 205 2.12 -39.29 -35.35
C LYS A 205 2.91 -38.01 -35.56
N LEU A 206 2.25 -37.01 -36.14
CA LEU A 206 2.84 -35.70 -36.35
C LEU A 206 2.23 -34.67 -35.41
N LYS A 207 3.08 -33.86 -34.79
CA LYS A 207 2.62 -32.82 -33.87
C LYS A 207 3.08 -31.44 -34.33
N ILE A 208 2.13 -30.56 -34.61
CA ILE A 208 2.44 -29.18 -34.95
C ILE A 208 1.76 -28.27 -33.94
N ASP A 209 2.52 -27.84 -32.94
CA ASP A 209 2.01 -27.00 -31.88
C ASP A 209 0.88 -27.75 -31.17
N LEU A 210 -0.34 -27.22 -31.22
CA LEU A 210 -1.46 -27.91 -30.57
C LEU A 210 -2.18 -28.90 -31.51
N ALA A 211 -1.83 -28.88 -32.79
CA ALA A 211 -2.43 -29.79 -33.77
C ALA A 211 -1.82 -31.18 -33.74
N ASN A 212 -2.67 -32.20 -33.81
CA ASN A 212 -2.21 -33.58 -33.88
C ASN A 212 -2.70 -34.24 -35.17
N ARG A 213 -1.82 -35.00 -35.81
CA ARG A 213 -2.13 -35.65 -37.08
C ARG A 213 -1.57 -37.07 -37.11
N GLU A 214 -2.42 -38.05 -37.41
CA GLU A 214 -2.00 -39.43 -37.59
C GLU A 214 -2.01 -39.84 -39.06
N THR A 215 -1.31 -40.92 -39.37
CA THR A 215 -1.35 -41.47 -40.72
C THR A 215 -1.22 -43.00 -40.71
N SER A 216 -0.79 -43.56 -41.83
CA SER A 216 -0.71 -45.01 -42.02
C SER A 216 0.25 -45.65 -41.03
N ILE A 217 0.01 -46.92 -40.71
CA ILE A 217 0.92 -47.68 -39.85
C ILE A 217 2.27 -47.99 -40.52
N PHE A 218 3.32 -47.97 -39.70
CA PHE A 218 4.68 -48.29 -40.14
C PHE A 218 5.16 -49.53 -39.40
N SER A 219 5.44 -50.60 -40.15
CA SER A 219 5.87 -51.84 -39.53
C SER A 219 7.38 -51.91 -39.27
N TYR A 220 7.73 -52.39 -38.07
CA TYR A 220 9.12 -52.64 -37.73
C TYR A 220 9.40 -54.12 -37.87
N ARG A 221 10.04 -54.48 -38.98
CA ARG A 221 10.34 -55.87 -39.27
C ARG A 221 11.55 -56.27 -38.44
N GLU A 222 11.68 -57.55 -38.11
CA GLU A 222 12.87 -58.01 -37.41
C GLU A 222 13.87 -58.67 -38.36
N GLN B 1 -2.69 6.98 2.82
CA GLN B 1 -2.77 5.64 2.25
C GLN B 1 -4.09 5.55 1.48
N MET B 2 -4.19 4.57 0.58
CA MET B 2 -5.37 4.44 -0.25
C MET B 2 -6.43 3.63 0.41
N GLN B 3 -7.65 3.98 0.06
CA GLN B 3 -8.77 3.28 0.60
C GLN B 3 -9.62 2.69 -0.54
N LEU B 4 -9.70 1.37 -0.56
CA LEU B 4 -10.68 0.68 -1.37
C LEU B 4 -11.78 0.23 -0.42
N VAL B 5 -12.83 1.02 -0.34
CA VAL B 5 -13.96 0.70 0.51
C VAL B 5 -15.02 -0.02 -0.28
N GLN B 6 -15.19 -1.30 0.02
CA GLN B 6 -16.20 -2.11 -0.67
C GLN B 6 -17.53 -2.09 0.07
N SER B 7 -18.58 -2.47 -0.63
CA SER B 7 -19.91 -2.56 -0.05
C SER B 7 -20.02 -3.76 0.89
N GLY B 8 -21.13 -3.82 1.63
CA GLY B 8 -21.31 -4.84 2.67
C GLY B 8 -21.74 -6.20 2.15
N ALA B 9 -21.81 -7.16 3.07
CA ALA B 9 -22.13 -8.56 2.75
C ALA B 9 -23.48 -8.67 2.06
N GLU B 10 -23.62 -9.69 1.22
CA GLU B 10 -24.86 -9.87 0.47
C GLU B 10 -25.42 -11.27 0.68
N VAL B 11 -26.75 -11.38 0.65
CA VAL B 11 -27.43 -12.67 0.75
C VAL B 11 -28.49 -12.74 -0.35
N LYS B 12 -28.08 -13.28 -1.50
CA LYS B 12 -28.97 -13.41 -2.65
C LYS B 12 -29.51 -14.83 -2.85
N LYS B 13 -30.74 -14.93 -3.35
CA LYS B 13 -31.31 -16.20 -3.74
C LYS B 13 -30.59 -16.63 -5.03
N PRO B 14 -30.56 -17.94 -5.32
CA PRO B 14 -29.99 -18.35 -6.61
C PRO B 14 -30.73 -17.73 -7.79
N GLY B 15 -29.99 -17.35 -8.84
CA GLY B 15 -30.60 -16.73 -10.00
C GLY B 15 -30.69 -15.22 -9.93
N ALA B 16 -30.56 -14.66 -8.73
CA ALA B 16 -30.64 -13.23 -8.54
C ALA B 16 -29.33 -12.54 -8.94
N PRO B 17 -29.41 -11.27 -9.38
CA PRO B 17 -28.22 -10.45 -9.62
C PRO B 17 -27.60 -9.91 -8.33
N VAL B 18 -26.34 -9.54 -8.40
CA VAL B 18 -25.69 -8.85 -7.28
C VAL B 18 -24.68 -7.86 -7.84
N LYS B 19 -24.54 -6.72 -7.16
CA LYS B 19 -23.64 -5.67 -7.62
C LYS B 19 -22.79 -5.23 -6.43
N VAL B 20 -21.49 -5.46 -6.51
CA VAL B 20 -20.59 -5.08 -5.43
C VAL B 20 -19.88 -3.80 -5.82
N SER B 21 -19.89 -2.81 -4.92
CA SER B 21 -19.23 -1.54 -5.19
C SER B 21 -17.85 -1.45 -4.53
N CYS B 22 -17.04 -0.54 -5.05
CA CYS B 22 -15.69 -0.31 -4.54
C CYS B 22 -15.32 1.15 -4.74
N LYS B 23 -15.61 1.98 -3.73
CA LYS B 23 -15.24 3.39 -3.78
C LYS B 23 -13.78 3.55 -3.41
N VAL B 24 -13.06 4.42 -4.12
CA VAL B 24 -11.65 4.63 -3.85
C VAL B 24 -11.34 6.07 -3.45
N SER B 25 -10.25 6.24 -2.71
CA SER B 25 -9.80 7.55 -2.27
C SER B 25 -8.32 7.49 -1.90
N GLY B 26 -7.57 8.49 -2.30
CA GLY B 26 -6.16 8.55 -1.95
C GLY B 26 -5.32 8.72 -3.19
N TYR B 27 -5.92 8.44 -4.35
CA TYR B 27 -5.24 8.57 -5.62
C TYR B 27 -6.25 8.91 -6.69
N THR B 28 -5.79 9.16 -7.91
CA THR B 28 -6.69 9.47 -9.01
C THR B 28 -7.22 8.19 -9.63
N PHE B 29 -8.53 8.00 -9.51
CA PHE B 29 -9.21 6.76 -9.92
C PHE B 29 -8.91 6.35 -11.36
N THR B 30 -8.76 7.33 -12.25
CA THR B 30 -8.59 7.05 -13.66
C THR B 30 -7.17 6.66 -14.06
N ASP B 31 -6.22 6.80 -13.13
CA ASP B 31 -4.82 6.54 -13.47
C ASP B 31 -4.50 5.06 -13.63
N TYR B 32 -5.25 4.20 -12.94
CA TYR B 32 -4.89 2.79 -12.86
C TYR B 32 -6.07 1.86 -13.14
N TYR B 33 -5.76 0.65 -13.61
CA TYR B 33 -6.76 -0.39 -13.81
C TYR B 33 -7.29 -0.89 -12.47
N MET B 34 -8.43 -1.56 -12.51
CA MET B 34 -9.05 -2.12 -11.32
C MET B 34 -9.37 -3.60 -11.52
N HIS B 35 -8.66 -4.46 -10.79
CA HIS B 35 -8.95 -5.90 -10.82
C HIS B 35 -10.09 -6.26 -9.88
N TRP B 36 -10.78 -7.34 -10.20
CA TRP B 36 -11.67 -7.99 -9.23
C TRP B 36 -11.19 -9.43 -9.05
N VAL B 37 -11.26 -9.92 -7.83
CA VAL B 37 -10.71 -11.23 -7.49
C VAL B 37 -11.69 -12.02 -6.63
N GLN B 38 -11.90 -13.29 -6.98
CA GLN B 38 -12.80 -14.15 -6.24
C GLN B 38 -12.06 -15.09 -5.29
N GLN B 39 -12.63 -15.31 -4.11
CA GLN B 39 -12.09 -16.29 -3.17
C GLN B 39 -13.21 -17.09 -2.52
N ALA B 40 -13.42 -18.31 -3.01
CA ALA B 40 -14.41 -19.22 -2.46
C ALA B 40 -13.94 -19.69 -1.08
N PRO B 41 -14.89 -20.12 -0.23
CA PRO B 41 -14.53 -20.45 1.15
C PRO B 41 -13.47 -21.56 1.25
N GLY B 42 -12.41 -21.28 1.98
CA GLY B 42 -11.33 -22.24 2.15
C GLY B 42 -10.46 -22.43 0.91
N LYS B 43 -10.62 -21.55 -0.07
CA LYS B 43 -9.95 -21.73 -1.35
C LYS B 43 -9.01 -20.55 -1.66
N GLY B 44 -8.24 -20.67 -2.74
CA GLY B 44 -7.26 -19.67 -3.10
C GLY B 44 -7.84 -18.44 -3.79
N LEU B 45 -6.97 -17.49 -4.13
CA LEU B 45 -7.38 -16.35 -4.93
C LEU B 45 -7.53 -16.69 -6.40
N GLU B 46 -8.50 -16.05 -7.06
CA GLU B 46 -8.75 -16.29 -8.47
C GLU B 46 -9.19 -15.02 -9.20
N TRP B 47 -8.41 -14.62 -10.19
CA TRP B 47 -8.66 -13.40 -10.95
C TRP B 47 -9.94 -13.49 -11.79
N MET B 48 -10.79 -12.47 -11.68
CA MET B 48 -12.06 -12.46 -12.41
C MET B 48 -11.96 -11.64 -13.69
N GLY B 49 -11.47 -10.41 -13.55
CA GLY B 49 -11.27 -9.52 -14.68
C GLY B 49 -10.82 -8.15 -14.24
N LEU B 50 -10.78 -7.21 -15.19
CA LEU B 50 -10.38 -5.84 -14.86
C LEU B 50 -11.08 -4.83 -15.75
N VAL B 51 -10.96 -3.56 -15.38
CA VAL B 51 -11.56 -2.47 -16.14
C VAL B 51 -10.58 -1.30 -16.16
N ASP B 52 -10.56 -0.55 -17.26
CA ASP B 52 -9.80 0.68 -17.31
C ASP B 52 -10.75 1.86 -17.11
N PRO B 53 -10.70 2.48 -15.93
CA PRO B 53 -11.64 3.56 -15.57
C PRO B 53 -11.61 4.74 -16.53
N GLU B 54 -10.50 4.94 -17.24
CA GLU B 54 -10.38 6.11 -18.11
C GLU B 54 -11.29 5.98 -19.35
N ASP B 55 -11.38 4.80 -19.94
CA ASP B 55 -12.18 4.64 -21.15
C ASP B 55 -13.29 3.59 -21.03
N GLY B 56 -13.23 2.74 -20.00
CA GLY B 56 -14.29 1.79 -19.75
C GLY B 56 -14.00 0.40 -20.32
N GLU B 57 -12.79 0.21 -20.79
CA GLU B 57 -12.41 -1.08 -21.38
C GLU B 57 -12.39 -2.14 -20.30
N THR B 58 -12.75 -3.36 -20.67
CA THR B 58 -12.76 -4.48 -19.73
C THR B 58 -12.04 -5.68 -20.31
N ILE B 59 -11.51 -6.52 -19.45
CA ILE B 59 -10.89 -7.77 -19.84
C ILE B 59 -11.30 -8.83 -18.84
N TYR B 60 -12.03 -9.85 -19.29
CA TYR B 60 -12.49 -10.87 -18.37
C TYR B 60 -11.73 -12.18 -18.53
N ALA B 61 -11.67 -12.95 -17.45
CA ALA B 61 -11.14 -14.29 -17.53
C ALA B 61 -12.18 -15.13 -18.24
N GLU B 62 -11.77 -16.20 -18.91
CA GLU B 62 -12.69 -17.00 -19.70
C GLU B 62 -13.77 -17.60 -18.81
N LYS B 63 -13.39 -17.94 -17.59
CA LYS B 63 -14.30 -18.59 -16.64
C LYS B 63 -15.49 -17.70 -16.26
N PHE B 64 -15.28 -16.39 -16.19
CA PHE B 64 -16.36 -15.48 -15.82
C PHE B 64 -16.91 -14.69 -17.01
N GLN B 65 -16.51 -15.09 -18.21
CA GLN B 65 -16.93 -14.38 -19.42
C GLN B 65 -18.45 -14.55 -19.62
N GLY B 66 -19.14 -13.43 -19.82
CA GLY B 66 -20.57 -13.45 -20.04
C GLY B 66 -21.42 -13.34 -18.77
N ARG B 67 -20.89 -13.82 -17.66
CA ARG B 67 -21.64 -13.80 -16.39
C ARG B 67 -21.32 -12.61 -15.50
N VAL B 68 -20.12 -12.06 -15.64
CA VAL B 68 -19.70 -10.95 -14.80
C VAL B 68 -19.61 -9.67 -15.64
N THR B 69 -19.98 -8.55 -15.04
CA THR B 69 -19.84 -7.27 -15.70
C THR B 69 -19.17 -6.25 -14.79
N ILE B 70 -17.93 -5.91 -15.11
CA ILE B 70 -17.21 -4.91 -14.35
C ILE B 70 -17.41 -3.53 -14.98
N THR B 71 -17.75 -2.55 -14.16
CA THR B 71 -17.93 -1.19 -14.62
C THR B 71 -17.20 -0.22 -13.71
N ALA B 72 -17.11 1.04 -14.13
CA ALA B 72 -16.38 2.05 -13.38
C ALA B 72 -17.01 3.42 -13.57
N ASP B 73 -17.46 4.01 -12.46
CA ASP B 73 -18.04 5.35 -12.45
C ASP B 73 -16.99 6.40 -12.09
N THR B 74 -16.52 7.16 -13.08
CA THR B 74 -15.50 8.18 -12.80
C THR B 74 -16.09 9.40 -12.09
N SER B 75 -17.42 9.51 -12.13
CA SER B 75 -18.11 10.62 -11.47
C SER B 75 -18.11 10.48 -9.96
N THR B 76 -17.96 9.24 -9.47
CA THR B 76 -17.97 8.99 -8.04
C THR B 76 -16.79 8.13 -7.58
N ASP B 77 -15.79 7.99 -8.45
CA ASP B 77 -14.58 7.24 -8.14
C ASP B 77 -14.91 5.85 -7.61
N THR B 78 -15.83 5.15 -8.29
CA THR B 78 -16.29 3.86 -7.81
C THR B 78 -16.26 2.81 -8.91
N ALA B 79 -15.83 1.61 -8.55
CA ALA B 79 -15.81 0.49 -9.47
C ALA B 79 -16.86 -0.51 -9.02
N TYR B 80 -17.64 -1.02 -9.97
CA TYR B 80 -18.67 -1.99 -9.66
C TYR B 80 -18.37 -3.35 -10.29
N MET B 81 -18.90 -4.40 -9.66
CA MET B 81 -18.75 -5.75 -10.16
C MET B 81 -20.11 -6.44 -10.07
N GLU B 82 -20.78 -6.57 -11.20
CA GLU B 82 -22.09 -7.21 -11.20
C GLU B 82 -22.05 -8.66 -11.70
N LEU B 83 -22.70 -9.53 -10.95
CA LEU B 83 -22.78 -10.94 -11.28
C LEU B 83 -24.24 -11.32 -11.51
N SER B 84 -24.66 -11.32 -12.77
CA SER B 84 -26.03 -11.71 -13.10
C SER B 84 -26.14 -13.23 -12.99
N SER B 85 -27.33 -13.70 -12.63
CA SER B 85 -27.60 -15.14 -12.53
C SER B 85 -26.64 -15.87 -11.59
N LEU B 86 -26.76 -15.60 -10.30
CA LEU B 86 -25.91 -16.26 -9.29
C LEU B 86 -26.20 -17.75 -9.17
N ARG B 87 -25.13 -18.54 -9.06
CA ARG B 87 -25.27 -19.96 -8.78
C ARG B 87 -24.79 -20.19 -7.35
N SER B 88 -25.06 -21.38 -6.83
CA SER B 88 -24.71 -21.73 -5.45
C SER B 88 -23.19 -21.66 -5.29
N GLU B 89 -22.51 -22.04 -6.37
CA GLU B 89 -21.05 -22.03 -6.43
C GLU B 89 -20.45 -20.66 -6.15
N ASP B 90 -21.21 -19.62 -6.45
CA ASP B 90 -20.71 -18.24 -6.49
C ASP B 90 -20.52 -17.64 -5.10
N THR B 91 -20.88 -18.40 -4.07
CA THR B 91 -20.64 -17.99 -2.69
C THR B 91 -19.14 -17.79 -2.47
N ALA B 92 -18.74 -16.56 -2.23
CA ALA B 92 -17.32 -16.24 -2.07
C ALA B 92 -17.14 -14.80 -1.58
N VAL B 93 -15.95 -14.52 -1.05
CA VAL B 93 -15.56 -13.14 -0.81
C VAL B 93 -15.01 -12.57 -2.11
N TYR B 94 -15.46 -11.38 -2.48
CA TYR B 94 -15.00 -10.73 -3.71
C TYR B 94 -14.18 -9.50 -3.40
N TYR B 95 -12.94 -9.48 -3.88
CA TYR B 95 -12.06 -8.33 -3.69
C TYR B 95 -11.96 -7.47 -4.92
N CYS B 96 -11.80 -6.17 -4.71
CA CYS B 96 -11.43 -5.28 -5.79
C CYS B 96 -10.02 -4.81 -5.51
N ALA B 97 -9.22 -4.60 -6.54
CA ALA B 97 -7.82 -4.27 -6.34
C ALA B 97 -7.26 -3.35 -7.42
N THR B 98 -6.49 -2.36 -7.00
CA THR B 98 -5.86 -1.43 -7.93
C THR B 98 -4.65 -2.11 -8.59
N ASP B 99 -4.53 -1.94 -9.90
CA ASP B 99 -3.45 -2.54 -10.66
C ASP B 99 -2.13 -1.83 -10.38
N ALA B 100 -1.05 -2.59 -10.28
CA ALA B 100 0.26 -2.08 -9.89
C ALA B 100 0.93 -1.26 -10.98
N THR B 101 1.85 -0.40 -10.57
CA THR B 101 2.61 0.45 -11.49
C THR B 101 3.72 -0.32 -12.20
N THR B 102 3.89 -1.58 -11.83
CA THR B 102 4.84 -2.46 -12.48
C THR B 102 4.47 -2.65 -13.96
N PRO B 103 5.45 -3.02 -14.80
CA PRO B 103 5.16 -3.26 -16.22
C PRO B 103 4.15 -4.38 -16.41
N TYR B 104 4.18 -5.34 -15.51
CA TYR B 104 3.28 -6.48 -15.54
C TYR B 104 2.08 -6.27 -14.63
N TRP B 105 1.07 -7.11 -14.78
CA TRP B 105 -0.14 -7.01 -13.97
C TRP B 105 0.10 -7.44 -12.53
N GLY B 106 -0.52 -6.72 -11.60
CA GLY B 106 -0.41 -7.05 -10.20
C GLY B 106 -1.40 -6.27 -9.37
N MET B 107 -1.64 -6.72 -8.15
CA MET B 107 -2.66 -6.12 -7.32
C MET B 107 -1.99 -5.30 -6.23
N MET B 108 -1.87 -4.01 -6.48
CA MET B 108 -1.17 -3.06 -5.64
C MET B 108 -1.94 -2.83 -4.35
N TRP B 109 -3.18 -2.41 -4.52
CA TRP B 109 -4.06 -2.13 -3.39
C TRP B 109 -5.30 -3.01 -3.35
N TRP B 110 -5.75 -3.37 -2.14
CA TRP B 110 -6.90 -4.27 -1.98
C TRP B 110 -8.03 -3.65 -1.16
N GLY B 111 -9.26 -4.04 -1.48
CA GLY B 111 -10.41 -3.69 -0.65
C GLY B 111 -10.51 -4.67 0.49
N GLN B 112 -11.51 -4.52 1.36
CA GLN B 112 -11.60 -5.38 2.53
C GLN B 112 -12.35 -6.66 2.19
N GLY B 113 -12.91 -6.71 1.00
CA GLY B 113 -13.66 -7.86 0.54
C GLY B 113 -15.14 -7.75 0.86
N THR B 114 -15.94 -8.51 0.11
CA THR B 114 -17.39 -8.50 0.25
C THR B 114 -17.93 -9.92 0.14
N LEU B 115 -18.44 -10.44 1.26
CA LEU B 115 -19.02 -11.78 1.26
C LEU B 115 -20.37 -11.82 0.57
N VAL B 116 -20.42 -12.52 -0.56
CA VAL B 116 -21.68 -12.76 -1.26
C VAL B 116 -22.06 -14.23 -1.07
N THR B 117 -22.95 -14.49 -0.11
CA THR B 117 -23.44 -15.85 0.08
C THR B 117 -24.64 -16.08 -0.84
N VAL B 118 -24.78 -17.31 -1.35
CA VAL B 118 -25.89 -17.65 -2.24
C VAL B 118 -26.64 -18.88 -1.74
N SER B 119 -27.90 -18.69 -1.39
CA SER B 119 -28.69 -19.76 -0.77
C SER B 119 -30.18 -19.56 -1.04
N SER B 120 -30.89 -20.67 -1.22
CA SER B 120 -32.34 -20.63 -1.40
C SER B 120 -33.08 -20.54 -0.07
N ALA B 121 -32.35 -20.77 1.02
CA ALA B 121 -32.95 -20.75 2.36
C ALA B 121 -33.38 -19.37 2.82
N SER B 122 -34.42 -19.35 3.65
CA SER B 122 -34.92 -18.14 4.31
C SER B 122 -34.47 -18.11 5.76
N THR B 123 -34.67 -16.97 6.43
CA THR B 123 -34.21 -16.83 7.81
C THR B 123 -34.85 -17.91 8.69
N LYS B 124 -34.03 -18.55 9.50
CA LYS B 124 -34.50 -19.62 10.38
C LYS B 124 -33.61 -19.77 11.61
N GLY B 125 -34.23 -19.86 12.79
CA GLY B 125 -33.51 -20.11 14.01
C GLY B 125 -32.92 -21.51 14.01
N PRO B 126 -31.83 -21.71 14.76
CA PRO B 126 -31.15 -22.99 14.89
C PRO B 126 -31.95 -24.01 15.69
N SER B 127 -31.61 -25.28 15.53
CA SER B 127 -32.16 -26.34 16.36
C SER B 127 -31.05 -26.89 17.23
N VAL B 128 -31.12 -26.56 18.52
CA VAL B 128 -30.04 -26.91 19.44
C VAL B 128 -30.30 -28.25 20.11
N PHE B 129 -29.34 -29.16 19.95
CA PHE B 129 -29.44 -30.50 20.52
C PHE B 129 -28.26 -30.81 21.43
N PRO B 130 -28.54 -31.43 22.59
CA PRO B 130 -27.51 -31.81 23.56
C PRO B 130 -26.53 -32.86 23.05
N LEU B 131 -25.29 -32.76 23.51
CA LEU B 131 -24.27 -33.78 23.27
C LEU B 131 -23.82 -34.31 24.63
N ALA B 132 -24.45 -35.40 25.07
CA ALA B 132 -24.27 -35.92 26.41
C ALA B 132 -23.05 -36.81 26.50
N PRO B 133 -22.36 -36.79 27.65
CA PRO B 133 -21.15 -37.63 27.76
C PRO B 133 -21.45 -39.11 27.85
N SER B 134 -20.49 -39.91 27.37
CA SER B 134 -20.59 -41.37 27.42
C SER B 134 -19.24 -41.99 27.78
N GLY B 140 -12.82 -42.39 31.23
CA GLY B 140 -11.60 -41.65 31.44
C GLY B 140 -11.61 -40.85 32.73
N GLY B 141 -10.72 -39.88 32.84
CA GLY B 141 -10.67 -39.00 33.99
C GLY B 141 -11.44 -37.73 33.73
N THR B 142 -11.43 -37.32 32.46
CA THR B 142 -12.19 -36.16 32.00
C THR B 142 -13.21 -36.59 30.95
N ALA B 143 -14.33 -35.86 30.88
CA ALA B 143 -15.35 -36.20 29.91
C ALA B 143 -15.80 -34.96 29.14
N ALA B 144 -16.33 -35.18 27.95
CA ALA B 144 -16.66 -34.09 27.05
C ALA B 144 -18.17 -34.00 26.85
N LEU B 145 -18.63 -32.81 26.56
CA LEU B 145 -20.05 -32.58 26.30
C LEU B 145 -20.20 -31.35 25.43
N GLY B 146 -21.34 -31.20 24.79
CA GLY B 146 -21.52 -30.09 23.87
C GLY B 146 -22.92 -29.89 23.35
N CYS B 147 -23.02 -29.15 22.25
CA CYS B 147 -24.28 -28.73 21.71
C CYS B 147 -24.25 -28.69 20.20
N LEU B 148 -25.07 -29.52 19.58
CA LEU B 148 -25.22 -29.48 18.14
C LEU B 148 -26.15 -28.32 17.82
N VAL B 149 -25.68 -27.38 17.01
CA VAL B 149 -26.48 -26.25 16.62
C VAL B 149 -26.77 -26.41 15.15
N LYS B 150 -28.02 -26.71 14.82
CA LYS B 150 -28.33 -27.27 13.51
C LYS B 150 -29.40 -26.53 12.73
N ASP B 151 -29.22 -26.53 11.41
CA ASP B 151 -30.19 -26.00 10.46
C ASP B 151 -30.61 -24.57 10.76
N TYR B 152 -29.68 -23.63 10.66
CA TYR B 152 -30.01 -22.23 10.82
C TYR B 152 -29.56 -21.44 9.60
N PHE B 153 -30.22 -20.31 9.36
CA PHE B 153 -29.83 -19.39 8.31
C PHE B 153 -30.27 -17.99 8.70
N PRO B 154 -29.47 -16.96 8.36
CA PRO B 154 -28.10 -17.01 7.85
C PRO B 154 -27.10 -17.00 9.01
N GLU B 155 -25.85 -16.69 8.72
CA GLU B 155 -24.84 -16.59 9.77
C GLU B 155 -24.92 -15.21 10.45
N PRO B 156 -24.46 -15.12 11.70
CA PRO B 156 -23.78 -16.15 12.50
C PRO B 156 -24.59 -16.55 13.73
N VAL B 157 -24.08 -17.53 14.47
CA VAL B 157 -24.62 -17.84 15.78
C VAL B 157 -23.50 -17.73 16.79
N THR B 158 -23.83 -17.26 17.98
CA THR B 158 -22.86 -17.12 19.04
C THR B 158 -23.16 -18.17 20.08
N VAL B 159 -22.12 -18.73 20.68
CA VAL B 159 -22.29 -19.80 21.65
C VAL B 159 -21.41 -19.55 22.85
N SER B 160 -22.00 -19.65 24.04
CA SER B 160 -21.23 -19.53 25.26
C SER B 160 -21.63 -20.65 26.19
N TRP B 161 -20.84 -20.85 27.25
CA TRP B 161 -21.16 -21.86 28.23
C TRP B 161 -21.30 -21.23 29.61
N ASN B 162 -22.45 -21.44 30.23
CA ASN B 162 -22.79 -20.86 31.51
C ASN B 162 -22.62 -19.35 31.49
N SER B 163 -23.13 -18.73 30.42
CA SER B 163 -23.18 -17.28 30.29
C SER B 163 -21.78 -16.66 30.21
N GLY B 164 -20.85 -17.42 29.66
CA GLY B 164 -19.47 -16.98 29.52
C GLY B 164 -18.60 -17.21 30.73
N ALA B 165 -19.14 -17.88 31.75
CA ALA B 165 -18.34 -18.31 32.89
C ALA B 165 -17.37 -19.41 32.46
N LEU B 166 -17.89 -20.41 31.76
CA LEU B 166 -17.05 -21.48 31.25
C LEU B 166 -16.47 -21.03 29.92
N THR B 167 -15.13 -20.94 29.85
CA THR B 167 -14.46 -20.50 28.64
C THR B 167 -13.31 -21.41 28.22
N SER B 168 -12.49 -21.78 29.19
CA SER B 168 -11.34 -22.63 28.94
C SER B 168 -11.84 -24.01 28.49
N GLY B 169 -11.25 -24.54 27.43
CA GLY B 169 -11.60 -25.86 26.92
C GLY B 169 -12.77 -25.86 25.94
N VAL B 170 -13.41 -24.72 25.77
CA VAL B 170 -14.50 -24.60 24.80
C VAL B 170 -13.97 -24.63 23.38
N HIS B 171 -14.67 -25.36 22.51
CA HIS B 171 -14.35 -25.42 21.10
C HIS B 171 -15.64 -25.29 20.29
N THR B 172 -15.88 -24.10 19.75
CA THR B 172 -17.00 -23.88 18.86
C THR B 172 -16.50 -23.94 17.42
N PHE B 173 -16.85 -25.03 16.72
CA PHE B 173 -16.35 -25.28 15.39
C PHE B 173 -16.98 -24.32 14.37
N PRO B 174 -16.28 -24.08 13.25
CA PRO B 174 -16.85 -23.25 12.19
C PRO B 174 -18.09 -23.89 11.57
N ALA B 175 -19.02 -23.05 11.12
CA ALA B 175 -20.25 -23.55 10.53
C ALA B 175 -19.98 -24.25 9.21
N VAL B 176 -20.82 -25.22 8.88
CA VAL B 176 -20.72 -25.91 7.61
C VAL B 176 -22.01 -25.72 6.83
N LEU B 177 -21.91 -25.21 5.62
CA LEU B 177 -23.08 -25.04 4.77
C LEU B 177 -23.55 -26.38 4.24
N GLN B 178 -24.74 -26.81 4.64
CA GLN B 178 -25.23 -28.12 4.22
C GLN B 178 -25.86 -28.07 2.83
N SER B 179 -26.26 -29.24 2.34
CA SER B 179 -26.92 -29.39 1.05
C SER B 179 -28.25 -28.66 0.99
N SER B 180 -28.93 -28.57 2.14
CA SER B 180 -30.19 -27.84 2.24
C SER B 180 -30.03 -26.32 2.20
N GLY B 181 -28.78 -25.85 2.28
CA GLY B 181 -28.53 -24.41 2.31
C GLY B 181 -28.61 -23.84 3.71
N LEU B 182 -28.82 -24.71 4.68
CA LEU B 182 -28.85 -24.31 6.09
C LEU B 182 -27.50 -24.59 6.72
N TYR B 183 -27.05 -23.71 7.62
CA TYR B 183 -25.80 -23.91 8.32
C TYR B 183 -25.96 -24.90 9.48
N SER B 184 -24.85 -25.52 9.86
CA SER B 184 -24.84 -26.42 11.01
C SER B 184 -23.51 -26.29 11.74
N LEU B 185 -23.57 -26.36 13.07
CA LEU B 185 -22.41 -26.03 13.89
C LEU B 185 -22.37 -26.90 15.14
N SER B 186 -21.19 -27.00 15.74
CA SER B 186 -21.05 -27.73 17.01
C SER B 186 -20.17 -26.95 17.97
N SER B 187 -20.43 -27.14 19.27
CA SER B 187 -19.66 -26.48 20.31
C SER B 187 -19.49 -27.42 21.49
N VAL B 188 -18.24 -27.77 21.79
CA VAL B 188 -17.95 -28.74 22.83
C VAL B 188 -17.11 -28.12 23.95
N VAL B 189 -17.04 -28.83 25.07
CA VAL B 189 -16.23 -28.42 26.20
C VAL B 189 -15.85 -29.63 27.05
N THR B 190 -14.65 -29.62 27.61
CA THR B 190 -14.20 -30.69 28.51
C THR B 190 -14.40 -30.30 29.98
N VAL B 191 -14.87 -31.26 30.79
CA VAL B 191 -15.17 -31.03 32.20
C VAL B 191 -14.70 -32.22 33.05
N PRO B 192 -14.54 -32.01 34.37
CA PRO B 192 -14.24 -33.16 35.24
C PRO B 192 -15.35 -34.20 35.19
N SER B 193 -14.99 -35.48 35.19
CA SER B 193 -15.99 -36.54 35.08
C SER B 193 -16.94 -36.66 36.28
N SER B 194 -16.42 -36.42 37.47
CA SER B 194 -17.25 -36.42 38.67
C SER B 194 -18.20 -35.21 38.77
N SER B 195 -17.97 -34.20 37.93
CA SER B 195 -18.72 -32.95 38.04
C SER B 195 -20.02 -32.99 37.23
N LEU B 196 -20.44 -34.18 36.81
CA LEU B 196 -21.56 -34.28 35.88
C LEU B 196 -22.90 -34.22 36.59
N GLY B 197 -23.01 -34.81 37.77
CA GLY B 197 -24.27 -34.72 38.49
C GLY B 197 -24.33 -33.58 39.49
N THR B 198 -23.22 -32.87 39.67
CA THR B 198 -23.21 -31.77 40.63
C THR B 198 -22.89 -30.41 40.02
N GLN B 199 -22.51 -30.39 38.74
CA GLN B 199 -22.33 -29.13 38.03
C GLN B 199 -23.27 -29.10 36.85
N THR B 200 -23.94 -27.97 36.63
CA THR B 200 -24.80 -27.83 35.47
C THR B 200 -24.03 -27.15 34.34
N TYR B 201 -24.31 -27.57 33.11
CA TYR B 201 -23.63 -27.00 31.96
C TYR B 201 -24.65 -26.60 30.90
N ILE B 202 -24.81 -25.29 30.71
CA ILE B 202 -25.76 -24.75 29.75
C ILE B 202 -25.04 -24.06 28.59
N CYS B 203 -25.32 -24.51 27.37
CA CYS B 203 -24.85 -23.81 26.18
C CYS B 203 -25.81 -22.68 25.84
N ASN B 204 -25.30 -21.47 25.74
CA ASN B 204 -26.13 -20.30 25.43
C ASN B 204 -26.07 -19.91 23.96
N VAL B 205 -26.80 -20.64 23.12
CA VAL B 205 -26.86 -20.34 21.69
C VAL B 205 -27.64 -19.06 21.46
N ASN B 206 -27.23 -18.26 20.48
CA ASN B 206 -27.94 -17.03 20.19
C ASN B 206 -27.86 -16.76 18.69
N HIS B 207 -29.00 -16.52 18.09
CA HIS B 207 -29.08 -16.26 16.66
C HIS B 207 -29.79 -14.93 16.43
N LYS B 208 -29.01 -13.86 16.35
CA LYS B 208 -29.55 -12.51 16.21
C LYS B 208 -30.36 -12.29 14.91
N PRO B 209 -29.91 -12.86 13.77
CA PRO B 209 -30.71 -12.69 12.55
C PRO B 209 -32.20 -13.07 12.67
N SER B 210 -32.52 -14.04 13.51
CA SER B 210 -33.92 -14.34 13.77
C SER B 210 -34.33 -14.28 15.24
N ASN B 211 -33.58 -13.52 16.03
CA ASN B 211 -33.91 -13.28 17.44
C ASN B 211 -34.19 -14.59 18.16
N THR B 212 -33.32 -15.57 17.93
CA THR B 212 -33.50 -16.89 18.54
C THR B 212 -32.43 -17.15 19.57
N LYS B 213 -32.88 -17.50 20.78
CA LYS B 213 -31.97 -17.81 21.85
C LYS B 213 -32.39 -19.13 22.47
N VAL B 214 -31.41 -19.93 22.85
CA VAL B 214 -31.66 -21.24 23.42
C VAL B 214 -30.65 -21.45 24.54
N ASP B 215 -31.09 -22.08 25.61
CA ASP B 215 -30.24 -22.42 26.74
C ASP B 215 -30.46 -23.87 27.12
N LYS B 216 -30.03 -24.78 26.26
CA LYS B 216 -30.15 -26.18 26.55
C LYS B 216 -29.18 -26.53 27.65
N LYS B 217 -29.64 -27.29 28.64
CA LYS B 217 -28.75 -27.73 29.69
C LYS B 217 -28.30 -29.11 29.25
N VAL B 218 -27.03 -29.43 29.43
CA VAL B 218 -26.54 -30.70 28.95
C VAL B 218 -26.41 -31.61 30.17
N GLU B 219 -27.13 -32.72 30.15
CA GLU B 219 -27.03 -33.71 31.22
C GLU B 219 -26.61 -35.06 30.70
N PRO B 220 -26.00 -35.88 31.58
CA PRO B 220 -25.53 -37.20 31.17
C PRO B 220 -26.67 -38.20 31.22
N LYS B 221 -26.68 -39.16 30.30
CA LYS B 221 -27.68 -40.24 30.19
C LYS B 221 -27.66 -40.81 28.78
N ASP C 3 -4.10 -20.42 -18.11
CA ASP C 3 -3.25 -21.43 -18.73
C ASP C 3 -1.88 -21.50 -18.07
N ILE C 4 -1.31 -20.36 -17.69
CA ILE C 4 -0.07 -20.39 -16.91
C ILE C 4 -0.41 -20.85 -15.51
N GLN C 5 0.25 -21.90 -15.05
CA GLN C 5 -0.15 -22.48 -13.78
C GLN C 5 0.93 -22.27 -12.73
N MET C 6 0.54 -21.65 -11.62
CA MET C 6 1.44 -21.39 -10.52
C MET C 6 1.34 -22.49 -9.47
N ILE C 7 2.47 -23.10 -9.16
CA ILE C 7 2.50 -24.22 -8.23
C ILE C 7 3.40 -23.94 -7.05
N GLN C 8 2.77 -23.78 -5.89
CA GLN C 8 3.52 -23.52 -4.67
C GLN C 8 3.83 -24.83 -3.97
N SER C 9 4.92 -24.83 -3.19
CA SER C 9 5.30 -26.00 -2.43
C SER C 9 6.20 -25.57 -1.28
N PRO C 10 5.97 -26.13 -0.08
CA PRO C 10 4.84 -27.00 0.26
C PRO C 10 3.54 -26.23 0.40
N SER C 11 2.41 -26.93 0.40
CA SER C 11 1.12 -26.30 0.63
C SER C 11 1.00 -25.81 2.07
N SER C 12 1.75 -26.45 2.97
CA SER C 12 1.83 -25.98 4.35
C SER C 12 3.13 -26.45 5.01
N LEU C 13 3.56 -25.73 6.03
CA LEU C 13 4.77 -26.09 6.76
C LEU C 13 4.68 -25.61 8.20
N SER C 14 5.42 -26.26 9.08
CA SER C 14 5.43 -25.88 10.49
C SER C 14 6.77 -25.27 10.85
N ALA C 15 6.72 -24.20 11.63
CA ALA C 15 7.94 -23.50 12.00
C ALA C 15 7.82 -22.80 13.34
N SER C 16 8.91 -22.82 14.11
CA SER C 16 8.98 -22.13 15.37
C SER C 16 9.35 -20.66 15.13
N VAL C 17 8.98 -19.79 16.06
CA VAL C 17 9.35 -18.38 15.96
C VAL C 17 10.87 -18.24 15.91
N GLY C 18 11.37 -17.45 14.97
CA GLY C 18 12.81 -17.28 14.78
C GLY C 18 13.46 -18.13 13.70
N ASP C 19 12.68 -19.03 13.09
CA ASP C 19 13.19 -19.90 12.03
C ASP C 19 13.36 -19.18 10.68
N ARG C 20 14.22 -19.71 9.81
CA ARG C 20 14.23 -19.27 8.40
C ARG C 20 13.37 -20.19 7.54
N VAL C 21 12.16 -19.75 7.25
CA VAL C 21 11.24 -20.44 6.36
C VAL C 21 11.51 -20.15 4.88
N THR C 22 11.33 -21.16 4.02
CA THR C 22 11.45 -20.96 2.58
C THR C 22 10.23 -21.55 1.86
N ILE C 23 9.63 -20.73 0.99
CA ILE C 23 8.44 -21.11 0.24
C ILE C 23 8.73 -21.04 -1.26
N THR C 24 8.50 -22.14 -1.97
CA THR C 24 8.78 -22.16 -3.42
C THR C 24 7.55 -21.94 -4.29
N CYS C 25 7.78 -21.54 -5.54
CA CYS C 25 6.71 -21.23 -6.48
C CYS C 25 7.13 -21.52 -7.93
N GLN C 26 6.57 -22.58 -8.49
CA GLN C 26 6.82 -22.92 -9.90
C GLN C 26 5.79 -22.35 -10.88
N ALA C 27 6.29 -21.82 -12.00
CA ALA C 27 5.42 -21.39 -13.10
C ALA C 27 5.58 -22.34 -14.29
N SER C 28 4.48 -22.63 -14.98
CA SER C 28 4.50 -23.56 -16.11
C SER C 28 5.23 -23.00 -17.32
N GLN C 29 5.29 -21.68 -17.41
CA GLN C 29 5.99 -21.01 -18.51
C GLN C 29 6.95 -19.96 -17.95
N ASP C 30 7.93 -19.56 -18.75
CA ASP C 30 8.90 -18.56 -18.31
C ASP C 30 8.21 -17.20 -18.19
N ILE C 31 8.18 -16.64 -16.98
CA ILE C 31 7.52 -15.36 -16.73
C ILE C 31 8.51 -14.27 -16.34
N SER C 32 9.79 -14.50 -16.63
CA SER C 32 10.87 -13.58 -16.26
C SER C 32 10.87 -13.35 -14.75
N ASN C 33 10.75 -12.09 -14.34
CA ASN C 33 10.60 -11.77 -12.93
C ASN C 33 9.25 -11.09 -12.66
N TYR C 34 8.31 -11.30 -13.57
CA TYR C 34 6.97 -10.74 -13.42
C TYR C 34 6.13 -11.54 -12.44
N LEU C 35 6.44 -11.40 -11.16
CA LEU C 35 5.79 -12.22 -10.14
C LEU C 35 5.66 -11.46 -8.82
N ASN C 36 4.51 -11.63 -8.18
CA ASN C 36 4.23 -10.96 -6.92
C ASN C 36 3.92 -11.96 -5.82
N TRP C 37 4.45 -11.72 -4.63
CA TRP C 37 4.05 -12.49 -3.44
C TRP C 37 3.08 -11.69 -2.59
N TYR C 38 2.10 -12.39 -2.02
CA TYR C 38 1.12 -11.76 -1.14
C TYR C 38 1.04 -12.50 0.18
N GLN C 39 0.57 -11.81 1.22
CA GLN C 39 0.32 -12.43 2.50
C GLN C 39 -1.14 -12.27 2.86
N GLN C 40 -1.82 -13.37 3.17
CA GLN C 40 -3.19 -13.29 3.65
C GLN C 40 -3.36 -13.96 5.01
N LYS C 41 -3.63 -13.17 6.02
CA LYS C 41 -4.02 -13.72 7.31
C LYS C 41 -5.52 -13.98 7.29
N PRO C 42 -5.99 -14.93 8.12
CA PRO C 42 -7.41 -15.29 8.06
C PRO C 42 -8.35 -14.13 8.38
N GLY C 43 -9.45 -14.02 7.64
CA GLY C 43 -10.42 -12.98 7.86
C GLY C 43 -10.08 -11.65 7.21
N ARG C 44 -8.89 -11.57 6.60
CA ARG C 44 -8.44 -10.31 6.02
C ARG C 44 -8.06 -10.42 4.54
N ALA C 45 -8.02 -9.26 3.88
CA ALA C 45 -7.59 -9.19 2.50
C ALA C 45 -6.08 -9.40 2.39
N PRO C 46 -5.62 -9.96 1.26
CA PRO C 46 -4.16 -10.11 1.09
C PRO C 46 -3.47 -8.76 0.91
N LYS C 47 -2.20 -8.69 1.30
CA LYS C 47 -1.41 -7.49 1.07
C LYS C 47 -0.13 -7.87 0.32
N VAL C 48 0.34 -6.96 -0.52
CA VAL C 48 1.53 -7.20 -1.33
C VAL C 48 2.78 -7.29 -0.46
N LEU C 49 3.61 -8.29 -0.73
CA LEU C 49 4.89 -8.40 -0.05
C LEU C 49 6.02 -8.02 -0.99
N ILE C 50 5.98 -8.55 -2.21
CA ILE C 50 7.09 -8.39 -3.14
C ILE C 50 6.66 -8.12 -4.58
N TYR C 51 7.30 -7.13 -5.21
CA TYR C 51 7.14 -6.85 -6.63
C TYR C 51 8.41 -7.32 -7.34
N ASP C 52 8.29 -7.65 -8.63
CA ASP C 52 9.44 -7.96 -9.47
C ASP C 52 10.24 -9.14 -8.92
N ALA C 53 9.54 -10.02 -8.19
CA ALA C 53 10.11 -11.25 -7.64
C ALA C 53 11.09 -11.02 -6.49
N SER C 54 11.71 -9.84 -6.43
CA SER C 54 12.72 -9.60 -5.38
C SER C 54 12.60 -8.28 -4.62
N ASN C 55 11.77 -7.35 -5.10
CA ASN C 55 11.69 -6.03 -4.47
C ASN C 55 10.62 -5.98 -3.38
N LEU C 56 11.04 -5.60 -2.18
CA LEU C 56 10.11 -5.44 -1.06
C LEU C 56 9.15 -4.27 -1.30
N GLU C 57 7.90 -4.44 -0.92
CA GLU C 57 6.95 -3.34 -0.93
C GLU C 57 7.26 -2.41 0.23
N THR C 58 7.00 -1.11 0.04
CA THR C 58 7.18 -0.12 1.09
C THR C 58 6.48 -0.54 2.39
N GLY C 59 7.27 -0.77 3.43
CA GLY C 59 6.71 -1.06 4.73
C GLY C 59 6.97 -2.50 5.15
N VAL C 60 7.25 -3.35 4.17
CA VAL C 60 7.51 -4.76 4.45
C VAL C 60 8.88 -4.91 5.10
N PRO C 61 8.95 -5.67 6.20
CA PRO C 61 10.22 -5.90 6.92
C PRO C 61 11.26 -6.57 6.03
N SER C 62 12.54 -6.28 6.29
CA SER C 62 13.62 -6.85 5.49
C SER C 62 13.88 -8.31 5.82
N ARG C 63 13.11 -8.85 6.76
CA ARG C 63 13.15 -10.27 7.06
C ARG C 63 12.66 -11.07 5.86
N PHE C 64 11.81 -10.44 5.04
CA PHE C 64 11.34 -11.05 3.80
C PHE C 64 12.31 -10.78 2.65
N SER C 65 12.48 -11.76 1.78
CA SER C 65 13.23 -11.58 0.55
C SER C 65 12.78 -12.59 -0.48
N GLY C 66 12.58 -12.13 -1.71
CA GLY C 66 12.28 -13.03 -2.81
C GLY C 66 13.41 -13.11 -3.80
N SER C 67 13.50 -14.23 -4.51
CA SER C 67 14.51 -14.42 -5.54
C SER C 67 14.02 -15.44 -6.54
N GLY C 68 14.78 -15.64 -7.61
CA GLY C 68 14.41 -16.58 -8.65
C GLY C 68 14.01 -15.84 -9.90
N SER C 69 14.02 -16.56 -11.02
CA SER C 69 13.65 -15.97 -12.30
C SER C 69 13.20 -17.04 -13.27
N GLY C 70 12.29 -16.67 -14.17
CA GLY C 70 11.83 -17.59 -15.19
C GLY C 70 10.66 -18.43 -14.75
N THR C 71 10.96 -19.58 -14.15
CA THR C 71 9.94 -20.55 -13.78
C THR C 71 10.07 -21.02 -12.34
N GLU C 72 11.12 -20.58 -11.65
CA GLU C 72 11.30 -21.00 -10.27
C GLU C 72 11.55 -19.77 -9.38
N PHE C 73 10.80 -19.71 -8.27
CA PHE C 73 10.82 -18.54 -7.40
C PHE C 73 10.74 -18.96 -5.94
N THR C 74 11.32 -18.15 -5.05
CA THR C 74 11.23 -18.40 -3.62
C THR C 74 10.92 -17.16 -2.80
N LEU C 75 10.30 -17.40 -1.65
CA LEU C 75 10.04 -16.36 -0.66
C LEU C 75 10.61 -16.88 0.65
N THR C 76 11.72 -16.29 1.07
CA THR C 76 12.35 -16.69 2.32
C THR C 76 11.90 -15.77 3.44
N ILE C 77 11.63 -16.33 4.62
CA ILE C 77 11.26 -15.54 5.77
C ILE C 77 12.23 -15.79 6.92
N SER C 78 13.23 -14.93 7.03
CA SER C 78 14.20 -15.02 8.12
C SER C 78 13.58 -14.48 9.40
N ASN C 79 14.08 -14.96 10.54
CA ASN C 79 13.66 -14.46 11.85
C ASN C 79 12.13 -14.48 11.98
N LEU C 80 11.56 -15.68 11.91
CA LEU C 80 10.12 -15.84 11.86
C LEU C 80 9.48 -15.19 13.08
N ARG C 81 8.41 -14.44 12.83
CA ARG C 81 7.71 -13.71 13.87
C ARG C 81 6.26 -14.19 13.94
N PRO C 82 5.60 -13.99 15.10
CA PRO C 82 4.23 -14.48 15.29
C PRO C 82 3.24 -13.99 14.24
N ASP C 83 3.44 -12.77 13.74
CA ASP C 83 2.52 -12.23 12.75
C ASP C 83 2.78 -12.81 11.36
N ASP C 84 3.89 -13.52 11.21
CA ASP C 84 4.22 -14.13 9.93
C ASP C 84 3.46 -15.43 9.67
N PHE C 85 2.83 -15.97 10.71
CA PHE C 85 1.97 -17.13 10.53
C PHE C 85 0.72 -16.72 9.76
N ALA C 86 0.66 -17.17 8.50
CA ALA C 86 -0.38 -16.73 7.57
C ALA C 86 -0.32 -17.57 6.30
N THR C 87 -1.17 -17.27 5.34
CA THR C 87 -1.10 -17.92 4.04
C THR C 87 -0.41 -17.02 3.02
N TYR C 88 0.50 -17.61 2.25
CA TYR C 88 1.26 -16.87 1.26
C TYR C 88 0.93 -17.33 -0.16
N TYR C 89 0.74 -16.36 -1.06
CA TYR C 89 0.38 -16.64 -2.44
C TYR C 89 1.37 -16.00 -3.41
N CYS C 90 1.78 -16.76 -4.43
CA CYS C 90 2.48 -16.15 -5.56
C CYS C 90 1.48 -15.89 -6.67
N GLN C 91 1.83 -14.97 -7.57
CA GLN C 91 0.96 -14.60 -8.69
C GLN C 91 1.76 -14.08 -9.87
N GLN C 92 1.52 -14.64 -11.05
CA GLN C 92 2.16 -14.14 -12.26
C GLN C 92 1.29 -13.10 -12.94
N GLY C 93 1.92 -12.09 -13.52
CA GLY C 93 1.21 -11.01 -14.20
C GLY C 93 1.75 -10.86 -15.60
N ASP C 94 2.33 -11.94 -16.10
CA ASP C 94 2.92 -11.96 -17.43
C ASP C 94 1.88 -12.01 -18.55
N SER C 95 0.81 -12.78 -18.35
CA SER C 95 -0.21 -12.91 -19.39
C SER C 95 -1.55 -13.38 -18.88
N PHE C 96 -2.60 -13.06 -19.62
CA PHE C 96 -3.95 -13.42 -19.25
C PHE C 96 -4.19 -14.91 -19.48
N PRO C 97 -5.04 -15.53 -18.64
CA PRO C 97 -5.57 -14.93 -17.40
C PRO C 97 -4.52 -14.83 -16.30
N LEU C 98 -4.64 -13.85 -15.43
CA LEU C 98 -3.75 -13.74 -14.27
C LEU C 98 -4.01 -14.89 -13.32
N THR C 99 -2.96 -15.57 -12.91
CA THR C 99 -3.11 -16.76 -12.08
C THR C 99 -2.32 -16.66 -10.77
N PHE C 100 -2.94 -17.16 -9.70
CA PHE C 100 -2.30 -17.21 -8.39
C PHE C 100 -1.87 -18.64 -8.08
N GLY C 101 -0.95 -18.81 -7.15
CA GLY C 101 -0.57 -20.13 -6.71
C GLY C 101 -1.58 -20.66 -5.71
N GLY C 102 -1.45 -21.93 -5.34
CA GLY C 102 -2.42 -22.56 -4.46
C GLY C 102 -2.35 -22.10 -3.03
N GLY C 103 -1.23 -21.47 -2.66
CA GLY C 103 -1.05 -20.94 -1.33
C GLY C 103 -0.20 -21.81 -0.41
N THR C 104 0.58 -21.16 0.44
CA THR C 104 1.34 -21.84 1.47
C THR C 104 0.98 -21.33 2.86
N LYS C 105 0.46 -22.23 3.69
CA LYS C 105 0.09 -21.90 5.05
C LYS C 105 1.24 -22.16 6.02
N VAL C 106 1.79 -21.10 6.59
CA VAL C 106 2.84 -21.27 7.60
C VAL C 106 2.15 -21.37 8.95
N GLU C 107 2.49 -22.40 9.71
CA GLU C 107 1.83 -22.67 10.98
C GLU C 107 2.84 -22.91 12.10
N ILE C 108 2.38 -22.75 13.33
CA ILE C 108 3.24 -22.85 14.51
C ILE C 108 3.59 -24.29 14.81
N LYS C 109 4.88 -24.58 14.92
CA LYS C 109 5.33 -25.94 15.18
C LYS C 109 5.14 -26.27 16.65
N ARG C 110 4.77 -27.51 16.92
CA ARG C 110 4.36 -27.93 18.25
C ARG C 110 4.81 -29.37 18.44
N ALA C 111 4.94 -29.81 19.70
CA ALA C 111 5.20 -31.22 19.97
C ALA C 111 3.98 -32.04 19.56
N ALA C 112 4.20 -33.26 19.10
CA ALA C 112 3.08 -34.11 18.67
C ALA C 112 2.17 -34.41 19.85
N ALA C 113 0.86 -34.41 19.60
CA ALA C 113 -0.13 -34.64 20.65
C ALA C 113 -1.30 -35.43 20.10
N ALA C 114 -1.56 -36.58 20.71
CA ALA C 114 -2.66 -37.45 20.28
C ALA C 114 -4.02 -36.86 20.64
N PRO C 115 -4.99 -37.01 19.73
CA PRO C 115 -6.36 -36.53 19.99
C PRO C 115 -7.05 -37.28 21.12
N SER C 116 -7.92 -36.59 21.84
CA SER C 116 -8.81 -37.26 22.78
C SER C 116 -10.13 -37.49 22.09
N VAL C 117 -10.42 -38.75 21.77
CA VAL C 117 -11.61 -39.10 21.01
C VAL C 117 -12.84 -39.24 21.89
N PHE C 118 -13.96 -38.67 21.43
CA PHE C 118 -15.24 -38.80 22.11
C PHE C 118 -16.34 -39.01 21.07
N ILE C 119 -17.29 -39.88 21.38
CA ILE C 119 -18.40 -40.11 20.46
C ILE C 119 -19.72 -39.69 21.10
N PHE C 120 -20.62 -39.15 20.28
CA PHE C 120 -21.89 -38.65 20.78
C PHE C 120 -23.06 -39.19 19.99
N PRO C 121 -23.84 -40.07 20.62
CA PRO C 121 -25.09 -40.62 20.07
C PRO C 121 -26.12 -39.52 19.89
N PRO C 122 -27.06 -39.69 18.94
CA PRO C 122 -28.12 -38.70 18.74
C PRO C 122 -28.98 -38.56 19.99
N SER C 123 -29.42 -37.34 20.26
CA SER C 123 -30.30 -37.07 21.40
C SER C 123 -31.71 -37.57 21.10
N ASP C 124 -32.47 -37.86 22.15
CA ASP C 124 -33.85 -38.31 21.96
C ASP C 124 -34.72 -37.17 21.45
N GLU C 125 -34.29 -35.93 21.70
CA GLU C 125 -35.00 -34.77 21.21
C GLU C 125 -34.76 -34.55 19.72
N GLN C 126 -33.59 -34.95 19.23
CA GLN C 126 -33.32 -34.89 17.80
C GLN C 126 -34.06 -35.98 17.05
N LEU C 127 -34.20 -37.13 17.70
CA LEU C 127 -34.81 -38.29 17.08
C LEU C 127 -36.30 -38.05 16.83
N LYS C 128 -36.94 -37.35 17.77
CA LYS C 128 -38.36 -37.03 17.64
C LYS C 128 -38.63 -36.03 16.52
N SER C 129 -37.55 -35.48 15.95
CA SER C 129 -37.65 -34.57 14.81
C SER C 129 -37.53 -35.31 13.47
N GLY C 130 -37.12 -36.56 13.52
CA GLY C 130 -37.08 -37.40 12.33
C GLY C 130 -35.69 -37.57 11.73
N THR C 131 -34.75 -36.75 12.18
CA THR C 131 -33.35 -36.90 11.77
C THR C 131 -32.49 -37.38 12.92
N ALA C 132 -31.24 -37.73 12.61
CA ALA C 132 -30.30 -38.18 13.62
C ALA C 132 -28.87 -37.76 13.26
N SER C 133 -28.10 -37.38 14.28
CA SER C 133 -26.72 -36.97 14.07
C SER C 133 -25.80 -37.64 15.08
N VAL C 134 -24.75 -38.30 14.57
CA VAL C 134 -23.73 -38.87 15.43
C VAL C 134 -22.46 -38.04 15.31
N VAL C 135 -22.08 -37.38 16.39
CA VAL C 135 -20.89 -36.53 16.38
C VAL C 135 -19.64 -37.23 16.94
N CYS C 136 -18.53 -37.08 16.20
CA CYS C 136 -17.22 -37.58 16.64
C CYS C 136 -16.29 -36.40 16.90
N LEU C 137 -15.79 -36.30 18.13
CA LEU C 137 -14.90 -35.21 18.53
C LEU C 137 -13.43 -35.62 18.59
N LEU C 138 -12.56 -34.87 17.92
CA LEU C 138 -11.12 -35.06 18.08
C LEU C 138 -10.58 -33.84 18.82
N ASN C 139 -10.02 -34.05 20.01
CA ASN C 139 -9.72 -32.93 20.89
C ASN C 139 -8.23 -32.70 21.06
N ASN C 140 -7.80 -31.45 20.84
CA ASN C 140 -6.45 -30.99 21.17
C ASN C 140 -5.33 -31.89 20.63
N PHE C 141 -5.17 -31.91 19.32
CA PHE C 141 -4.16 -32.76 18.70
C PHE C 141 -3.20 -31.95 17.81
N TYR C 142 -2.00 -32.50 17.62
CA TYR C 142 -1.03 -31.93 16.68
C TYR C 142 -0.20 -33.07 16.10
N PRO C 143 0.08 -33.03 14.79
CA PRO C 143 -0.27 -32.00 13.80
C PRO C 143 -1.72 -32.06 13.29
N ARG C 144 -2.00 -31.18 12.33
CA ARG C 144 -3.34 -30.96 11.80
C ARG C 144 -3.89 -32.20 11.07
N GLU C 145 -2.98 -33.03 10.56
CA GLU C 145 -3.38 -34.17 9.75
C GLU C 145 -3.92 -35.33 10.59
N ALA C 146 -5.21 -35.60 10.42
CA ALA C 146 -5.88 -36.71 11.07
C ALA C 146 -6.97 -37.28 10.17
N LYS C 147 -7.14 -38.60 10.19
CA LYS C 147 -8.18 -39.22 9.37
C LYS C 147 -9.26 -39.75 10.31
N VAL C 148 -10.52 -39.59 9.90
CA VAL C 148 -11.64 -40.06 10.71
C VAL C 148 -12.55 -40.91 9.83
N GLN C 149 -12.90 -42.08 10.32
CA GLN C 149 -13.68 -43.00 9.51
C GLN C 149 -14.85 -43.60 10.29
N TRP C 150 -16.06 -43.45 9.75
CA TRP C 150 -17.24 -44.05 10.37
C TRP C 150 -17.46 -45.48 9.89
N LYS C 151 -17.95 -46.33 10.80
CA LYS C 151 -18.37 -47.68 10.44
C LYS C 151 -19.60 -48.07 11.26
N VAL C 152 -20.76 -47.95 10.63
CA VAL C 152 -22.00 -48.39 11.23
C VAL C 152 -22.19 -49.90 11.02
N ASP C 153 -22.32 -50.65 12.11
CA ASP C 153 -22.35 -52.10 12.08
C ASP C 153 -21.26 -52.70 11.19
N ASN C 154 -20.06 -52.12 11.30
CA ASN C 154 -18.87 -52.58 10.58
C ASN C 154 -18.99 -52.29 9.09
N ALA C 155 -19.79 -51.30 8.73
CA ALA C 155 -19.92 -50.92 7.34
C ALA C 155 -19.37 -49.52 7.14
N LEU C 156 -18.26 -49.44 6.44
CA LEU C 156 -17.58 -48.19 6.14
C LEU C 156 -18.51 -47.24 5.39
N GLN C 157 -18.88 -46.14 6.05
CA GLN C 157 -19.77 -45.16 5.43
C GLN C 157 -19.00 -44.21 4.54
N SER C 158 -19.71 -43.56 3.63
CA SER C 158 -19.13 -42.55 2.78
C SER C 158 -20.19 -41.60 2.22
N GLY C 159 -19.85 -40.31 2.14
CA GLY C 159 -20.74 -39.33 1.56
C GLY C 159 -21.78 -38.77 2.53
N ASN C 160 -21.81 -39.27 3.75
CA ASN C 160 -22.80 -38.85 4.74
C ASN C 160 -22.20 -38.34 6.04
N SER C 161 -21.06 -37.64 5.94
CA SER C 161 -20.42 -37.08 7.12
C SER C 161 -19.67 -35.81 6.75
N GLN C 162 -19.60 -34.87 7.69
CA GLN C 162 -18.89 -33.63 7.45
C GLN C 162 -17.87 -33.34 8.55
N GLU C 163 -16.64 -33.06 8.14
CA GLU C 163 -15.61 -32.64 9.09
C GLU C 163 -15.64 -31.13 9.28
N SER C 164 -15.09 -30.67 10.39
CA SER C 164 -14.94 -29.24 10.65
C SER C 164 -13.79 -29.02 11.62
N VAL C 165 -12.78 -28.28 11.19
CA VAL C 165 -11.58 -28.06 12.00
C VAL C 165 -11.48 -26.63 12.54
N THR C 166 -11.13 -26.51 13.81
CA THR C 166 -10.85 -25.22 14.42
C THR C 166 -9.49 -24.70 13.98
N GLU C 167 -9.30 -23.38 14.02
CA GLU C 167 -7.97 -22.81 13.80
C GLU C 167 -7.07 -23.19 14.97
N GLN C 168 -5.77 -23.18 14.74
CA GLN C 168 -4.80 -23.60 15.74
C GLN C 168 -4.94 -22.76 17.00
N ASP C 169 -4.94 -23.43 18.15
CA ASP C 169 -5.20 -22.79 19.43
C ASP C 169 -4.11 -21.80 19.82
N SER C 170 -4.50 -20.72 20.47
CA SER C 170 -3.58 -19.65 20.83
C SER C 170 -2.86 -19.91 22.15
N LYS C 171 -3.25 -20.98 22.83
CA LYS C 171 -2.59 -21.34 24.09
C LYS C 171 -1.66 -22.55 23.93
N ASP C 172 -2.18 -23.67 23.41
CA ASP C 172 -1.35 -24.86 23.25
C ASP C 172 -1.06 -25.24 21.80
N SER C 173 -1.47 -24.38 20.86
CA SER C 173 -1.23 -24.58 19.43
C SER C 173 -1.71 -25.93 18.88
N THR C 174 -2.85 -26.40 19.38
CA THR C 174 -3.39 -27.67 18.92
C THR C 174 -4.63 -27.42 18.08
N TYR C 175 -5.02 -28.42 17.28
CA TYR C 175 -6.26 -28.36 16.54
C TYR C 175 -7.33 -29.20 17.20
N SER C 176 -8.58 -28.97 16.82
CA SER C 176 -9.69 -29.80 17.24
C SER C 176 -10.61 -30.06 16.07
N LEU C 177 -11.00 -31.31 15.87
CA LEU C 177 -11.84 -31.69 14.74
C LEU C 177 -13.19 -32.25 15.18
N SER C 178 -14.22 -31.99 14.38
CA SER C 178 -15.54 -32.54 14.64
C SER C 178 -16.15 -33.15 13.37
N SER C 179 -16.20 -34.48 13.32
CA SER C 179 -16.89 -35.17 12.25
C SER C 179 -18.34 -35.35 12.66
N THR C 180 -19.25 -35.31 11.69
CA THR C 180 -20.67 -35.43 12.00
C THR C 180 -21.39 -36.34 11.00
N LEU C 181 -21.82 -37.48 11.50
CA LEU C 181 -22.57 -38.45 10.71
C LEU C 181 -24.07 -38.14 10.74
N THR C 182 -24.60 -37.66 9.62
CA THR C 182 -26.02 -37.37 9.50
C THR C 182 -26.79 -38.52 8.89
N LEU C 183 -27.95 -38.83 9.47
CA LEU C 183 -28.82 -39.89 8.96
C LEU C 183 -30.30 -39.61 9.19
N SER C 184 -31.13 -40.27 8.41
CA SER C 184 -32.56 -40.26 8.63
C SER C 184 -32.83 -41.13 9.85
N LYS C 185 -33.95 -40.90 10.52
CA LYS C 185 -34.27 -41.69 11.70
C LYS C 185 -34.48 -43.13 11.29
N ALA C 186 -34.95 -43.35 10.06
CA ALA C 186 -35.20 -44.69 9.54
C ALA C 186 -33.91 -45.52 9.44
N ASP C 187 -32.80 -44.88 9.09
CA ASP C 187 -31.54 -45.59 8.95
C ASP C 187 -30.83 -45.77 10.30
N TYR C 188 -31.10 -44.88 11.24
CA TYR C 188 -30.48 -45.01 12.55
C TYR C 188 -31.04 -46.20 13.33
N GLU C 189 -32.35 -46.42 13.25
CA GLU C 189 -32.95 -47.52 13.99
C GLU C 189 -32.67 -48.87 13.31
N LYS C 190 -32.48 -48.84 12.00
CA LYS C 190 -32.14 -50.05 11.23
C LYS C 190 -30.85 -50.74 11.70
N HIS C 191 -29.98 -50.01 12.38
CA HIS C 191 -28.65 -50.51 12.69
C HIS C 191 -28.32 -50.52 14.18
N LYS C 192 -27.21 -51.16 14.53
CA LYS C 192 -26.86 -51.52 15.90
C LYS C 192 -25.70 -50.72 16.48
N LEU C 193 -24.52 -51.01 15.95
CA LEU C 193 -23.25 -50.47 16.44
C LEU C 193 -22.81 -49.23 15.69
N TYR C 194 -22.38 -48.21 16.43
CA TYR C 194 -21.96 -46.97 15.81
C TYR C 194 -20.55 -46.61 16.26
N ALA C 195 -19.58 -47.07 15.47
CA ALA C 195 -18.16 -46.87 15.78
C ALA C 195 -17.56 -45.66 15.08
N CYS C 196 -16.43 -45.19 15.59
CA CYS C 196 -15.73 -44.04 15.03
C CYS C 196 -14.21 -44.23 15.09
N GLU C 197 -13.64 -44.76 14.01
CA GLU C 197 -12.19 -44.99 13.92
C GLU C 197 -11.41 -43.70 13.70
N VAL C 198 -10.32 -43.54 14.44
CA VAL C 198 -9.51 -42.32 14.36
C VAL C 198 -8.01 -42.63 14.28
N THR C 199 -7.40 -42.37 13.13
CA THR C 199 -5.95 -42.54 12.98
C THR C 199 -5.22 -41.20 13.10
N HIS C 200 -4.13 -41.20 13.85
CA HIS C 200 -3.31 -40.01 14.02
C HIS C 200 -1.88 -40.39 14.39
N GLN C 201 -0.94 -39.48 14.11
CA GLN C 201 0.48 -39.72 14.38
C GLN C 201 0.74 -39.96 15.87
N GLY C 202 -0.07 -39.34 16.71
CA GLY C 202 0.05 -39.50 18.16
C GLY C 202 -0.43 -40.85 18.66
N LEU C 203 -1.24 -41.52 17.85
CA LEU C 203 -1.76 -42.84 18.19
C LEU C 203 -0.94 -43.97 17.57
N SER C 204 -0.59 -44.98 18.36
CA SER C 204 0.17 -46.12 17.87
C SER C 204 -0.68 -46.97 16.92
N SER C 205 -1.98 -47.00 17.17
CA SER C 205 -2.94 -47.67 16.32
C SER C 205 -4.17 -46.79 16.24
N PRO C 206 -5.01 -46.97 15.20
CA PRO C 206 -6.24 -46.17 15.16
C PRO C 206 -7.13 -46.45 16.37
N VAL C 207 -7.67 -45.40 16.97
CA VAL C 207 -8.52 -45.54 18.13
C VAL C 207 -9.99 -45.47 17.73
N THR C 208 -10.78 -46.41 18.23
CA THR C 208 -12.20 -46.46 17.90
C THR C 208 -13.03 -46.24 19.15
N LYS C 209 -14.04 -45.40 19.01
CA LYS C 209 -15.03 -45.19 20.06
C LYS C 209 -16.38 -45.61 19.51
N SER C 210 -17.20 -46.26 20.33
CA SER C 210 -18.47 -46.77 19.83
C SER C 210 -19.54 -46.91 20.89
N PHE C 211 -20.75 -47.16 20.42
CA PHE C 211 -21.90 -47.37 21.28
C PHE C 211 -22.94 -48.20 20.53
N ASN C 212 -23.92 -48.70 21.26
CA ASN C 212 -25.04 -49.40 20.65
C ASN C 212 -26.30 -48.63 20.97
N ARG C 213 -27.26 -48.60 20.04
CA ARG C 213 -28.53 -47.96 20.35
C ARG C 213 -29.14 -48.60 21.59
N GLY C 214 -29.72 -47.77 22.45
CA GLY C 214 -30.35 -48.28 23.65
C GLY C 214 -29.39 -48.21 24.82
N GLY D 1 34.88 -18.50 2.53
CA GLY D 1 33.51 -18.37 2.04
C GLY D 1 32.69 -17.47 2.94
N CYS D 2 32.07 -18.06 3.96
CA CYS D 2 31.31 -17.31 4.95
C CYS D 2 32.25 -16.56 5.89
N ARG D 3 33.51 -16.96 5.85
CA ARG D 3 34.55 -16.41 6.70
C ARG D 3 35.26 -15.21 6.08
N HIS D 4 34.69 -14.72 4.98
CA HIS D 4 35.19 -13.50 4.35
C HIS D 4 34.98 -12.26 5.24
N PHE D 5 33.80 -12.19 5.85
CA PHE D 5 33.42 -11.02 6.62
C PHE D 5 34.20 -10.95 7.92
N GLN D 6 34.69 -9.76 8.26
CA GLN D 6 35.63 -9.62 9.37
C GLN D 6 35.02 -8.89 10.55
N SER D 7 34.08 -7.99 10.31
CA SER D 7 33.41 -7.31 11.40
C SER D 7 32.03 -7.91 11.65
N CYS D 8 31.51 -7.72 12.86
CA CYS D 8 30.21 -8.25 13.24
C CYS D 8 29.08 -7.66 12.40
N SER D 9 29.20 -6.39 12.06
CA SER D 9 28.18 -5.71 11.27
C SER D 9 28.16 -6.20 9.83
N GLN D 10 29.33 -6.37 9.24
CA GLN D 10 29.44 -6.87 7.88
C GLN D 10 28.95 -8.31 7.83
N CYS D 11 29.16 -9.04 8.91
CA CYS D 11 28.77 -10.44 9.01
C CYS D 11 27.25 -10.61 8.96
N LEU D 12 26.54 -9.75 9.70
CA LEU D 12 25.08 -9.85 9.73
C LEU D 12 24.45 -9.13 8.54
N SER D 13 25.29 -8.43 7.78
CA SER D 13 24.85 -7.80 6.54
C SER D 13 25.04 -8.76 5.36
N ALA D 14 25.66 -9.90 5.63
CA ALA D 14 25.92 -10.90 4.61
C ALA D 14 24.62 -11.41 4.03
N PRO D 15 24.63 -11.80 2.74
CA PRO D 15 23.39 -12.24 2.10
C PRO D 15 22.79 -13.45 2.82
N PRO D 16 21.46 -13.51 2.90
CA PRO D 16 20.75 -14.50 3.72
C PRO D 16 21.12 -15.94 3.38
N PHE D 17 21.38 -16.24 2.12
CA PHE D 17 21.62 -17.62 1.70
C PHE D 17 22.88 -18.23 2.28
N VAL D 18 23.86 -17.38 2.61
CA VAL D 18 25.11 -17.87 3.19
C VAL D 18 24.88 -18.37 4.61
N GLN D 19 23.82 -17.84 5.23
CA GLN D 19 23.38 -18.21 6.58
C GLN D 19 24.50 -17.97 7.58
N CYS D 20 24.97 -16.73 7.65
CA CYS D 20 26.09 -16.38 8.50
C CYS D 20 25.67 -15.82 9.85
N GLY D 21 26.51 -16.06 10.85
CA GLY D 21 26.31 -15.49 12.17
C GLY D 21 27.65 -15.10 12.76
N TRP D 22 27.62 -14.40 13.90
CA TRP D 22 28.85 -13.91 14.50
C TRP D 22 29.18 -14.69 15.78
N CYS D 23 30.39 -15.24 15.82
CA CYS D 23 30.82 -16.10 16.92
C CYS D 23 31.96 -15.45 17.67
N HIS D 24 31.62 -14.42 18.44
CA HIS D 24 32.59 -13.64 19.22
C HIS D 24 33.56 -12.89 18.32
N ASP D 25 34.39 -13.61 17.59
CA ASP D 25 35.43 -12.96 16.81
C ASP D 25 35.51 -13.37 15.34
N LYS D 26 34.54 -14.14 14.88
CA LYS D 26 34.54 -14.60 13.49
C LYS D 26 33.15 -14.69 12.89
N CYS D 27 33.06 -14.40 11.59
CA CYS D 27 31.82 -14.62 10.86
C CYS D 27 31.82 -16.06 10.38
N VAL D 28 30.87 -16.84 10.90
CA VAL D 28 30.89 -18.30 10.80
C VAL D 28 29.46 -18.85 10.89
N ARG D 29 29.21 -20.00 10.28
CA ARG D 29 27.91 -20.67 10.41
C ARG D 29 27.74 -21.33 11.77
N SER D 30 26.49 -21.50 12.19
CA SER D 30 26.17 -21.96 13.53
C SER D 30 26.59 -23.40 13.79
N GLU D 31 26.63 -24.22 12.75
CA GLU D 31 27.01 -25.63 12.91
C GLU D 31 28.48 -25.79 13.32
N GLU D 32 29.27 -24.75 13.12
CA GLU D 32 30.69 -24.82 13.42
C GLU D 32 31.13 -23.77 14.45
N CYS D 33 30.18 -23.26 15.22
CA CYS D 33 30.45 -22.31 16.30
C CYS D 33 30.76 -23.06 17.60
N LEU D 34 31.88 -22.74 18.24
CA LEU D 34 32.34 -23.51 19.40
C LEU D 34 32.07 -22.85 20.77
N SER D 35 31.60 -21.60 20.77
CA SER D 35 30.99 -21.02 21.97
C SER D 35 29.50 -20.79 21.77
N GLY D 36 28.77 -20.64 22.87
CA GLY D 36 27.35 -20.38 22.78
C GLY D 36 27.07 -18.90 22.61
N THR D 37 27.85 -18.26 21.73
CA THR D 37 27.78 -16.81 21.56
C THR D 37 27.39 -16.44 20.13
N TRP D 38 27.03 -17.44 19.34
CA TRP D 38 26.63 -17.24 17.95
C TRP D 38 25.36 -16.41 17.88
N THR D 39 25.34 -15.42 16.98
CA THR D 39 24.17 -14.56 16.85
C THR D 39 24.03 -14.00 15.45
N GLN D 40 22.80 -13.61 15.11
CA GLN D 40 22.52 -12.98 13.82
C GLN D 40 21.86 -11.63 14.05
N GLN D 41 21.84 -11.18 15.30
CA GLN D 41 21.12 -9.95 15.64
C GLN D 41 21.93 -9.00 16.53
N ILE D 42 22.70 -9.56 17.47
CA ILE D 42 23.37 -8.73 18.48
C ILE D 42 24.78 -8.29 18.08
N CYS D 43 25.02 -6.99 18.16
CA CYS D 43 26.32 -6.38 17.86
C CYS D 43 26.65 -5.27 18.85
N LEU D 44 27.62 -5.52 19.74
CA LEU D 44 28.02 -4.52 20.74
C LEU D 44 28.97 -3.46 20.16
N PRO D 45 28.75 -2.19 20.55
CA PRO D 45 29.54 -1.06 20.03
C PRO D 45 30.96 -0.98 20.60
N ALA D 46 31.84 -0.28 19.89
CA ALA D 46 33.23 -0.13 20.33
C ALA D 46 33.91 1.07 19.65
N ILE D 47 34.50 1.95 20.45
CA ILE D 47 35.25 3.10 19.94
C ILE D 47 36.77 2.88 20.07
N TYR D 48 37.55 3.35 19.10
CA TYR D 48 39.00 3.33 19.26
C TYR D 48 39.68 4.67 18.95
N LYS D 49 38.99 5.60 18.30
CA LYS D 49 39.56 6.94 18.12
C LYS D 49 38.48 8.01 17.93
N VAL D 50 38.73 9.20 18.49
CA VAL D 50 37.82 10.34 18.36
C VAL D 50 38.58 11.64 18.09
N PHE D 51 38.25 12.30 16.98
CA PHE D 51 38.88 13.57 16.63
C PHE D 51 37.82 14.52 16.07
N PRO D 52 37.90 15.82 16.39
CA PRO D 52 38.84 16.50 17.30
C PRO D 52 38.66 16.18 18.78
N ASN D 53 39.74 16.34 19.53
CA ASN D 53 39.77 16.02 20.96
C ASN D 53 39.02 17.03 21.83
N SER D 54 38.76 18.22 21.30
CA SER D 54 38.14 19.28 22.08
C SER D 54 37.39 20.27 21.20
N ALA D 55 36.47 21.01 21.82
CA ALA D 55 35.66 21.99 21.11
C ALA D 55 35.56 23.30 21.88
N PRO D 56 35.43 24.43 21.16
CA PRO D 56 35.18 25.71 21.84
C PRO D 56 33.82 25.69 22.53
N LEU D 57 33.64 26.50 23.56
CA LEU D 57 32.43 26.48 24.37
C LEU D 57 31.17 26.68 23.53
N GLU D 58 31.30 27.44 22.45
CA GLU D 58 30.18 27.73 21.56
C GLU D 58 29.70 26.48 20.81
N GLY D 59 30.54 25.45 20.77
CA GLY D 59 30.20 24.21 20.10
C GLY D 59 30.08 24.37 18.60
N GLY D 60 29.32 23.47 17.98
CA GLY D 60 29.16 23.49 16.53
C GLY D 60 30.17 22.58 15.89
N THR D 61 31.07 22.05 16.71
CA THR D 61 32.16 21.20 16.26
C THR D 61 31.60 19.85 15.86
N ARG D 62 31.99 19.34 14.69
CA ARG D 62 31.52 18.02 14.32
C ARG D 62 32.58 16.98 14.65
N LEU D 63 32.24 16.04 15.52
CA LEU D 63 33.14 14.98 15.93
C LEU D 63 33.22 13.88 14.88
N THR D 64 34.30 13.11 14.92
CA THR D 64 34.44 11.95 14.04
C THR D 64 34.84 10.76 14.89
N ILE D 65 33.87 9.93 15.21
CA ILE D 65 34.09 8.78 16.09
C ILE D 65 34.27 7.49 15.30
N CYS D 66 35.52 7.06 15.16
CA CYS D 66 35.83 5.81 14.47
C CYS D 66 35.73 4.61 15.41
N GLY D 67 35.27 3.48 14.88
CA GLY D 67 35.08 2.29 15.68
C GLY D 67 34.37 1.18 14.94
N TRP D 68 33.60 0.37 15.68
CA TRP D 68 32.86 -0.73 15.07
C TRP D 68 31.45 -0.92 15.63
N ASP D 69 30.55 -1.36 14.76
CA ASP D 69 29.22 -1.81 15.14
C ASP D 69 28.42 -0.76 15.90
N PHE D 70 28.36 0.45 15.36
CA PHE D 70 27.62 1.53 16.00
C PHE D 70 26.13 1.47 15.66
N GLY D 71 25.77 0.63 14.70
CA GLY D 71 24.39 0.53 14.27
C GLY D 71 23.59 -0.54 15.00
N PHE D 72 22.37 -0.74 14.53
CA PHE D 72 21.43 -1.64 15.18
C PHE D 72 20.60 -2.36 14.12
N ARG D 73 20.64 -3.69 14.13
CA ARG D 73 19.94 -4.45 13.11
C ARG D 73 18.45 -4.57 13.43
N ARG D 74 17.66 -3.67 12.85
CA ARG D 74 16.21 -3.72 13.02
C ARG D 74 15.54 -4.38 11.81
N ASN D 75 14.68 -5.35 12.09
CA ASN D 75 13.95 -6.07 11.05
C ASN D 75 14.92 -6.65 10.01
N ASN D 76 16.04 -7.19 10.51
CA ASN D 76 17.10 -7.73 9.68
C ASN D 76 17.68 -6.72 8.69
N LYS D 77 17.78 -5.47 9.12
CA LYS D 77 18.39 -4.43 8.29
C LYS D 77 19.02 -3.36 9.18
N PHE D 78 20.31 -3.14 8.99
CA PHE D 78 21.06 -2.16 9.78
C PHE D 78 20.72 -0.71 9.42
N ASP D 79 20.70 0.14 10.44
CA ASP D 79 20.63 1.57 10.27
C ASP D 79 21.18 2.24 11.53
N LEU D 80 21.30 3.56 11.51
CA LEU D 80 21.80 4.29 12.66
C LEU D 80 20.67 4.94 13.46
N LYS D 81 19.44 4.50 13.20
CA LYS D 81 18.27 5.08 13.84
C LYS D 81 18.19 4.82 15.34
N LYS D 82 18.78 3.72 15.79
CA LYS D 82 18.80 3.38 17.21
C LYS D 82 20.04 3.94 17.91
N THR D 83 20.98 4.47 17.12
CA THR D 83 22.24 4.98 17.64
C THR D 83 22.08 6.29 18.40
N ARG D 84 22.69 6.36 19.59
CA ARG D 84 22.61 7.54 20.42
C ARG D 84 24.02 7.95 20.88
N VAL D 85 24.35 9.23 20.73
CA VAL D 85 25.65 9.74 21.15
C VAL D 85 25.52 10.74 22.29
N LEU D 86 25.96 10.34 23.49
CA LEU D 86 25.89 11.20 24.66
C LEU D 86 27.25 11.77 25.08
N LEU D 87 27.40 13.10 24.94
CA LEU D 87 28.54 13.81 25.51
C LEU D 87 28.20 14.39 26.89
N GLY D 88 28.39 13.60 27.93
CA GLY D 88 27.97 14.02 29.26
C GLY D 88 26.46 13.96 29.42
N ASN D 89 25.82 15.11 29.66
CA ASN D 89 24.37 15.15 29.87
C ASN D 89 23.66 15.67 28.60
N GLU D 90 24.39 16.39 27.76
CA GLU D 90 23.87 16.74 26.44
C GLU D 90 24.21 15.66 25.42
N SER D 91 23.48 15.65 24.31
CA SER D 91 23.72 14.71 23.22
C SER D 91 24.17 15.41 21.94
N CYS D 92 25.15 14.80 21.25
CA CYS D 92 25.56 15.25 19.92
C CYS D 92 24.64 14.71 18.83
N THR D 93 24.06 15.58 18.02
CA THR D 93 23.14 15.13 16.99
C THR D 93 23.92 14.55 15.81
N LEU D 94 23.58 13.32 15.45
CA LEU D 94 24.25 12.61 14.37
C LEU D 94 23.89 13.16 13.00
N THR D 95 24.85 13.19 12.09
CA THR D 95 24.55 13.43 10.67
C THR D 95 24.61 12.09 9.94
N LEU D 96 23.43 11.56 9.60
CA LEU D 96 23.32 10.21 9.04
C LEU D 96 23.97 10.09 7.67
N SER D 97 23.91 11.16 6.88
CA SER D 97 24.42 11.14 5.51
C SER D 97 25.94 11.01 5.45
N GLU D 98 26.61 11.34 6.55
CA GLU D 98 28.06 11.21 6.60
C GLU D 98 28.51 10.17 7.62
N SER D 99 27.55 9.42 8.15
CA SER D 99 27.87 8.40 9.14
C SER D 99 27.71 6.99 8.57
N THR D 100 28.44 6.05 9.15
CA THR D 100 28.34 4.64 8.80
C THR D 100 28.38 3.79 10.06
N MET D 101 28.44 2.48 9.86
CA MET D 101 28.60 1.54 10.96
C MET D 101 29.95 1.66 11.68
N ASN D 102 31.00 2.06 10.96
CA ASN D 102 32.33 2.11 11.57
C ASN D 102 32.76 3.50 12.00
N THR D 103 32.17 4.53 11.41
CA THR D 103 32.46 5.90 11.82
C THR D 103 31.21 6.75 11.94
N LEU D 104 31.14 7.53 13.02
CA LEU D 104 30.00 8.39 13.30
C LEU D 104 30.38 9.86 13.11
N LYS D 105 29.42 10.69 12.73
CA LYS D 105 29.65 12.12 12.62
C LYS D 105 28.53 12.88 13.34
N CYS D 106 28.90 13.80 14.21
CA CYS D 106 27.91 14.51 15.02
C CYS D 106 28.39 15.87 15.50
N THR D 107 27.49 16.83 15.56
CA THR D 107 27.82 18.17 16.01
C THR D 107 27.57 18.32 17.50
N VAL D 108 28.59 18.76 18.23
CA VAL D 108 28.45 19.01 19.66
C VAL D 108 27.72 20.33 19.87
N GLY D 109 26.96 20.43 20.95
CA GLY D 109 26.28 21.67 21.26
C GLY D 109 27.15 22.60 22.06
N PRO D 110 26.64 23.79 22.37
CA PRO D 110 27.38 24.77 23.16
C PRO D 110 27.41 24.43 24.64
N ALA D 111 28.50 24.79 25.30
CA ALA D 111 28.58 24.75 26.75
C ALA D 111 28.97 26.15 27.24
N MET D 112 28.73 26.41 28.53
CA MET D 112 29.11 27.69 29.13
C MET D 112 30.24 27.54 30.14
N ASN D 113 30.48 26.31 30.60
CA ASN D 113 31.60 26.12 31.50
C ASN D 113 32.70 25.37 30.76
N LYS D 114 33.93 25.60 31.20
CA LYS D 114 35.04 24.78 30.74
C LYS D 114 34.75 23.41 31.34
N HIS D 115 35.04 22.36 30.60
CA HIS D 115 35.00 21.04 31.20
C HIS D 115 36.05 20.19 30.53
N PHE D 116 36.81 19.49 31.34
CA PHE D 116 37.95 18.76 30.83
C PHE D 116 37.78 17.30 31.16
N ASN D 117 38.24 16.45 30.26
CA ASN D 117 38.19 15.01 30.49
C ASN D 117 36.76 14.48 30.63
N MET D 118 35.88 14.97 29.78
CA MET D 118 34.48 14.57 29.73
C MET D 118 34.29 13.25 28.99
N SER D 119 33.20 12.55 29.31
CA SER D 119 32.96 11.21 28.77
C SER D 119 32.00 11.19 27.58
N ILE D 120 32.42 10.51 26.50
CA ILE D 120 31.55 10.26 25.34
C ILE D 120 30.97 8.85 25.39
N ILE D 121 29.66 8.74 25.60
CA ILE D 121 28.99 7.44 25.61
C ILE D 121 28.19 7.20 24.32
N ILE D 122 28.33 6.00 23.75
CA ILE D 122 27.57 5.64 22.55
C ILE D 122 26.78 4.35 22.74
N SER D 123 25.46 4.44 22.65
CA SER D 123 24.61 3.24 22.72
C SER D 123 24.06 2.88 21.34
N ASN D 124 24.09 1.59 21.02
CA ASN D 124 23.61 1.12 19.72
C ASN D 124 22.38 0.22 19.81
N GLY D 125 21.69 0.26 20.95
CA GLY D 125 20.54 -0.60 21.16
C GLY D 125 20.83 -1.82 22.01
N HIS D 126 21.93 -2.51 21.71
CA HIS D 126 22.35 -3.67 22.50
C HIS D 126 23.27 -3.32 23.67
N GLY D 127 24.13 -2.33 23.48
CA GLY D 127 25.03 -1.94 24.55
C GLY D 127 25.63 -0.56 24.40
N THR D 128 26.50 -0.20 25.34
CA THR D 128 27.14 1.11 25.32
C THR D 128 28.66 0.98 25.45
N THR D 129 29.37 1.98 24.95
CA THR D 129 30.82 2.00 25.03
C THR D 129 31.28 3.44 25.27
N GLN D 130 32.37 3.61 26.01
CA GLN D 130 32.76 4.93 26.49
C GLN D 130 34.13 5.39 25.95
N TYR D 131 34.36 6.69 26.05
CA TYR D 131 35.58 7.39 25.66
C TYR D 131 35.76 8.61 26.55
N SER D 132 36.61 8.44 27.56
CA SER D 132 36.84 9.46 28.59
C SER D 132 37.91 10.52 28.30
N THR D 133 37.83 11.23 27.19
CA THR D 133 38.93 12.16 26.86
C THR D 133 38.52 13.49 26.21
N PHE D 134 37.24 13.88 26.29
CA PHE D 134 36.83 15.07 25.53
C PHE D 134 36.76 16.28 26.45
N SER D 135 37.05 17.46 25.89
CA SER D 135 37.07 18.68 26.69
C SER D 135 36.41 19.89 26.00
N TYR D 136 35.68 20.68 26.77
CA TYR D 136 35.22 21.98 26.32
C TYR D 136 36.18 23.08 26.75
N VAL D 137 36.97 23.56 25.79
CA VAL D 137 37.94 24.62 26.05
C VAL D 137 37.40 25.99 25.63
N ASP D 138 38.09 27.04 26.06
CA ASP D 138 37.69 28.41 25.73
C ASP D 138 38.87 29.19 25.14
N PRO D 139 39.05 29.11 23.81
CA PRO D 139 40.20 29.70 23.12
C PRO D 139 40.35 31.20 23.35
N VAL D 140 41.59 31.65 23.52
CA VAL D 140 41.88 33.05 23.84
C VAL D 140 43.07 33.53 23.04
N ILE D 141 43.01 34.77 22.54
CA ILE D 141 44.15 35.40 21.88
C ILE D 141 44.82 36.39 22.83
N THR D 142 46.03 36.05 23.26
CA THR D 142 46.77 36.90 24.20
C THR D 142 47.49 38.06 23.51
N SER D 143 47.94 37.85 22.27
CA SER D 143 48.63 38.90 21.52
C SER D 143 48.75 38.60 20.03
N ILE D 144 49.12 39.61 19.26
CA ILE D 144 49.47 39.42 17.85
C ILE D 144 50.78 40.16 17.55
N SER D 145 51.55 39.64 16.60
CA SER D 145 52.79 40.29 16.19
C SER D 145 53.17 39.92 14.76
N PRO D 146 53.61 40.91 13.96
CA PRO D 146 53.64 42.34 14.31
C PRO D 146 52.26 42.97 14.19
N LYS D 147 52.08 44.16 14.77
CA LYS D 147 50.78 44.81 14.78
C LYS D 147 50.55 45.65 13.52
N TYR D 148 51.54 45.69 12.63
CA TYR D 148 51.41 46.41 11.36
C TYR D 148 52.14 45.70 10.22
N GLY D 149 51.81 46.09 8.99
CA GLY D 149 52.43 45.51 7.81
C GLY D 149 52.05 46.26 6.53
N PRO D 150 52.70 45.90 5.40
CA PRO D 150 52.45 46.53 4.11
C PRO D 150 51.06 46.18 3.53
N MET D 151 50.50 47.05 2.70
CA MET D 151 49.23 46.73 2.03
C MET D 151 49.32 45.53 1.09
N ALA D 152 50.55 45.21 0.67
CA ALA D 152 50.75 44.05 -0.19
C ALA D 152 50.39 42.77 0.54
N GLY D 153 50.43 42.81 1.87
CA GLY D 153 50.19 41.62 2.66
C GLY D 153 51.45 40.77 2.64
N GLY D 154 51.33 39.52 3.05
CA GLY D 154 52.46 38.61 3.10
C GLY D 154 53.22 38.70 4.40
N THR D 155 52.78 39.59 5.29
CA THR D 155 53.33 39.66 6.63
C THR D 155 53.04 38.35 7.35
N LEU D 156 54.05 37.77 8.00
CA LEU D 156 53.84 36.58 8.78
C LEU D 156 53.28 37.00 10.12
N LEU D 157 51.96 36.87 10.27
CA LEU D 157 51.28 37.29 11.48
C LEU D 157 51.25 36.16 12.50
N THR D 158 51.78 36.44 13.69
CA THR D 158 51.79 35.47 14.78
C THR D 158 50.72 35.78 15.82
N LEU D 159 49.67 34.95 15.87
CA LEU D 159 48.70 35.03 16.94
C LEU D 159 49.15 34.13 18.08
N THR D 160 48.95 34.60 19.31
CA THR D 160 49.43 33.87 20.47
C THR D 160 48.32 33.75 21.50
N GLY D 161 48.22 32.58 22.13
CA GLY D 161 47.18 32.35 23.11
C GLY D 161 47.11 30.92 23.61
N ASN D 162 45.89 30.42 23.80
CA ASN D 162 45.68 29.07 24.29
C ASN D 162 44.46 28.44 23.62
N TYR D 163 44.50 27.12 23.46
CA TYR D 163 43.41 26.36 22.86
C TYR D 163 43.10 26.83 21.43
N LEU D 164 44.14 27.18 20.70
CA LEU D 164 43.97 27.67 19.33
C LEU D 164 43.99 26.53 18.32
N ASN D 165 44.15 25.30 18.79
CA ASN D 165 44.15 24.16 17.88
C ASN D 165 42.94 23.23 18.01
N SER D 166 41.93 23.70 18.73
CA SER D 166 40.61 23.06 18.74
C SER D 166 39.74 23.82 17.75
N GLY D 167 38.74 23.19 17.14
CA GLY D 167 38.56 21.75 17.12
C GLY D 167 38.69 21.28 15.68
N ASN D 168 37.69 21.58 14.85
CA ASN D 168 37.75 21.19 13.43
C ASN D 168 38.63 22.09 12.58
N SER D 169 38.28 23.37 12.48
CA SER D 169 39.07 24.24 11.60
C SER D 169 39.21 25.66 12.13
N ARG D 170 40.42 26.19 11.94
CA ARG D 170 40.79 27.54 12.32
C ARG D 170 40.60 28.45 11.09
N HIS D 171 39.94 29.59 11.24
CA HIS D 171 39.94 30.56 10.13
C HIS D 171 40.18 32.01 10.58
N ILE D 172 41.44 32.42 10.57
CA ILE D 172 41.83 33.81 10.82
C ILE D 172 41.50 34.69 9.61
N SER D 173 41.07 35.93 9.86
CA SER D 173 40.76 36.86 8.79
C SER D 173 41.02 38.31 9.18
N ILE D 174 41.28 39.15 8.18
CA ILE D 174 41.53 40.57 8.40
C ILE D 174 40.86 41.37 7.26
N GLY D 175 39.98 42.28 7.63
CA GLY D 175 39.25 43.06 6.65
C GLY D 175 38.25 42.24 5.87
N GLY D 176 37.93 41.06 6.38
CA GLY D 176 37.02 40.16 5.69
C GLY D 176 37.74 39.32 4.66
N LYS D 177 39.05 39.54 4.53
CA LYS D 177 39.85 38.75 3.60
C LYS D 177 40.58 37.67 4.40
N THR D 178 40.78 36.52 3.77
CA THR D 178 41.36 35.35 4.44
C THR D 178 42.84 35.53 4.79
N CYS D 179 43.18 35.19 6.02
CA CYS D 179 44.56 35.20 6.48
C CYS D 179 45.09 33.77 6.46
N THR D 180 45.71 33.41 5.34
CA THR D 180 46.09 32.04 5.05
C THR D 180 47.08 31.45 6.05
N LEU D 181 46.76 30.27 6.57
CA LEU D 181 47.53 29.64 7.64
C LEU D 181 48.90 29.15 7.18
N LYS D 182 49.91 29.34 8.04
CA LYS D 182 51.23 28.78 7.80
C LYS D 182 51.46 27.60 8.75
N SER D 183 51.10 27.79 10.01
CA SER D 183 51.27 26.74 11.02
C SER D 183 50.27 26.90 12.16
N VAL D 184 49.79 25.78 12.70
CA VAL D 184 48.84 25.79 13.80
C VAL D 184 49.34 25.00 15.01
N SER D 185 48.99 25.48 16.20
CA SER D 185 49.33 24.81 17.45
C SER D 185 48.41 25.31 18.55
N ASN D 186 48.54 24.74 19.74
CA ASN D 186 47.75 25.17 20.88
C ASN D 186 47.98 26.63 21.23
N SER D 187 49.22 27.08 21.06
CA SER D 187 49.63 28.37 21.60
C SER D 187 49.84 29.42 20.53
N ILE D 188 50.27 28.99 19.34
CA ILE D 188 50.59 29.93 18.27
C ILE D 188 49.89 29.60 16.96
N LEU D 189 49.35 30.65 16.33
CA LEU D 189 48.81 30.53 14.98
C LEU D 189 49.53 31.52 14.08
N GLU D 190 50.35 31.00 13.18
CA GLU D 190 51.00 31.84 12.18
C GLU D 190 50.20 31.83 10.88
N CYS D 191 50.11 33.00 10.25
CA CYS D 191 49.39 33.14 9.00
C CYS D 191 49.91 34.35 8.23
N TYR D 192 49.73 34.34 6.91
CA TYR D 192 50.16 35.46 6.09
C TYR D 192 49.01 36.42 5.85
N THR D 193 49.24 37.70 6.15
CA THR D 193 48.19 38.71 6.06
C THR D 193 47.76 38.92 4.61
N PRO D 194 46.43 39.01 4.38
CA PRO D 194 45.87 39.24 3.04
C PRO D 194 46.16 40.64 2.51
N ALA D 195 46.15 40.78 1.19
CA ALA D 195 46.39 42.07 0.55
C ALA D 195 45.14 42.93 0.53
N GLN D 196 45.20 44.08 1.19
CA GLN D 196 44.14 45.07 1.13
C GLN D 196 44.43 46.05 -0.01
N THR D 197 43.39 46.71 -0.53
CA THR D 197 43.58 47.70 -1.57
C THR D 197 43.60 49.13 -1.02
N ILE D 198 43.54 49.24 0.29
CA ILE D 198 43.57 50.53 0.99
C ILE D 198 44.45 50.40 2.22
N SER D 199 45.20 51.45 2.54
CA SER D 199 45.96 51.46 3.78
C SER D 199 45.02 51.86 4.90
N THR D 200 44.66 50.88 5.73
CA THR D 200 43.69 51.09 6.79
C THR D 200 43.83 50.03 7.88
N GLU D 201 43.08 50.22 8.96
CA GLU D 201 43.14 49.31 10.10
C GLU D 201 42.01 48.29 10.13
N PHE D 202 42.32 47.11 10.67
CA PHE D 202 41.32 46.06 10.88
C PHE D 202 41.63 45.29 12.16
N ALA D 203 40.59 44.89 12.88
CA ALA D 203 40.78 43.95 13.98
C ALA D 203 41.04 42.57 13.38
N VAL D 204 41.91 41.80 14.02
CA VAL D 204 42.18 40.44 13.55
C VAL D 204 41.16 39.49 14.15
N LYS D 205 40.29 38.96 13.30
CA LYS D 205 39.23 38.07 13.77
C LYS D 205 39.57 36.60 13.53
N LEU D 206 39.47 35.81 14.60
CA LEU D 206 39.72 34.39 14.52
C LEU D 206 38.39 33.66 14.60
N LYS D 207 38.21 32.67 13.72
CA LYS D 207 36.97 31.92 13.73
C LYS D 207 37.29 30.46 13.99
N ILE D 208 36.77 29.95 15.10
CA ILE D 208 36.89 28.54 15.42
C ILE D 208 35.50 27.98 15.56
N ASP D 209 35.02 27.36 14.49
CA ASP D 209 33.69 26.78 14.44
C ASP D 209 32.67 27.87 14.72
N LEU D 210 31.89 27.72 15.80
CA LEU D 210 30.92 28.74 16.15
C LEU D 210 31.50 29.81 17.08
N ALA D 211 32.73 29.61 17.53
CA ALA D 211 33.41 30.59 18.36
C ALA D 211 34.01 31.72 17.53
N ASN D 212 33.81 32.96 17.98
CA ASN D 212 34.41 34.12 17.34
C ASN D 212 35.30 34.87 18.33
N ARG D 213 36.44 35.33 17.84
CA ARG D 213 37.40 36.04 18.69
C ARG D 213 38.02 37.22 17.95
N GLU D 214 37.94 38.41 18.56
CA GLU D 214 38.68 39.54 18.03
C GLU D 214 39.90 39.76 18.88
N THR D 215 40.89 40.44 18.31
CA THR D 215 42.10 40.79 19.03
C THR D 215 42.59 42.14 18.54
N SER D 216 43.89 42.38 18.66
CA SER D 216 44.47 43.68 18.36
C SER D 216 44.18 44.12 16.93
N ILE D 217 44.12 45.44 16.74
CA ILE D 217 43.98 46.00 15.41
C ILE D 217 45.28 45.79 14.64
N PHE D 218 45.18 45.52 13.35
CA PHE D 218 46.36 45.36 12.52
C PHE D 218 46.38 46.46 11.47
N SER D 219 47.37 47.33 11.55
CA SER D 219 47.46 48.47 10.64
C SER D 219 48.14 48.07 9.33
N TYR D 220 47.54 48.48 8.22
CA TYR D 220 48.16 48.29 6.92
C TYR D 220 48.82 49.58 6.45
N ARG D 221 50.14 49.67 6.64
CA ARG D 221 50.89 50.85 6.23
C ARG D 221 51.20 50.84 4.73
N GLU D 222 51.43 52.02 4.17
CA GLU D 222 51.83 52.19 2.78
C GLU D 222 53.34 52.34 2.65
N GLN E 1 -3.22 -2.08 2.76
CA GLN E 1 -2.69 -0.85 3.34
C GLN E 1 -2.93 -0.80 4.81
N MET E 2 -2.14 0.07 5.40
CA MET E 2 -2.15 0.29 6.80
C MET E 2 -3.20 1.34 7.10
N GLN E 3 -3.77 1.23 8.30
CA GLN E 3 -4.68 2.23 8.81
C GLN E 3 -4.06 2.85 10.05
N LEU E 4 -3.84 4.17 10.02
CA LEU E 4 -3.58 4.92 11.23
C LEU E 4 -4.85 5.70 11.61
N VAL E 5 -5.65 5.15 12.51
CA VAL E 5 -6.87 5.82 12.95
C VAL E 5 -6.64 6.63 14.22
N GLN E 6 -6.72 7.95 14.09
CA GLN E 6 -6.54 8.85 15.22
C GLN E 6 -7.86 9.11 15.92
N SER E 7 -7.80 9.60 17.15
CA SER E 7 -8.99 9.94 17.91
C SER E 7 -9.63 11.20 17.35
N GLY E 8 -10.85 11.50 17.81
CA GLY E 8 -11.61 12.62 17.28
C GLY E 8 -11.18 13.96 17.83
N ALA E 9 -11.77 15.03 17.29
CA ALA E 9 -11.41 16.39 17.65
C ALA E 9 -11.58 16.68 19.14
N GLU E 10 -10.77 17.59 19.65
CA GLU E 10 -10.76 17.91 21.07
C GLU E 10 -10.96 19.41 21.29
N VAL E 11 -11.57 19.76 22.41
CA VAL E 11 -11.72 21.16 22.80
C VAL E 11 -11.28 21.33 24.25
N LYS E 12 -10.00 21.65 24.43
CA LYS E 12 -9.45 21.83 25.76
C LYS E 12 -9.33 23.30 26.11
N LYS E 13 -9.52 23.61 27.38
CA LYS E 13 -9.30 24.96 27.90
C LYS E 13 -7.82 25.30 27.88
N PRO E 14 -7.50 26.61 27.82
CA PRO E 14 -6.09 26.97 27.91
C PRO E 14 -5.47 26.48 29.22
N GLY E 15 -4.23 25.98 29.16
CA GLY E 15 -3.57 25.46 30.34
C GLY E 15 -3.82 23.98 30.59
N ALA E 16 -4.89 23.45 29.98
CA ALA E 16 -5.28 22.06 30.17
C ALA E 16 -4.45 21.08 29.35
N PRO E 17 -4.35 19.82 29.82
CA PRO E 17 -3.74 18.74 29.03
C PRO E 17 -4.64 18.23 27.91
N VAL E 18 -4.05 17.59 26.91
CA VAL E 18 -4.80 16.94 25.83
C VAL E 18 -4.06 15.68 25.39
N LYS E 19 -4.82 14.65 25.00
CA LYS E 19 -4.25 13.36 24.64
C LYS E 19 -4.84 12.84 23.33
N VAL E 20 -4.00 12.71 22.30
CA VAL E 20 -4.47 12.18 21.02
C VAL E 20 -4.02 10.74 20.84
N SER E 21 -4.93 9.85 20.45
CA SER E 21 -4.57 8.45 20.24
C SER E 21 -4.38 8.15 18.76
N CYS E 22 -3.67 7.04 18.48
CA CYS E 22 -3.39 6.63 17.11
C CYS E 22 -3.28 5.10 16.99
N LYS E 23 -4.39 4.43 16.73
CA LYS E 23 -4.39 2.98 16.53
C LYS E 23 -3.93 2.59 15.14
N VAL E 24 -3.13 1.53 15.06
CA VAL E 24 -2.62 1.07 13.78
C VAL E 24 -3.09 -0.35 13.48
N SER E 25 -3.15 -0.68 12.20
CA SER E 25 -3.57 -1.99 11.73
C SER E 25 -3.04 -2.19 10.32
N GLY E 26 -2.50 -3.37 10.05
CA GLY E 26 -2.01 -3.69 8.72
C GLY E 26 -0.57 -4.14 8.77
N TYR E 27 0.10 -3.84 9.88
CA TYR E 27 1.50 -4.21 10.07
C TYR E 27 1.79 -4.39 11.56
N THR E 28 3.01 -4.82 11.87
CA THR E 28 3.41 -5.02 13.26
C THR E 28 3.88 -3.72 13.89
N PHE E 29 3.13 -3.28 14.91
CA PHE E 29 3.31 -1.99 15.56
C PHE E 29 4.73 -1.73 16.08
N THR E 30 5.41 -2.77 16.56
CA THR E 30 6.74 -2.61 17.15
C THR E 30 7.87 -2.54 16.12
N ASP E 31 7.56 -2.79 14.85
CA ASP E 31 8.59 -2.85 13.82
C ASP E 31 9.19 -1.49 13.48
N TYR E 32 8.40 -0.43 13.65
CA TYR E 32 8.81 0.89 13.18
C TYR E 32 8.58 1.98 14.23
N TYR E 33 9.34 3.06 14.13
CA TYR E 33 9.13 4.22 15.00
C TYR E 33 7.84 4.93 14.61
N MET E 34 7.32 5.77 15.50
CA MET E 34 6.11 6.52 15.24
C MET E 34 6.32 8.01 15.49
N HIS E 35 6.33 8.82 14.43
CA HIS E 35 6.46 10.27 14.56
C HIS E 35 5.13 10.93 14.90
N TRP E 36 5.19 12.08 15.56
CA TRP E 36 4.03 12.97 15.66
C TRP E 36 4.38 14.32 15.05
N VAL E 37 3.42 14.92 14.37
CA VAL E 37 3.64 16.14 13.62
C VAL E 37 2.53 17.15 13.87
N GLN E 38 2.91 18.41 14.12
CA GLN E 38 1.94 19.46 14.37
C GLN E 38 1.74 20.30 13.11
N GLN E 39 0.50 20.72 12.87
CA GLN E 39 0.22 21.63 11.77
C GLN E 39 -0.80 22.69 12.13
N ALA E 40 -0.32 23.91 12.41
CA ALA E 40 -1.22 25.02 12.69
C ALA E 40 -1.93 25.41 11.40
N PRO E 41 -3.14 26.00 11.51
CA PRO E 41 -3.96 26.28 10.33
C PRO E 41 -3.28 27.24 9.36
N GLY E 42 -3.22 26.85 8.09
CA GLY E 42 -2.59 27.67 7.07
C GLY E 42 -1.08 27.72 7.22
N LYS E 43 -0.55 26.86 8.08
CA LYS E 43 0.88 26.84 8.40
C LYS E 43 1.48 25.51 8.01
N GLY E 44 2.80 25.42 8.11
CA GLY E 44 3.50 24.23 7.65
C GLY E 44 3.47 23.06 8.61
N LEU E 45 4.06 21.96 8.16
CA LEU E 45 4.26 20.78 8.98
C LEU E 45 5.43 21.01 9.92
N GLU E 46 5.33 20.48 11.13
CA GLU E 46 6.40 20.63 12.11
C GLU E 46 6.54 19.39 12.97
N TRP E 47 7.71 18.76 12.88
CA TRP E 47 7.99 17.54 13.61
C TRP E 47 8.03 17.78 15.11
N MET E 48 7.28 16.97 15.86
CA MET E 48 7.19 17.12 17.31
C MET E 48 8.11 16.16 18.04
N GLY E 49 8.02 14.88 17.67
CA GLY E 49 8.89 13.88 18.25
C GLY E 49 8.56 12.48 17.79
N LEU E 50 9.19 11.49 18.40
CA LEU E 50 8.94 10.10 18.02
C LEU E 50 9.09 9.12 19.19
N VAL E 51 8.62 7.90 18.98
CA VAL E 51 8.71 6.85 19.99
C VAL E 51 9.04 5.52 19.32
N ASP E 52 9.82 4.70 20.01
CA ASP E 52 10.07 3.33 19.56
C ASP E 52 9.23 2.36 20.39
N PRO E 53 8.15 1.83 19.81
CA PRO E 53 7.20 0.97 20.51
C PRO E 53 7.81 -0.28 21.14
N GLU E 54 8.98 -0.71 20.66
CA GLU E 54 9.62 -1.91 21.19
C GLU E 54 10.10 -1.75 22.62
N ASP E 55 10.70 -0.60 22.93
CA ASP E 55 11.23 -0.38 24.28
C ASP E 55 10.67 0.87 24.94
N GLY E 56 10.05 1.73 24.15
CA GLY E 56 9.39 2.91 24.68
C GLY E 56 10.26 4.15 24.61
N GLU E 57 11.39 4.06 23.93
CA GLU E 57 12.31 5.19 23.84
C GLU E 57 11.67 6.33 23.06
N THR E 58 11.96 7.56 23.46
CA THR E 58 11.39 8.72 22.79
C THR E 58 12.46 9.76 22.46
N ILE E 59 12.17 10.57 21.45
CA ILE E 59 13.01 11.70 21.07
C ILE E 59 12.11 12.87 20.72
N TYR E 60 12.19 13.95 21.49
CA TYR E 60 11.33 15.09 21.26
C TYR E 60 12.08 16.23 20.59
N ALA E 61 11.36 17.06 19.86
CA ALA E 61 11.93 18.28 19.30
C ALA E 61 12.14 19.31 20.40
N GLU E 62 13.10 20.20 20.20
CA GLU E 62 13.44 21.20 21.21
C GLU E 62 12.25 22.09 21.52
N LYS E 63 11.46 22.44 20.50
CA LYS E 63 10.32 23.32 20.69
C LYS E 63 9.28 22.71 21.61
N PHE E 64 9.12 21.40 21.53
CA PHE E 64 8.11 20.72 22.32
C PHE E 64 8.69 19.96 23.50
N GLN E 65 9.95 20.23 23.83
CA GLN E 65 10.60 19.53 24.93
C GLN E 65 9.94 19.87 26.27
N GLY E 66 9.59 18.84 27.02
CA GLY E 66 8.98 19.01 28.33
C GLY E 66 7.47 19.11 28.29
N ARG E 67 6.93 19.57 27.17
CA ARG E 67 5.49 19.77 27.05
C ARG E 67 4.80 18.57 26.42
N VAL E 68 5.55 17.77 25.68
CA VAL E 68 4.99 16.62 24.98
C VAL E 68 5.43 15.31 25.62
N THR E 69 4.52 14.35 25.70
CA THR E 69 4.86 13.00 26.16
C THR E 69 4.27 11.99 25.18
N ILE E 70 5.13 11.37 24.38
CA ILE E 70 4.70 10.34 23.46
C ILE E 70 4.87 8.96 24.09
N THR E 71 3.82 8.15 24.01
CA THR E 71 3.85 6.79 24.53
C THR E 71 3.31 5.81 23.50
N ALA E 72 3.44 4.52 23.80
CA ALA E 72 3.01 3.49 22.87
C ALA E 72 2.51 2.26 23.62
N ASP E 73 1.24 1.92 23.41
CA ASP E 73 0.65 0.72 24.02
C ASP E 73 0.71 -0.46 23.05
N THR E 74 1.63 -1.38 23.31
CA THR E 74 1.82 -2.54 22.44
C THR E 74 0.73 -3.60 22.64
N SER E 75 -0.01 -3.50 23.74
CA SER E 75 -1.09 -4.45 24.02
C SER E 75 -2.29 -4.21 23.11
N THR E 76 -2.40 -3.00 22.58
CA THR E 76 -3.52 -2.64 21.71
C THR E 76 -3.09 -1.97 20.40
N ASP E 77 -1.79 -2.05 20.09
CA ASP E 77 -1.22 -1.50 18.85
C ASP E 77 -1.59 -0.03 18.58
N THR E 78 -1.52 0.80 19.61
CA THR E 78 -1.90 2.20 19.46
C THR E 78 -0.89 3.15 20.12
N ALA E 79 -0.70 4.30 19.49
CA ALA E 79 0.23 5.31 20.01
C ALA E 79 -0.50 6.53 20.55
N TYR E 80 -0.07 7.02 21.70
CA TYR E 80 -0.66 8.22 22.29
C TYR E 80 0.29 9.40 22.31
N MET E 81 -0.28 10.61 22.29
CA MET E 81 0.49 11.84 22.34
C MET E 81 -0.16 12.84 23.28
N GLU E 82 0.41 13.04 24.46
CA GLU E 82 -0.15 14.02 25.40
C GLU E 82 0.64 15.32 25.38
N LEU E 83 -0.08 16.43 25.30
CA LEU E 83 0.53 17.76 25.28
C LEU E 83 0.04 18.59 26.47
N SER E 84 0.83 18.61 27.54
CA SER E 84 0.49 19.38 28.74
C SER E 84 0.71 20.87 28.56
N SER E 85 -0.05 21.66 29.31
CA SER E 85 0.01 23.12 29.30
C SER E 85 -0.26 23.70 27.91
N LEU E 86 -1.50 23.54 27.44
CA LEU E 86 -1.87 24.09 26.14
C LEU E 86 -1.90 25.61 26.17
N ARG E 87 -1.35 26.21 25.12
CA ARG E 87 -1.38 27.65 24.94
C ARG E 87 -2.31 27.96 23.78
N SER E 88 -2.63 29.23 23.58
CA SER E 88 -3.57 29.60 22.53
C SER E 88 -2.99 29.21 21.17
N GLU E 89 -1.67 29.39 21.04
CA GLU E 89 -0.94 29.05 19.83
C GLU E 89 -1.00 27.55 19.44
N ASP E 90 -1.20 26.69 20.44
CA ASP E 90 -1.08 25.25 20.23
C ASP E 90 -2.24 24.66 19.44
N THR E 91 -3.25 25.48 19.14
CA THR E 91 -4.37 25.02 18.31
C THR E 91 -3.88 24.60 16.92
N ALA E 92 -4.04 23.32 16.62
CA ALA E 92 -3.52 22.75 15.38
C ALA E 92 -4.04 21.35 15.15
N VAL E 93 -3.94 20.87 13.92
CA VAL E 93 -4.17 19.46 13.61
C VAL E 93 -2.92 18.66 13.96
N TYR E 94 -3.10 17.54 14.64
CA TYR E 94 -1.97 16.71 15.03
C TYR E 94 -2.01 15.37 14.30
N TYR E 95 -0.95 15.09 13.56
CA TYR E 95 -0.81 13.83 12.83
C TYR E 95 0.15 12.86 13.52
N CYS E 96 -0.14 11.57 13.40
CA CYS E 96 0.83 10.54 13.77
C CYS E 96 1.28 9.84 12.49
N ALA E 97 2.53 9.42 12.45
CA ALA E 97 3.07 8.83 11.24
C ALA E 97 4.10 7.75 11.53
N THR E 98 4.04 6.67 10.77
CA THR E 98 4.98 5.58 10.89
C THR E 98 6.30 5.96 10.21
N ASP E 99 7.42 5.66 10.85
CA ASP E 99 8.72 6.00 10.30
C ASP E 99 9.08 5.08 9.13
N ALA E 100 9.70 5.65 8.11
CA ALA E 100 10.00 4.92 6.87
C ALA E 100 11.13 3.91 7.05
N THR E 101 11.14 2.90 6.16
CA THR E 101 12.16 1.85 6.20
C THR E 101 13.48 2.31 5.59
N THR E 102 13.50 3.53 5.07
CA THR E 102 14.71 4.14 4.57
C THR E 102 15.73 4.30 5.71
N PRO E 103 17.03 4.39 5.38
CA PRO E 103 18.05 4.58 6.43
C PRO E 103 17.83 5.88 7.22
N TYR E 104 17.30 6.90 6.56
CA TYR E 104 17.04 8.19 7.19
C TYR E 104 15.59 8.30 7.65
N TRP E 105 15.31 9.30 8.49
CA TRP E 105 13.97 9.50 9.02
C TRP E 105 12.97 10.03 8.00
N GLY E 106 11.74 9.53 8.07
CA GLY E 106 10.68 9.98 7.19
C GLY E 106 9.33 9.46 7.64
N MET E 107 8.26 10.06 7.12
CA MET E 107 6.92 9.72 7.58
C MET E 107 6.22 8.88 6.51
N MET E 108 6.25 7.56 6.71
CA MET E 108 5.79 6.60 5.73
C MET E 108 4.27 6.58 5.58
N TRP E 109 3.57 6.29 6.67
CA TRP E 109 2.11 6.28 6.65
C TRP E 109 1.57 7.32 7.62
N TRP E 110 0.43 7.93 7.30
CA TRP E 110 -0.11 9.02 8.11
C TRP E 110 -1.51 8.72 8.65
N GLY E 111 -1.81 9.29 9.82
CA GLY E 111 -3.16 9.24 10.36
C GLY E 111 -3.98 10.35 9.70
N GLN E 112 -5.26 10.44 10.04
CA GLN E 112 -6.12 11.41 9.36
C GLN E 112 -6.03 12.77 10.02
N GLY E 113 -5.33 12.84 11.15
CA GLY E 113 -5.16 14.08 11.88
C GLY E 113 -6.23 14.30 12.91
N THR E 114 -5.93 15.14 13.89
CA THR E 114 -6.84 15.42 14.98
C THR E 114 -6.81 16.91 15.30
N LEU E 115 -7.88 17.61 15.00
CA LEU E 115 -7.96 19.04 15.31
C LEU E 115 -8.15 19.26 16.80
N VAL E 116 -7.14 19.81 17.45
CA VAL E 116 -7.25 20.22 18.84
C VAL E 116 -7.33 21.73 18.96
N THR E 117 -8.54 22.22 19.19
CA THR E 117 -8.78 23.65 19.38
C THR E 117 -8.49 24.04 20.82
N VAL E 118 -8.00 25.25 21.02
CA VAL E 118 -7.72 25.75 22.35
C VAL E 118 -8.45 27.07 22.52
N SER E 119 -9.48 27.04 23.36
CA SER E 119 -10.38 28.16 23.53
C SER E 119 -11.11 28.08 24.86
N SER E 120 -11.41 29.24 25.46
CA SER E 120 -12.17 29.28 26.70
C SER E 120 -13.66 29.11 26.46
N ALA E 121 -14.09 29.24 25.21
CA ALA E 121 -15.49 29.08 24.85
C ALA E 121 -15.91 27.63 25.05
N SER E 122 -17.18 27.39 25.34
CA SER E 122 -17.65 26.02 25.47
C SER E 122 -18.36 25.51 24.22
N THR E 123 -18.43 24.19 24.13
CA THR E 123 -19.00 23.49 22.99
C THR E 123 -20.51 23.74 22.85
N LYS E 124 -20.98 23.83 21.60
CA LYS E 124 -22.39 24.06 21.31
C LYS E 124 -22.80 23.34 20.04
N GLY E 125 -23.93 22.64 20.11
CA GLY E 125 -24.46 21.94 18.96
C GLY E 125 -24.92 22.88 17.87
N PRO E 126 -24.87 22.42 16.61
CA PRO E 126 -25.29 23.20 15.44
C PRO E 126 -26.81 23.38 15.35
N SER E 127 -27.24 24.40 14.62
CA SER E 127 -28.64 24.59 14.31
C SER E 127 -28.86 24.49 12.79
N VAL E 128 -29.54 23.43 12.37
CA VAL E 128 -29.71 23.13 10.95
C VAL E 128 -30.94 23.74 10.29
N PHE E 129 -30.72 24.49 9.22
CA PHE E 129 -31.80 25.13 8.48
C PHE E 129 -31.78 24.73 7.00
N PRO E 130 -32.95 24.39 6.44
CA PRO E 130 -33.07 24.06 5.01
C PRO E 130 -32.82 25.26 4.10
N LEU E 131 -32.21 25.02 2.95
CA LEU E 131 -32.10 26.03 1.91
C LEU E 131 -32.80 25.51 0.66
N ALA E 132 -34.08 25.84 0.54
CA ALA E 132 -34.92 25.22 -0.50
C ALA E 132 -34.84 25.94 -1.85
N PRO E 133 -34.90 25.16 -2.94
CA PRO E 133 -34.90 25.61 -4.33
C PRO E 133 -36.24 26.25 -4.69
N SER E 134 -36.27 27.05 -5.75
CA SER E 134 -37.53 27.65 -6.20
C SER E 134 -37.68 27.50 -7.71
N GLY E 140 -37.03 23.63 -16.50
CA GLY E 140 -36.34 22.47 -17.04
C GLY E 140 -34.83 22.64 -17.08
N GLY E 141 -34.33 23.59 -16.29
CA GLY E 141 -32.90 23.80 -16.18
C GLY E 141 -32.31 23.09 -14.98
N THR E 142 -31.33 23.74 -14.35
CA THR E 142 -30.74 23.20 -13.12
C THR E 142 -30.99 24.16 -11.97
N ALA E 143 -31.18 23.61 -10.78
CA ALA E 143 -31.47 24.39 -9.59
C ALA E 143 -30.65 23.92 -8.40
N ALA E 144 -30.51 24.78 -7.39
CA ALA E 144 -29.63 24.48 -6.27
C ALA E 144 -30.43 24.28 -4.98
N LEU E 145 -29.87 23.50 -4.07
CA LEU E 145 -30.48 23.26 -2.78
C LEU E 145 -29.37 22.92 -1.79
N GLY E 146 -29.64 23.08 -0.50
CA GLY E 146 -28.59 22.86 0.48
C GLY E 146 -29.04 22.83 1.92
N CYS E 147 -28.08 23.00 2.82
CA CYS E 147 -28.31 22.84 4.24
C CYS E 147 -27.45 23.81 5.04
N LEU E 148 -28.08 24.78 5.71
CA LEU E 148 -27.35 25.70 6.57
C LEU E 148 -27.09 25.12 7.96
N VAL E 149 -25.82 25.07 8.34
CA VAL E 149 -25.42 24.56 9.66
C VAL E 149 -24.83 25.69 10.50
N LYS E 150 -25.55 26.10 11.54
CA LYS E 150 -25.27 27.38 12.17
C LYS E 150 -25.05 27.32 13.68
N ASP E 151 -24.22 28.24 14.17
CA ASP E 151 -23.97 28.46 15.59
C ASP E 151 -23.49 27.22 16.34
N TYR E 152 -22.31 26.75 15.98
CA TYR E 152 -21.68 25.65 16.70
C TYR E 152 -20.26 26.01 17.11
N PHE E 153 -19.79 25.35 18.16
CA PHE E 153 -18.40 25.46 18.58
C PHE E 153 -18.03 24.12 19.23
N PRO E 154 -16.77 23.68 19.07
CA PRO E 154 -15.82 24.22 18.10
C PRO E 154 -15.97 23.45 16.80
N GLU E 155 -15.06 23.62 15.85
CA GLU E 155 -15.10 22.76 14.67
C GLU E 155 -14.36 21.45 14.97
N PRO E 156 -14.69 20.38 14.22
CA PRO E 156 -15.52 20.43 13.02
C PRO E 156 -16.91 19.81 13.09
N VAL E 157 -17.64 20.04 12.01
CA VAL E 157 -18.90 19.39 11.75
C VAL E 157 -18.78 18.75 10.37
N THR E 158 -19.36 17.57 10.22
CA THR E 158 -19.33 16.88 8.94
C THR E 158 -20.73 16.84 8.35
N VAL E 159 -20.80 16.92 7.03
CA VAL E 159 -22.08 16.94 6.35
C VAL E 159 -22.05 16.03 5.14
N SER E 160 -23.09 15.22 5.00
CA SER E 160 -23.24 14.35 3.84
C SER E 160 -24.65 14.48 3.30
N TRP E 161 -24.87 13.96 2.10
CA TRP E 161 -26.18 13.98 1.49
C TRP E 161 -26.63 12.57 1.13
N ASN E 162 -27.82 12.20 1.61
CA ASN E 162 -28.37 10.88 1.35
C ASN E 162 -27.41 9.75 1.75
N SER E 163 -26.84 9.87 2.94
CA SER E 163 -25.99 8.83 3.54
C SER E 163 -24.69 8.56 2.77
N GLY E 164 -24.16 9.57 2.11
CA GLY E 164 -22.94 9.42 1.34
C GLY E 164 -23.17 8.90 -0.06
N ALA E 165 -24.44 8.79 -0.44
CA ALA E 165 -24.82 8.43 -1.81
C ALA E 165 -24.48 9.53 -2.80
N LEU E 166 -24.78 10.77 -2.42
CA LEU E 166 -24.52 11.95 -3.24
C LEU E 166 -23.11 12.51 -3.15
N THR E 167 -22.46 12.64 -4.31
CA THR E 167 -21.12 13.19 -4.38
C THR E 167 -21.06 14.31 -5.41
N SER E 168 -21.65 14.09 -6.59
CA SER E 168 -21.62 15.07 -7.66
C SER E 168 -22.41 16.33 -7.27
N GLY E 169 -21.79 17.49 -7.46
CA GLY E 169 -22.45 18.76 -7.22
C GLY E 169 -22.39 19.22 -5.78
N VAL E 170 -21.92 18.34 -4.89
CA VAL E 170 -21.83 18.69 -3.48
C VAL E 170 -20.69 19.68 -3.23
N HIS E 171 -21.05 20.65 -2.41
CA HIS E 171 -20.22 21.78 -2.02
C HIS E 171 -20.39 22.16 -0.55
N THR E 172 -19.49 21.63 0.29
CA THR E 172 -19.50 21.98 1.70
C THR E 172 -18.42 23.01 2.03
N PHE E 173 -18.87 24.24 2.28
CA PHE E 173 -17.96 25.35 2.50
C PHE E 173 -17.28 25.26 3.85
N PRO E 174 -16.08 25.83 3.96
CA PRO E 174 -15.41 25.95 5.26
C PRO E 174 -16.19 26.88 6.19
N ALA E 175 -16.11 26.61 7.49
CA ALA E 175 -16.84 27.39 8.48
C ALA E 175 -16.32 28.83 8.56
N VAL E 176 -17.21 29.73 8.94
CA VAL E 176 -16.84 31.13 9.13
C VAL E 176 -17.11 31.51 10.58
N LEU E 177 -16.08 32.01 11.26
CA LEU E 177 -16.21 32.44 12.64
C LEU E 177 -16.95 33.78 12.74
N GLN E 178 -18.11 33.76 13.41
CA GLN E 178 -18.96 34.92 13.52
C GLN E 178 -18.45 35.86 14.62
N SER E 179 -19.11 37.00 14.80
CA SER E 179 -18.71 37.93 15.86
C SER E 179 -18.88 37.27 17.22
N SER E 180 -19.90 36.42 17.34
CA SER E 180 -20.06 35.58 18.51
C SER E 180 -19.08 34.43 18.36
N GLY E 181 -18.74 33.77 19.46
CA GLY E 181 -17.75 32.70 19.43
C GLY E 181 -18.14 31.44 18.67
N LEU E 182 -19.28 31.48 17.99
CA LEU E 182 -19.78 30.33 17.25
C LEU E 182 -19.43 30.33 15.76
N TYR E 183 -19.11 29.15 15.24
CA TYR E 183 -18.88 28.96 13.82
C TYR E 183 -20.20 28.81 13.05
N SER E 184 -20.14 29.05 11.74
CA SER E 184 -21.29 28.85 10.88
C SER E 184 -20.84 28.31 9.53
N LEU E 185 -21.62 27.40 8.97
CA LEU E 185 -21.19 26.66 7.79
C LEU E 185 -22.36 26.41 6.85
N SER E 186 -22.06 26.15 5.58
CA SER E 186 -23.09 25.83 4.61
C SER E 186 -22.69 24.64 3.75
N SER E 187 -23.69 23.90 3.27
CA SER E 187 -23.47 22.76 2.40
C SER E 187 -24.57 22.68 1.36
N VAL E 188 -24.20 22.85 0.10
CA VAL E 188 -25.16 22.88 -0.99
C VAL E 188 -24.88 21.80 -2.02
N VAL E 189 -25.83 21.59 -2.93
CA VAL E 189 -25.67 20.63 -4.01
C VAL E 189 -26.52 21.07 -5.20
N THR E 190 -26.00 20.87 -6.40
CA THR E 190 -26.76 21.18 -7.60
C THR E 190 -27.48 19.96 -8.15
N VAL E 191 -28.74 20.16 -8.53
CA VAL E 191 -29.56 19.08 -9.04
C VAL E 191 -30.37 19.61 -10.22
N PRO E 192 -30.81 18.70 -11.10
CA PRO E 192 -31.72 19.11 -12.17
C PRO E 192 -33.06 19.59 -11.63
N SER E 193 -33.66 20.58 -12.29
CA SER E 193 -35.00 21.05 -11.95
C SER E 193 -35.91 19.87 -12.18
N SER E 194 -35.46 18.99 -13.06
CA SER E 194 -36.08 17.73 -13.39
C SER E 194 -36.18 16.78 -12.20
N SER E 195 -35.54 17.10 -11.08
CA SER E 195 -35.47 16.13 -9.99
C SER E 195 -36.74 16.17 -9.16
N LEU E 196 -36.90 17.21 -8.34
CA LEU E 196 -38.02 17.25 -7.39
C LEU E 196 -39.31 17.88 -7.96
N GLY E 197 -40.46 17.31 -7.59
CA GLY E 197 -40.58 16.40 -6.48
C GLY E 197 -40.53 14.88 -6.60
N THR E 198 -39.49 14.31 -7.19
CA THR E 198 -39.41 12.84 -7.33
C THR E 198 -38.23 12.11 -6.67
N GLN E 199 -37.27 12.86 -6.13
CA GLN E 199 -36.12 12.33 -5.37
C GLN E 199 -36.12 12.96 -3.97
N THR E 200 -35.69 12.27 -2.93
CA THR E 200 -35.57 12.99 -1.68
C THR E 200 -34.12 13.40 -1.35
N TYR E 201 -33.97 14.55 -0.70
CA TYR E 201 -32.62 15.08 -0.42
C TYR E 201 -32.36 15.45 1.06
N ILE E 202 -31.54 14.65 1.77
CA ILE E 202 -31.21 14.93 3.19
C ILE E 202 -29.73 15.35 3.42
N CYS E 203 -29.51 16.48 4.10
CA CYS E 203 -28.17 16.72 4.64
C CYS E 203 -28.06 15.97 5.99
N ASN E 204 -27.08 15.08 6.12
CA ASN E 204 -26.89 14.35 7.35
C ASN E 204 -25.85 15.08 8.15
N VAL E 205 -26.29 16.14 8.81
CA VAL E 205 -25.40 16.96 9.60
C VAL E 205 -24.95 16.15 10.80
N ASN E 206 -23.68 16.29 11.15
CA ASN E 206 -23.06 15.50 12.18
C ASN E 206 -21.97 16.29 12.94
N HIS E 207 -22.11 16.43 14.25
CA HIS E 207 -21.16 17.19 15.07
C HIS E 207 -20.64 16.35 16.23
N LYS E 208 -19.53 15.66 16.01
CA LYS E 208 -18.94 14.76 16.98
C LYS E 208 -18.43 15.39 18.30
N PRO E 209 -17.82 16.60 18.26
CA PRO E 209 -17.33 17.19 19.52
C PRO E 209 -18.34 17.27 20.68
N SER E 210 -19.63 17.47 20.43
CA SER E 210 -20.64 17.26 21.49
C SER E 210 -21.79 16.34 21.13
N ASN E 211 -21.52 15.39 20.26
CA ASN E 211 -22.45 14.29 20.02
C ASN E 211 -23.87 14.74 19.62
N THR E 212 -23.94 15.70 18.70
CA THR E 212 -25.21 16.24 18.22
C THR E 212 -25.40 15.90 16.75
N LYS E 213 -26.49 15.22 16.40
CA LYS E 213 -26.71 14.85 15.00
C LYS E 213 -28.14 15.16 14.51
N VAL E 214 -28.27 15.61 13.26
CA VAL E 214 -29.58 15.96 12.70
C VAL E 214 -29.63 15.56 11.20
N ASP E 215 -30.79 15.08 10.73
CA ASP E 215 -30.96 14.79 9.31
C ASP E 215 -32.25 15.38 8.76
N LYS E 216 -32.32 16.70 8.67
CA LYS E 216 -33.53 17.33 8.13
C LYS E 216 -33.65 17.13 6.59
N LYS E 217 -34.87 16.90 6.08
CA LYS E 217 -35.15 16.77 4.63
C LYS E 217 -35.38 18.12 4.04
N VAL E 218 -34.90 18.29 2.82
CA VAL E 218 -35.03 19.57 2.12
C VAL E 218 -35.95 19.56 0.90
N GLU E 219 -36.99 20.39 0.91
CA GLU E 219 -37.74 20.73 -0.31
C GLU E 219 -38.62 21.97 -0.12
N PRO E 220 -39.02 22.63 -1.24
CA PRO E 220 -39.74 23.91 -1.16
C PRO E 220 -41.23 23.82 -0.88
N LYS E 221 -41.90 22.77 -1.35
CA LYS E 221 -43.35 22.62 -1.17
C LYS E 221 -44.13 23.87 -1.57
N ASP F 3 17.71 22.97 13.19
CA ASP F 3 18.92 23.68 12.78
C ASP F 3 19.10 23.63 11.26
N ILE F 4 18.79 22.50 10.65
CA ILE F 4 18.79 22.40 9.19
C ILE F 4 17.56 23.09 8.64
N GLN F 5 17.77 24.02 7.72
CA GLN F 5 16.67 24.83 7.24
C GLN F 5 16.34 24.50 5.80
N MET F 6 15.09 24.10 5.58
CA MET F 6 14.60 23.75 4.26
C MET F 6 13.89 24.94 3.62
N ILE F 7 14.31 25.32 2.42
CA ILE F 7 13.75 26.50 1.78
C ILE F 7 13.14 26.11 0.44
N GLN F 8 11.80 26.15 0.36
CA GLN F 8 11.11 25.83 -0.88
C GLN F 8 10.84 27.05 -1.74
N SER F 9 10.69 26.81 -3.04
CA SER F 9 10.41 27.86 -4.01
C SER F 9 9.76 27.27 -5.25
N PRO F 10 8.73 27.93 -5.78
CA PRO F 10 8.02 29.10 -5.22
C PRO F 10 7.08 28.71 -4.09
N SER F 11 6.59 29.69 -3.32
CA SER F 11 5.60 29.40 -2.29
C SER F 11 4.25 29.01 -2.89
N SER F 12 3.96 29.51 -4.08
CA SER F 12 2.75 29.11 -4.81
C SER F 12 2.90 29.38 -6.31
N LEU F 13 2.13 28.66 -7.12
CA LEU F 13 2.15 28.87 -8.56
C LEU F 13 0.85 28.46 -9.25
N SER F 14 0.59 29.07 -10.40
CA SER F 14 -0.54 28.68 -11.23
C SER F 14 -0.01 28.14 -12.55
N ALA F 15 -0.63 27.06 -13.03
CA ALA F 15 -0.19 26.42 -14.26
C ALA F 15 -1.35 25.75 -14.96
N SER F 16 -1.34 25.80 -16.29
CA SER F 16 -2.40 25.16 -17.07
C SER F 16 -2.17 23.65 -17.16
N VAL F 17 -3.24 22.92 -17.38
CA VAL F 17 -3.18 21.46 -17.51
C VAL F 17 -2.23 21.07 -18.64
N GLY F 18 -1.34 20.12 -18.35
CA GLY F 18 -0.35 19.66 -19.31
C GLY F 18 1.00 20.32 -19.19
N ASP F 19 1.10 21.32 -18.30
CA ASP F 19 2.36 22.03 -18.10
C ASP F 19 3.38 21.24 -17.29
N ARG F 20 4.65 21.62 -17.44
CA ARG F 20 5.72 21.15 -16.56
C ARG F 20 5.94 22.11 -15.40
N VAL F 21 5.38 21.78 -14.25
CA VAL F 21 5.63 22.52 -13.02
C VAL F 21 6.94 22.04 -12.39
N THR F 22 7.71 22.95 -11.83
CA THR F 22 8.94 22.60 -11.11
C THR F 22 9.03 23.29 -9.75
N ILE F 23 9.29 22.49 -8.71
CA ILE F 23 9.41 23.03 -7.37
C ILE F 23 10.79 22.70 -6.81
N THR F 24 11.52 23.74 -6.43
CA THR F 24 12.88 23.53 -5.90
C THR F 24 12.90 23.58 -4.38
N CYS F 25 13.94 23.01 -3.80
CA CYS F 25 14.06 22.92 -2.35
C CYS F 25 15.53 22.99 -1.96
N GLN F 26 15.93 24.12 -1.39
CA GLN F 26 17.29 24.32 -0.93
C GLN F 26 17.44 23.88 0.53
N ALA F 27 18.50 23.16 0.83
CA ALA F 27 18.80 22.79 2.22
C ALA F 27 20.02 23.55 2.72
N SER F 28 19.96 23.99 3.98
CA SER F 28 21.03 24.79 4.57
C SER F 28 22.32 23.99 4.77
N GLN F 29 22.18 22.68 4.93
CA GLN F 29 23.35 21.81 5.09
C GLN F 29 23.26 20.62 4.13
N ASP F 30 24.40 19.98 3.86
CA ASP F 30 24.44 18.83 2.97
C ASP F 30 23.75 17.62 3.60
N ILE F 31 22.68 17.17 2.96
CA ILE F 31 21.90 16.03 3.47
C ILE F 31 21.95 14.84 2.53
N SER F 32 22.91 14.85 1.60
CA SER F 32 23.04 13.79 0.60
C SER F 32 21.74 13.65 -0.19
N ASN F 33 21.15 12.46 -0.16
CA ASN F 33 19.84 12.27 -0.78
C ASN F 33 18.77 11.89 0.24
N TYR F 34 19.02 12.20 1.50
CA TYR F 34 18.06 11.91 2.56
C TYR F 34 16.94 12.94 2.58
N LEU F 35 16.05 12.85 1.59
CA LEU F 35 15.00 13.85 1.41
C LEU F 35 13.72 13.23 0.85
N ASN F 36 12.59 13.67 1.40
CA ASN F 36 11.28 13.18 0.98
C ASN F 36 10.40 14.32 0.50
N TRP F 37 9.65 14.09 -0.58
CA TRP F 37 8.62 15.02 -1.00
C TRP F 37 7.25 14.49 -0.60
N TYR F 38 6.35 15.40 -0.21
CA TYR F 38 5.00 15.00 0.14
C TYR F 38 3.97 15.80 -0.64
N GLN F 39 2.78 15.22 -0.79
CA GLN F 39 1.66 15.91 -1.39
C GLN F 39 0.56 15.96 -0.34
N GLN F 40 0.03 17.16 -0.09
CA GLN F 40 -1.07 17.30 0.84
C GLN F 40 -2.29 17.95 0.21
N LYS F 41 -3.38 17.18 0.10
CA LYS F 41 -4.66 17.78 -0.26
C LYS F 41 -5.29 18.38 0.97
N PRO F 42 -6.11 19.42 0.77
CA PRO F 42 -6.74 20.12 1.91
C PRO F 42 -7.63 19.16 2.67
N GLY F 43 -7.59 19.22 3.99
CA GLY F 43 -8.45 18.37 4.81
C GLY F 43 -7.91 16.97 4.99
N ARG F 44 -6.82 16.64 4.31
CA ARG F 44 -6.27 15.29 4.38
C ARG F 44 -4.82 15.33 4.82
N ALA F 45 -4.32 14.19 5.30
CA ALA F 45 -2.91 14.07 5.67
C ALA F 45 -2.04 14.03 4.43
N PRO F 46 -0.79 14.51 4.56
CA PRO F 46 0.12 14.41 3.41
C PRO F 46 0.49 12.95 3.12
N LYS F 47 0.82 12.65 1.87
CA LYS F 47 1.31 11.33 1.52
C LYS F 47 2.65 11.45 0.79
N VAL F 48 3.51 10.46 0.98
CA VAL F 48 4.83 10.47 0.36
C VAL F 48 4.73 10.37 -1.15
N LEU F 49 5.51 11.20 -1.84
CA LEU F 49 5.60 11.15 -3.29
C LEU F 49 6.91 10.50 -3.69
N ILE F 50 7.98 10.93 -3.03
CA ILE F 50 9.32 10.51 -3.39
C ILE F 50 10.21 10.24 -2.17
N TYR F 51 10.91 9.11 -2.21
CA TYR F 51 11.94 8.78 -1.24
C TYR F 51 13.30 8.98 -1.91
N ASP F 52 14.32 9.25 -1.12
CA ASP F 52 15.70 9.30 -1.61
C ASP F 52 15.87 10.33 -2.72
N ALA F 53 15.05 11.39 -2.67
CA ALA F 53 15.13 12.53 -3.60
C ALA F 53 14.67 12.20 -5.02
N SER F 54 14.76 10.94 -5.43
CA SER F 54 14.40 10.58 -6.80
C SER F 54 13.50 9.34 -6.96
N ASN F 55 13.31 8.56 -5.89
CA ASN F 55 12.55 7.31 -6.00
C ASN F 55 11.06 7.50 -5.74
N LEU F 56 10.21 7.12 -6.70
CA LEU F 56 8.76 7.18 -6.50
C LEU F 56 8.29 6.18 -5.46
N GLU F 57 7.32 6.62 -4.66
CA GLU F 57 6.62 5.74 -3.73
C GLU F 57 5.64 4.88 -4.53
N THR F 58 5.39 3.66 -4.04
CA THR F 58 4.43 2.76 -4.67
C THR F 58 3.10 3.44 -4.92
N GLY F 59 2.73 3.60 -6.18
CA GLY F 59 1.43 4.14 -6.52
C GLY F 59 1.46 5.51 -7.15
N VAL F 60 2.55 6.23 -6.94
CA VAL F 60 2.69 7.57 -7.48
C VAL F 60 2.88 7.54 -8.99
N PRO F 61 2.11 8.35 -9.72
CA PRO F 61 2.22 8.41 -11.18
C PRO F 61 3.62 8.82 -11.62
N SER F 62 4.06 8.34 -12.77
CA SER F 62 5.40 8.65 -13.26
C SER F 62 5.48 10.06 -13.83
N ARG F 63 4.37 10.80 -13.77
CA ARG F 63 4.39 12.22 -14.10
C ARG F 63 5.25 12.98 -13.10
N PHE F 64 5.38 12.44 -11.90
CA PHE F 64 6.24 13.02 -10.87
C PHE F 64 7.66 12.51 -11.02
N SER F 65 8.62 13.39 -10.76
CA SER F 65 10.02 12.98 -10.72
C SER F 65 10.80 13.93 -9.84
N GLY F 66 11.64 13.38 -8.97
CA GLY F 66 12.52 14.18 -8.14
C GLY F 66 13.96 14.03 -8.55
N SER F 67 14.76 15.04 -8.25
CA SER F 67 16.18 15.00 -8.55
C SER F 67 16.96 15.89 -7.60
N GLY F 68 18.29 15.80 -7.67
CA GLY F 68 19.15 16.60 -6.83
C GLY F 68 19.83 15.79 -5.75
N SER F 69 20.93 16.34 -5.24
CA SER F 69 21.70 15.70 -4.17
C SER F 69 22.51 16.77 -3.44
N GLY F 70 22.75 16.56 -2.15
CA GLY F 70 23.56 17.49 -1.40
C GLY F 70 22.75 18.61 -0.78
N THR F 71 22.57 19.70 -1.52
CA THR F 71 21.93 20.88 -0.97
C THR F 71 20.80 21.45 -1.83
N GLU F 72 20.64 20.93 -3.03
CA GLU F 72 19.55 21.40 -3.89
C GLU F 72 18.77 20.27 -4.52
N PHE F 73 17.45 20.42 -4.48
CA PHE F 73 16.53 19.37 -4.90
C PHE F 73 15.39 19.97 -5.70
N THR F 74 14.84 19.19 -6.62
CA THR F 74 13.68 19.64 -7.36
C THR F 74 12.62 18.57 -7.44
N LEU F 75 11.37 19.01 -7.57
CA LEU F 75 10.24 18.11 -7.73
C LEU F 75 9.52 18.53 -8.99
N THR F 76 9.65 17.72 -10.03
CA THR F 76 8.98 18.01 -11.29
C THR F 76 7.64 17.29 -11.43
N ILE F 77 6.67 18.02 -11.96
CA ILE F 77 5.36 17.46 -12.26
C ILE F 77 5.09 17.70 -13.73
N SER F 78 5.43 16.71 -14.56
CA SER F 78 5.17 16.80 -15.98
C SER F 78 3.69 16.55 -16.23
N ASN F 79 3.17 17.09 -17.32
CA ASN F 79 1.78 16.86 -17.72
C ASN F 79 0.79 17.13 -16.58
N LEU F 80 0.75 18.37 -16.12
CA LEU F 80 -0.02 18.72 -14.93
C LEU F 80 -1.48 18.33 -15.11
N ARG F 81 -2.06 17.71 -14.07
CA ARG F 81 -3.45 17.29 -14.11
C ARG F 81 -4.21 17.98 -12.99
N PRO F 82 -5.55 18.11 -13.13
CA PRO F 82 -6.34 18.83 -12.12
C PRO F 82 -6.21 18.29 -10.70
N ASP F 83 -5.98 16.99 -10.55
CA ASP F 83 -5.88 16.37 -9.24
C ASP F 83 -4.53 16.67 -8.57
N ASP F 84 -3.63 17.29 -9.32
CA ASP F 84 -2.32 17.67 -8.79
C ASP F 84 -2.43 18.88 -7.88
N PHE F 85 -3.62 19.46 -7.79
CA PHE F 85 -3.87 20.57 -6.89
C PHE F 85 -3.68 20.16 -5.45
N ALA F 86 -2.62 20.68 -4.83
CA ALA F 86 -2.27 20.31 -3.47
C ALA F 86 -1.15 21.22 -2.97
N THR F 87 -0.76 21.02 -1.72
CA THR F 87 0.42 21.67 -1.19
C THR F 87 1.56 20.65 -1.16
N TYR F 88 2.74 21.05 -1.60
CA TYR F 88 3.85 20.11 -1.63
C TYR F 88 4.95 20.50 -0.64
N TYR F 89 5.42 19.50 0.09
CA TYR F 89 6.43 19.71 1.12
C TYR F 89 7.65 18.84 0.87
N CYS F 90 8.84 19.43 1.02
CA CYS F 90 10.06 18.63 1.11
C CYS F 90 10.39 18.46 2.59
N GLN F 91 11.18 17.45 2.90
CA GLN F 91 11.56 17.20 4.28
C GLN F 91 12.89 16.45 4.37
N GLN F 92 13.81 16.97 5.17
CA GLN F 92 15.06 16.27 5.40
C GLN F 92 14.94 15.34 6.60
N GLY F 93 15.57 14.18 6.52
CA GLY F 93 15.53 13.21 7.60
C GLY F 93 16.94 12.81 7.98
N ASP F 94 17.87 13.71 7.68
CA ASP F 94 19.29 13.50 7.93
C ASP F 94 19.65 13.56 9.41
N SER F 95 19.05 14.50 10.13
CA SER F 95 19.33 14.67 11.55
C SER F 95 18.26 15.48 12.28
N PHE F 96 18.21 15.28 13.59
CA PHE F 96 17.22 15.96 14.44
C PHE F 96 17.58 17.43 14.62
N PRO F 97 16.55 18.30 14.74
CA PRO F 97 15.13 18.00 14.54
C PRO F 97 14.79 17.81 13.06
N LEU F 98 13.79 16.98 12.78
CA LEU F 98 13.33 16.80 11.41
C LEU F 98 12.64 18.08 10.94
N THR F 99 13.03 18.57 9.77
CA THR F 99 12.49 19.85 9.29
C THR F 99 11.84 19.74 7.92
N PHE F 100 10.72 20.45 7.76
CA PHE F 100 10.00 20.52 6.50
C PHE F 100 10.23 21.86 5.82
N GLY F 101 9.97 21.92 4.51
CA GLY F 101 10.04 23.18 3.80
C GLY F 101 8.75 23.95 4.05
N GLY F 102 8.69 25.18 3.57
CA GLY F 102 7.55 26.04 3.85
C GLY F 102 6.30 25.66 3.10
N GLY F 103 6.47 24.83 2.07
CA GLY F 103 5.35 24.35 1.29
C GLY F 103 5.17 25.12 0.00
N THR F 104 4.72 24.42 -1.04
CA THR F 104 4.37 25.05 -2.30
C THR F 104 2.92 24.77 -2.63
N LYS F 105 2.11 25.82 -2.71
CA LYS F 105 0.69 25.65 -3.00
C LYS F 105 0.48 25.73 -4.50
N VAL F 106 0.18 24.58 -5.11
CA VAL F 106 -0.05 24.49 -6.54
C VAL F 106 -1.51 24.65 -6.93
N GLU F 107 -1.77 25.49 -7.91
CA GLU F 107 -3.14 25.69 -8.36
C GLU F 107 -3.21 25.52 -9.87
N ILE F 108 -4.28 24.90 -10.34
CA ILE F 108 -4.46 24.66 -11.76
C ILE F 108 -5.15 25.83 -12.44
N LYS F 109 -4.50 26.40 -13.45
CA LYS F 109 -5.12 27.46 -14.22
C LYS F 109 -6.01 26.81 -15.29
N ARG F 110 -7.15 27.43 -15.54
CA ARG F 110 -8.18 26.86 -16.39
C ARG F 110 -8.85 28.01 -17.13
N ALA F 111 -9.63 27.72 -18.15
CA ALA F 111 -10.37 28.77 -18.85
C ALA F 111 -11.31 29.48 -17.88
N ALA F 112 -11.51 30.78 -18.10
CA ALA F 112 -12.34 31.58 -17.23
C ALA F 112 -13.78 31.09 -17.25
N ALA F 113 -14.42 31.11 -16.09
CA ALA F 113 -15.79 30.60 -15.98
C ALA F 113 -16.63 31.40 -15.01
N ALA F 114 -17.73 31.95 -15.52
CA ALA F 114 -18.66 32.74 -14.72
C ALA F 114 -19.47 31.85 -13.78
N PRO F 115 -19.73 32.33 -12.55
CA PRO F 115 -20.51 31.65 -11.52
C PRO F 115 -22.01 31.50 -11.85
N SER F 116 -22.61 30.44 -11.35
CA SER F 116 -24.06 30.32 -11.36
C SER F 116 -24.62 30.76 -10.02
N VAL F 117 -25.29 31.91 -10.03
CA VAL F 117 -25.79 32.50 -8.79
C VAL F 117 -27.11 31.90 -8.34
N PHE F 118 -27.20 31.60 -7.05
CA PHE F 118 -28.41 31.08 -6.44
C PHE F 118 -28.62 31.79 -5.11
N ILE F 119 -29.86 32.14 -4.81
CA ILE F 119 -30.15 32.81 -3.54
C ILE F 119 -31.07 31.96 -2.67
N PHE F 120 -30.84 31.99 -1.36
CA PHE F 120 -31.62 31.18 -0.45
C PHE F 120 -32.15 32.00 0.72
N PRO F 121 -33.46 32.27 0.74
CA PRO F 121 -34.15 32.96 1.82
C PRO F 121 -34.09 32.17 3.12
N PRO F 122 -34.14 32.86 4.27
CA PRO F 122 -34.14 32.17 5.57
C PRO F 122 -35.36 31.27 5.73
N SER F 123 -35.19 30.11 6.38
CA SER F 123 -36.31 29.24 6.66
C SER F 123 -37.12 29.86 7.79
N ASP F 124 -38.42 29.54 7.84
CA ASP F 124 -39.27 30.08 8.90
C ASP F 124 -38.96 29.45 10.25
N GLU F 125 -38.36 28.26 10.25
CA GLU F 125 -37.96 27.63 11.48
C GLU F 125 -36.76 28.39 12.05
N GLN F 126 -35.99 29.01 11.17
CA GLN F 126 -34.91 29.89 11.60
C GLN F 126 -35.49 31.20 12.13
N LEU F 127 -36.58 31.64 11.52
CA LEU F 127 -37.21 32.90 11.88
C LEU F 127 -37.87 32.92 13.26
N LYS F 128 -38.57 31.85 13.64
CA LYS F 128 -39.22 31.85 14.96
C LYS F 128 -38.17 31.76 16.07
N SER F 129 -36.91 31.61 15.68
CA SER F 129 -35.81 31.64 16.64
C SER F 129 -35.32 33.07 16.81
N GLY F 130 -35.76 33.95 15.91
CA GLY F 130 -35.50 35.37 16.04
C GLY F 130 -34.42 35.96 15.15
N THR F 131 -33.59 35.11 14.54
CA THR F 131 -32.59 35.57 13.59
C THR F 131 -32.95 35.16 12.17
N ALA F 132 -32.25 35.71 11.19
CA ALA F 132 -32.49 35.36 9.79
C ALA F 132 -31.20 35.41 8.97
N SER F 133 -31.07 34.48 8.03
CA SER F 133 -29.90 34.41 7.18
C SER F 133 -30.28 34.21 5.72
N VAL F 134 -29.76 35.08 4.86
CA VAL F 134 -29.95 34.92 3.43
C VAL F 134 -28.64 34.47 2.82
N VAL F 135 -28.62 33.24 2.31
CA VAL F 135 -27.41 32.66 1.72
C VAL F 135 -27.38 32.86 0.22
N CYS F 136 -26.24 33.30 -0.28
CA CYS F 136 -26.03 33.46 -1.72
C CYS F 136 -24.98 32.47 -2.20
N LEU F 137 -25.36 31.61 -3.14
CA LEU F 137 -24.44 30.61 -3.68
C LEU F 137 -23.87 31.01 -5.04
N LEU F 138 -22.55 30.97 -5.15
CA LEU F 138 -21.87 31.17 -6.42
C LEU F 138 -21.27 29.85 -6.87
N ASN F 139 -21.67 29.37 -8.06
CA ASN F 139 -21.33 27.99 -8.46
C ASN F 139 -20.29 27.86 -9.58
N ASN F 140 -19.26 27.07 -9.25
CA ASN F 140 -18.11 26.56 -10.08
C ASN F 140 -17.57 27.64 -10.98
N PHE F 141 -16.80 28.55 -10.39
CA PHE F 141 -16.25 29.64 -11.17
C PHE F 141 -14.74 29.64 -11.14
N TYR F 142 -14.16 30.24 -12.16
CA TYR F 142 -12.72 30.48 -12.22
C TYR F 142 -12.46 31.79 -12.99
N PRO F 143 -11.53 32.62 -12.50
CA PRO F 143 -10.67 32.41 -11.33
C PRO F 143 -11.38 32.59 -9.99
N ARG F 144 -10.62 32.44 -8.91
CA ARG F 144 -11.16 32.40 -7.55
C ARG F 144 -11.75 33.74 -7.11
N GLU F 145 -11.29 34.82 -7.72
CA GLU F 145 -11.71 36.14 -7.28
C GLU F 145 -13.13 36.43 -7.70
N ALA F 146 -14.00 36.61 -6.71
CA ALA F 146 -15.38 36.97 -6.99
C ALA F 146 -15.88 37.91 -5.92
N LYS F 147 -16.64 38.92 -6.35
CA LYS F 147 -17.17 39.91 -5.43
C LYS F 147 -18.67 39.76 -5.30
N VAL F 148 -19.17 39.88 -4.08
CA VAL F 148 -20.60 39.79 -3.85
C VAL F 148 -21.05 40.99 -3.01
N GLN F 149 -22.09 41.65 -3.47
CA GLN F 149 -22.58 42.86 -2.82
C GLN F 149 -24.06 42.73 -2.58
N TRP F 150 -24.47 42.90 -1.33
CA TRP F 150 -25.87 42.84 -0.97
C TRP F 150 -26.57 44.15 -1.21
N LYS F 151 -27.86 44.05 -1.55
CA LYS F 151 -28.67 45.23 -1.77
C LYS F 151 -30.05 44.96 -1.17
N VAL F 152 -30.26 45.42 0.06
CA VAL F 152 -31.58 45.33 0.66
C VAL F 152 -32.39 46.54 0.26
N ASP F 153 -33.53 46.30 -0.40
CA ASP F 153 -34.36 47.36 -0.96
C ASP F 153 -33.54 48.43 -1.68
N ASN F 154 -32.53 47.97 -2.44
CA ASN F 154 -31.67 48.82 -3.25
C ASN F 154 -30.65 49.63 -2.41
N ALA F 155 -30.34 49.13 -1.22
CA ALA F 155 -29.36 49.77 -0.34
C ALA F 155 -28.15 48.88 -0.08
N LEU F 156 -26.98 49.33 -0.54
CA LEU F 156 -25.72 48.60 -0.38
C LEU F 156 -25.37 48.25 1.06
N GLN F 157 -25.37 46.96 1.37
CA GLN F 157 -25.03 46.49 2.72
C GLN F 157 -23.52 46.39 2.91
N SER F 158 -23.10 46.45 4.17
CA SER F 158 -21.69 46.22 4.52
C SER F 158 -21.55 45.89 6.01
N GLY F 159 -20.64 44.98 6.33
CA GLY F 159 -20.35 44.65 7.72
C GLY F 159 -21.24 43.60 8.35
N ASN F 160 -22.25 43.16 7.62
CA ASN F 160 -23.18 42.16 8.15
C ASN F 160 -23.26 40.93 7.25
N SER F 161 -22.15 40.59 6.62
CA SER F 161 -22.09 39.41 5.75
C SER F 161 -20.68 38.83 5.72
N GLN F 162 -20.60 37.50 5.58
CA GLN F 162 -19.32 36.81 5.51
C GLN F 162 -19.23 35.85 4.32
N GLU F 163 -18.13 35.92 3.58
CA GLU F 163 -17.87 35.00 2.48
C GLU F 163 -17.18 33.72 2.95
N SER F 164 -17.28 32.68 2.13
CA SER F 164 -16.60 31.41 2.37
C SER F 164 -16.36 30.71 1.04
N VAL F 165 -15.10 30.48 0.70
CA VAL F 165 -14.75 29.88 -0.58
C VAL F 165 -14.29 28.44 -0.42
N THR F 166 -14.77 27.56 -1.29
CA THR F 166 -14.31 26.17 -1.30
C THR F 166 -12.90 26.08 -1.86
N GLU F 167 -12.19 25.01 -1.49
CA GLU F 167 -10.88 24.73 -2.08
C GLU F 167 -11.08 24.40 -3.55
N GLN F 168 -10.03 24.55 -4.37
CA GLN F 168 -10.14 24.28 -5.79
C GLN F 168 -10.57 22.84 -6.03
N ASP F 169 -11.55 22.66 -6.90
CA ASP F 169 -12.07 21.32 -7.17
C ASP F 169 -10.99 20.51 -7.87
N SER F 170 -10.88 19.24 -7.53
CA SER F 170 -9.79 18.42 -8.07
C SER F 170 -10.14 17.81 -9.42
N LYS F 171 -11.39 17.98 -9.87
CA LYS F 171 -11.77 17.49 -11.20
C LYS F 171 -11.96 18.60 -12.26
N ASP F 172 -12.73 19.64 -11.94
CA ASP F 172 -12.93 20.69 -12.95
C ASP F 172 -12.19 21.99 -12.62
N SER F 173 -11.37 21.95 -11.56
CA SER F 173 -10.54 23.09 -11.17
C SER F 173 -11.31 24.41 -10.96
N THR F 174 -12.52 24.31 -10.41
CA THR F 174 -13.33 25.50 -10.19
C THR F 174 -13.42 25.83 -8.70
N TYR F 175 -13.76 27.08 -8.40
CA TYR F 175 -14.05 27.48 -7.04
C TYR F 175 -15.55 27.68 -6.84
N SER F 176 -15.98 27.70 -5.58
CA SER F 176 -17.35 28.05 -5.23
C SER F 176 -17.37 28.93 -3.99
N LEU F 177 -18.18 29.98 -4.03
CA LEU F 177 -18.25 30.94 -2.93
C LEU F 177 -19.62 30.92 -2.26
N SER F 178 -19.63 31.15 -0.94
CA SER F 178 -20.87 31.24 -0.19
C SER F 178 -20.88 32.44 0.73
N SER F 179 -21.62 33.47 0.35
CA SER F 179 -21.85 34.63 1.21
C SER F 179 -23.11 34.44 2.05
N THR F 180 -23.12 34.98 3.26
CA THR F 180 -24.27 34.85 4.14
C THR F 180 -24.57 36.15 4.88
N LEU F 181 -25.69 36.77 4.53
CA LEU F 181 -26.13 37.99 5.19
C LEU F 181 -27.00 37.65 6.40
N THR F 182 -26.47 37.86 7.60
CA THR F 182 -27.24 37.60 8.82
C THR F 182 -27.91 38.87 9.33
N LEU F 183 -29.18 38.75 9.71
CA LEU F 183 -29.95 39.87 10.26
C LEU F 183 -30.93 39.35 11.30
N SER F 184 -31.39 40.23 12.20
CA SER F 184 -32.42 39.85 13.17
C SER F 184 -33.76 39.73 12.46
N LYS F 185 -34.69 38.97 13.03
CA LYS F 185 -35.97 38.82 12.36
C LYS F 185 -36.67 40.16 12.30
N ALA F 186 -36.48 40.99 13.32
CA ALA F 186 -37.13 42.29 13.38
C ALA F 186 -36.71 43.19 12.21
N ASP F 187 -35.46 43.05 11.80
CA ASP F 187 -34.92 43.83 10.69
C ASP F 187 -35.29 43.20 9.34
N TYR F 188 -35.56 41.90 9.36
CA TYR F 188 -35.96 41.16 8.16
C TYR F 188 -37.38 41.54 7.71
N GLU F 189 -38.27 41.80 8.67
CA GLU F 189 -39.65 42.18 8.36
C GLU F 189 -39.74 43.58 7.81
N LYS F 190 -38.80 44.44 8.20
CA LYS F 190 -38.80 45.81 7.74
C LYS F 190 -38.72 45.97 6.23
N HIS F 191 -38.19 44.97 5.55
CA HIS F 191 -37.86 45.14 4.14
C HIS F 191 -38.46 44.09 3.22
N LYS F 192 -38.42 44.37 1.92
CA LYS F 192 -39.16 43.62 0.92
C LYS F 192 -38.22 42.86 -0.02
N LEU F 193 -37.45 43.62 -0.79
CA LEU F 193 -36.61 43.07 -1.84
C LEU F 193 -35.20 42.76 -1.32
N TYR F 194 -34.72 41.56 -1.64
CA TYR F 194 -33.42 41.10 -1.15
C TYR F 194 -32.51 40.67 -2.29
N ALA F 195 -31.69 41.61 -2.78
CA ALA F 195 -30.84 41.34 -3.94
C ALA F 195 -29.44 40.84 -3.59
N CYS F 196 -28.79 40.25 -4.59
CA CYS F 196 -27.45 39.70 -4.43
C CYS F 196 -26.62 39.96 -5.69
N GLU F 197 -25.91 41.09 -5.70
CA GLU F 197 -25.07 41.45 -6.84
C GLU F 197 -23.79 40.61 -6.87
N VAL F 198 -23.43 40.15 -8.06
CA VAL F 198 -22.26 39.29 -8.22
C VAL F 198 -21.39 39.77 -9.37
N THR F 199 -20.22 40.32 -9.03
CA THR F 199 -19.26 40.73 -10.03
C THR F 199 -18.19 39.65 -10.19
N HIS F 200 -17.89 39.32 -11.45
CA HIS F 200 -16.86 38.35 -11.75
C HIS F 200 -16.31 38.57 -13.16
N GLN F 201 -15.10 38.08 -13.40
CA GLN F 201 -14.42 38.24 -14.68
C GLN F 201 -15.17 37.58 -15.83
N GLY F 202 -15.87 36.50 -15.53
CA GLY F 202 -16.65 35.77 -16.53
C GLY F 202 -17.94 36.45 -16.96
N LEU F 203 -18.42 37.38 -16.14
CA LEU F 203 -19.66 38.10 -16.43
C LEU F 203 -19.41 39.46 -17.10
N SER F 204 -20.11 39.70 -18.21
CA SER F 204 -20.01 40.96 -18.92
C SER F 204 -20.65 42.10 -18.12
N SER F 205 -21.62 41.75 -17.29
CA SER F 205 -22.27 42.70 -16.39
C SER F 205 -22.47 42.02 -15.05
N PRO F 206 -22.64 42.81 -13.97
CA PRO F 206 -22.94 42.17 -12.68
C PRO F 206 -24.27 41.42 -12.75
N VAL F 207 -24.29 40.21 -12.22
CA VAL F 207 -25.53 39.43 -12.20
C VAL F 207 -26.16 39.56 -10.82
N THR F 208 -27.45 39.85 -10.77
CA THR F 208 -28.15 40.07 -9.51
C THR F 208 -29.26 39.05 -9.29
N LYS F 209 -29.31 38.47 -8.10
CA LYS F 209 -30.41 37.58 -7.74
C LYS F 209 -31.17 38.12 -6.54
N SER F 210 -32.50 37.99 -6.58
CA SER F 210 -33.33 38.56 -5.53
C SER F 210 -34.65 37.84 -5.37
N PHE F 211 -35.37 38.17 -4.29
CA PHE F 211 -36.68 37.59 -4.03
C PHE F 211 -37.53 38.51 -3.17
N ASN F 212 -38.84 38.29 -3.19
CA ASN F 212 -39.75 38.96 -2.27
C ASN F 212 -40.55 37.95 -1.46
N ARG F 213 -40.82 38.32 -0.22
CA ARG F 213 -41.58 37.53 0.73
C ARG F 213 -42.97 37.18 0.23
N GLY F 214 -43.42 35.96 0.53
CA GLY F 214 -44.73 35.47 0.15
C GLY F 214 -44.77 34.65 -1.11
N THR G 2 15.17 -3.31 -37.04
CA THR G 2 15.18 -4.58 -37.79
C THR G 2 16.34 -5.47 -37.37
N ARG G 3 17.26 -4.90 -36.59
CA ARG G 3 18.28 -5.69 -35.92
C ARG G 3 17.66 -6.61 -34.88
N GLU G 4 16.75 -6.03 -34.10
CA GLU G 4 16.16 -6.77 -33.00
C GLU G 4 15.18 -7.86 -33.44
N CYS G 5 14.46 -7.63 -34.53
CA CYS G 5 13.55 -8.65 -35.05
C CYS G 5 14.36 -9.84 -35.55
N LYS G 6 15.56 -9.56 -36.03
CA LYS G 6 16.49 -10.58 -36.46
C LYS G 6 16.85 -11.49 -35.27
N GLU G 7 17.29 -10.87 -34.17
CA GLU G 7 17.63 -11.63 -32.96
C GLU G 7 16.36 -12.08 -32.21
N ALA G 8 15.23 -11.41 -32.39
CA ALA G 8 14.03 -11.75 -31.63
C ALA G 8 13.60 -13.23 -31.73
N LEU G 9 13.45 -13.77 -32.95
CA LEU G 9 12.88 -15.12 -33.05
C LEU G 9 13.85 -16.27 -33.27
N ALA G 10 15.05 -15.96 -33.66
CA ALA G 10 16.08 -16.96 -33.65
C ALA G 10 16.47 -17.38 -32.23
N THR H 2 39.45 0.58 9.62
CA THR H 2 40.38 1.60 10.10
C THR H 2 40.87 2.46 8.95
N ARG H 3 40.60 2.02 7.72
CA ARG H 3 40.78 2.87 6.55
C ARG H 3 39.77 4.00 6.62
N GLU H 4 38.53 3.64 6.96
CA GLU H 4 37.43 4.58 6.94
C GLU H 4 37.60 5.67 8.00
N CYS H 5 38.23 5.33 9.12
CA CYS H 5 38.55 6.35 10.12
C CYS H 5 39.60 7.28 9.54
N LYS H 6 40.66 6.69 8.98
CA LYS H 6 41.69 7.44 8.29
C LYS H 6 41.13 8.29 7.16
N GLU H 7 40.13 7.76 6.44
CA GLU H 7 39.54 8.48 5.32
C GLU H 7 38.60 9.59 5.80
N ALA H 8 37.91 9.31 6.89
CA ALA H 8 37.03 10.25 7.56
C ALA H 8 37.75 11.49 8.04
N LEU H 9 38.94 11.29 8.60
CA LEU H 9 39.61 12.33 9.36
C LEU H 9 40.47 13.17 8.42
N ALA H 10 40.64 12.68 7.19
CA ALA H 10 41.19 13.48 6.10
C ALA H 10 40.26 14.63 5.75
N LYS H 11 39.03 14.27 5.38
CA LYS H 11 38.00 15.22 4.96
C LYS H 11 37.75 16.30 6.01
#